data_7UXN
# 
_entry.id   7UXN 
# 
_audit_conform.dict_name       mmcif_pdbx.dic 
_audit_conform.dict_version    5.398 
_audit_conform.dict_location   http://mmcif.pdb.org/dictionaries/ascii/mmcif_pdbx.dic 
# 
loop_
_database_2.database_id 
_database_2.database_code 
_database_2.pdbx_database_accession 
_database_2.pdbx_DOI 
PDB   7UXN         pdb_00007uxn 10.2210/pdb7uxn/pdb 
WWPDB D_1000265144 ?            ?                   
# 
loop_
_pdbx_audit_revision_history.ordinal 
_pdbx_audit_revision_history.data_content_type 
_pdbx_audit_revision_history.major_revision 
_pdbx_audit_revision_history.minor_revision 
_pdbx_audit_revision_history.revision_date 
1 'Structure model' 1 0 2022-12-28 
2 'Structure model' 1 1 2023-10-25 
3 'Structure model' 1 2 2024-11-06 
# 
_pdbx_audit_revision_details.ordinal             1 
_pdbx_audit_revision_details.revision_ordinal    1 
_pdbx_audit_revision_details.data_content_type   'Structure model' 
_pdbx_audit_revision_details.provider            repository 
_pdbx_audit_revision_details.type                'Initial release' 
_pdbx_audit_revision_details.description         ? 
_pdbx_audit_revision_details.details             ? 
# 
loop_
_pdbx_audit_revision_group.ordinal 
_pdbx_audit_revision_group.revision_ordinal 
_pdbx_audit_revision_group.data_content_type 
_pdbx_audit_revision_group.group 
1 2 'Structure model' 'Data collection'        
2 2 'Structure model' 'Refinement description' 
3 3 'Structure model' 'Structure summary'      
# 
loop_
_pdbx_audit_revision_category.ordinal 
_pdbx_audit_revision_category.revision_ordinal 
_pdbx_audit_revision_category.data_content_type 
_pdbx_audit_revision_category.category 
1 2 'Structure model' chem_comp_atom                
2 2 'Structure model' chem_comp_bond                
3 2 'Structure model' pdbx_initial_refinement_model 
4 3 'Structure model' pdbx_entry_details            
5 3 'Structure model' pdbx_modification_feature     
# 
_pdbx_audit_revision_item.ordinal             1 
_pdbx_audit_revision_item.revision_ordinal    3 
_pdbx_audit_revision_item.data_content_type   'Structure model' 
_pdbx_audit_revision_item.item                '_pdbx_entry_details.has_protein_modification' 
# 
_pdbx_database_status.status_code                     REL 
_pdbx_database_status.status_code_sf                  REL 
_pdbx_database_status.status_code_mr                  ? 
_pdbx_database_status.entry_id                        7UXN 
_pdbx_database_status.recvd_initial_deposition_date   2022-05-05 
_pdbx_database_status.SG_entry                        N 
_pdbx_database_status.deposit_site                    RCSB 
_pdbx_database_status.process_site                    RCSB 
_pdbx_database_status.status_code_cs                  ? 
_pdbx_database_status.status_code_nmr_data            ? 
_pdbx_database_status.methods_development_category    ? 
_pdbx_database_status.pdb_format_compatible           Y 
# 
loop_
_pdbx_database_related.db_name 
_pdbx_database_related.details 
_pdbx_database_related.db_id 
_pdbx_database_related.content_type 
PDB . 7UWI unspecified 
PDB . 7UWO unspecified 
# 
_pdbx_contact_author.id                 3 
_pdbx_contact_author.email              jmcgee@fogpharma.com 
_pdbx_contact_author.name_first         John 
_pdbx_contact_author.name_last          McGee 
_pdbx_contact_author.name_mi            H. 
_pdbx_contact_author.role               'principal investigator/group leader' 
_pdbx_contact_author.identifier_ORCID   0000-0002-3440-5247 
# 
loop_
_audit_author.name 
_audit_author.pdbx_ordinal 
_audit_author.identifier_ORCID 
'Li, K.'           1 0000-0002-9139-4257 
'Agarwal, S.'      2 0000-0001-9230-9694 
'Tokareva, O.'     3 ?                   
'Thomson, T.'      4 ?                   
'Tattersfield, H.' 5 ?                   
'Wahl, S.'         6 ?                   
'Verdine, G.'      7 ?                   
'McGee, J.'        8 0000-0002-3440-5247 
# 
_citation.abstract                  ? 
_citation.abstract_id_CAS           ? 
_citation.book_id_ISBN              ? 
_citation.book_publisher            ? 
_citation.book_publisher_city       ? 
_citation.book_title                ? 
_citation.coordinate_linkage        ? 
_citation.country                   US 
_citation.database_id_Medline       ? 
_citation.details                   ? 
_citation.id                        primary 
_citation.journal_abbrev            Proc.Natl.Acad.Sci.USA 
_citation.journal_id_ASTM           PNASA6 
_citation.journal_id_CSD            0040 
_citation.journal_id_ISSN           1091-6490 
_citation.journal_full              ? 
_citation.journal_issue             ? 
_citation.journal_volume            119 
_citation.language                  ? 
_citation.page_first                e2210435119 
_citation.page_last                 e2210435119 
_citation.title                     
'De novo mapping of alpha-helix recognition sites on protein surfaces using unbiased libraries.' 
_citation.year                      2022 
_citation.database_id_CSD           ? 
_citation.pdbx_database_id_DOI      10.1073/pnas.2210435119 
_citation.pdbx_database_id_PubMed   36534810 
_citation.pdbx_database_id_patent   ? 
_citation.unpublished_flag          ? 
# 
loop_
_citation_author.citation_id 
_citation_author.name 
_citation_author.ordinal 
_citation_author.identifier_ORCID 
primary 'Li, K.'           1  0000-0002-9139-4257 
primary 'Tokareva, O.S.'   2  0000-0002-5413-1650 
primary 'Thomson, T.M.'    3  0000-0002-9109-4596 
primary 'Wahl, S.C.T.'     4  0000-0002-4869-991X 
primary 'Travaline, T.L.'  5  0000-0002-7218-8650 
primary 'Ramirez, J.D.'    6  0000-0002-7912-9506 
primary 'Choudary, S.K.'   7  0000-0003-0876-1501 
primary 'Agarwal, S.'      8  0000-0001-9230-9694 
primary 'Walkup 4th, W.G.' 9  ?                   
primary 'Olsen, T.J.'      10 ?                   
primary 'Brennan, M.J.'    11 0000-0002-7290-4207 
primary 'Verdine, G.L.'    12 ?                   
primary 'McGee, J.H.'      13 0000-0002-3440-5247 
# 
loop_
_entity.id 
_entity.type 
_entity.src_method 
_entity.pdbx_description 
_entity.formula_weight 
_entity.pdbx_number_of_molecules 
_entity.pdbx_ec 
_entity.pdbx_mutation 
_entity.pdbx_fragment 
_entity.details 
1 polymer     man 'Peptidyl-prolyl cis-trans isomerase A' 18093.555 1   5.2.1.8 ? ? ?                 
2 polymer     syn FP29103                                 1342.569  1   ?       ? ? 'Stapled peptide' 
3 non-polymer syn "N,N'-(1,4-phenylene)diacetamide"       192.214   1   ?       ? ? ?                 
4 water       nat water                                   18.015    197 ?       ? ? ?                 
# 
_entity_name_com.entity_id   1 
_entity_name_com.name        'PPIase A,Cyclophilin A,Cyclosporin A-binding protein,Rotamase A' 
# 
loop_
_entity_poly.entity_id 
_entity_poly.type 
_entity_poly.nstd_linkage 
_entity_poly.nstd_monomer 
_entity_poly.pdbx_seq_one_letter_code 
_entity_poly.pdbx_seq_one_letter_code_can 
_entity_poly.pdbx_strand_id 
_entity_poly.pdbx_target_identifier 
1 'polypeptide(L)' no no  
;GMVNPTVFFDIAVDGEPLGRVSFELFADKVPKTAENFRALSTGEKGFGYKGSCFHRIIPGFMCQGGDFTRHNGTGGKSIY
GEKFEDENFILKHTGPGILSMANAGPNTNGSQFFICTAKTEWLDGKHVVFGKVKEGMNIVEAMERFGSRNGKTSKKITIA
DCGQLE
;
;GMVNPTVFFDIAVDGEPLGRVSFELFADKVPKTAENFRALSTGEKGFGYKGSCFHRIIPGFMCQGGDFTRHNGTGGKSIY
GEKFEDENFILKHTGPGILSMANAGPNTNGSQFFICTAKTEWLDGKHVVFGKVKEGMNIVEAMERFGSRNGKTSKKITIA
DCGQLE
;
A ? 
2 'polypeptide(L)' no yes '(ACE)PDCHIRAYVCH' XPDCHIRAYVCH B ? 
# 
loop_
_pdbx_entity_nonpoly.entity_id 
_pdbx_entity_nonpoly.name 
_pdbx_entity_nonpoly.comp_id 
3 "N,N'-(1,4-phenylene)diacetamide" WHL 
4 water                             HOH 
# 
loop_
_entity_poly_seq.entity_id 
_entity_poly_seq.num 
_entity_poly_seq.mon_id 
_entity_poly_seq.hetero 
1 1   GLY n 
1 2   MET n 
1 3   VAL n 
1 4   ASN n 
1 5   PRO n 
1 6   THR n 
1 7   VAL n 
1 8   PHE n 
1 9   PHE n 
1 10  ASP n 
1 11  ILE n 
1 12  ALA n 
1 13  VAL n 
1 14  ASP n 
1 15  GLY n 
1 16  GLU n 
1 17  PRO n 
1 18  LEU n 
1 19  GLY n 
1 20  ARG n 
1 21  VAL n 
1 22  SER n 
1 23  PHE n 
1 24  GLU n 
1 25  LEU n 
1 26  PHE n 
1 27  ALA n 
1 28  ASP n 
1 29  LYS n 
1 30  VAL n 
1 31  PRO n 
1 32  LYS n 
1 33  THR n 
1 34  ALA n 
1 35  GLU n 
1 36  ASN n 
1 37  PHE n 
1 38  ARG n 
1 39  ALA n 
1 40  LEU n 
1 41  SER n 
1 42  THR n 
1 43  GLY n 
1 44  GLU n 
1 45  LYS n 
1 46  GLY n 
1 47  PHE n 
1 48  GLY n 
1 49  TYR n 
1 50  LYS n 
1 51  GLY n 
1 52  SER n 
1 53  CYS n 
1 54  PHE n 
1 55  HIS n 
1 56  ARG n 
1 57  ILE n 
1 58  ILE n 
1 59  PRO n 
1 60  GLY n 
1 61  PHE n 
1 62  MET n 
1 63  CYS n 
1 64  GLN n 
1 65  GLY n 
1 66  GLY n 
1 67  ASP n 
1 68  PHE n 
1 69  THR n 
1 70  ARG n 
1 71  HIS n 
1 72  ASN n 
1 73  GLY n 
1 74  THR n 
1 75  GLY n 
1 76  GLY n 
1 77  LYS n 
1 78  SER n 
1 79  ILE n 
1 80  TYR n 
1 81  GLY n 
1 82  GLU n 
1 83  LYS n 
1 84  PHE n 
1 85  GLU n 
1 86  ASP n 
1 87  GLU n 
1 88  ASN n 
1 89  PHE n 
1 90  ILE n 
1 91  LEU n 
1 92  LYS n 
1 93  HIS n 
1 94  THR n 
1 95  GLY n 
1 96  PRO n 
1 97  GLY n 
1 98  ILE n 
1 99  LEU n 
1 100 SER n 
1 101 MET n 
1 102 ALA n 
1 103 ASN n 
1 104 ALA n 
1 105 GLY n 
1 106 PRO n 
1 107 ASN n 
1 108 THR n 
1 109 ASN n 
1 110 GLY n 
1 111 SER n 
1 112 GLN n 
1 113 PHE n 
1 114 PHE n 
1 115 ILE n 
1 116 CYS n 
1 117 THR n 
1 118 ALA n 
1 119 LYS n 
1 120 THR n 
1 121 GLU n 
1 122 TRP n 
1 123 LEU n 
1 124 ASP n 
1 125 GLY n 
1 126 LYS n 
1 127 HIS n 
1 128 VAL n 
1 129 VAL n 
1 130 PHE n 
1 131 GLY n 
1 132 LYS n 
1 133 VAL n 
1 134 LYS n 
1 135 GLU n 
1 136 GLY n 
1 137 MET n 
1 138 ASN n 
1 139 ILE n 
1 140 VAL n 
1 141 GLU n 
1 142 ALA n 
1 143 MET n 
1 144 GLU n 
1 145 ARG n 
1 146 PHE n 
1 147 GLY n 
1 148 SER n 
1 149 ARG n 
1 150 ASN n 
1 151 GLY n 
1 152 LYS n 
1 153 THR n 
1 154 SER n 
1 155 LYS n 
1 156 LYS n 
1 157 ILE n 
1 158 THR n 
1 159 ILE n 
1 160 ALA n 
1 161 ASP n 
1 162 CYS n 
1 163 GLY n 
1 164 GLN n 
1 165 LEU n 
1 166 GLU n 
2 1   ACE n 
2 2   PRO n 
2 3   ASP n 
2 4   CYS n 
2 5   HIS n 
2 6   ILE n 
2 7   ARG n 
2 8   ALA n 
2 9   TYR n 
2 10  VAL n 
2 11  CYS n 
2 12  HIS n 
# 
_entity_src_gen.entity_id                          1 
_entity_src_gen.pdbx_src_id                        1 
_entity_src_gen.pdbx_alt_source_flag               sample 
_entity_src_gen.pdbx_seq_type                      'Biological sequence' 
_entity_src_gen.pdbx_beg_seq_num                   1 
_entity_src_gen.pdbx_end_seq_num                   166 
_entity_src_gen.gene_src_common_name               human 
_entity_src_gen.gene_src_genus                     ? 
_entity_src_gen.pdbx_gene_src_gene                 'PPIA, CYPA' 
_entity_src_gen.gene_src_species                   ? 
_entity_src_gen.gene_src_strain                    ? 
_entity_src_gen.gene_src_tissue                    ? 
_entity_src_gen.gene_src_tissue_fraction           ? 
_entity_src_gen.gene_src_details                   ? 
_entity_src_gen.pdbx_gene_src_fragment             ? 
_entity_src_gen.pdbx_gene_src_scientific_name      'Homo sapiens' 
_entity_src_gen.pdbx_gene_src_ncbi_taxonomy_id     9606 
_entity_src_gen.pdbx_gene_src_variant              ? 
_entity_src_gen.pdbx_gene_src_cell_line            ? 
_entity_src_gen.pdbx_gene_src_atcc                 ? 
_entity_src_gen.pdbx_gene_src_organ                ? 
_entity_src_gen.pdbx_gene_src_organelle            ? 
_entity_src_gen.pdbx_gene_src_cell                 ? 
_entity_src_gen.pdbx_gene_src_cellular_location    ? 
_entity_src_gen.host_org_common_name               ? 
_entity_src_gen.pdbx_host_org_scientific_name      'Escherichia coli' 
_entity_src_gen.pdbx_host_org_ncbi_taxonomy_id     562 
_entity_src_gen.host_org_genus                     ? 
_entity_src_gen.pdbx_host_org_gene                 ? 
_entity_src_gen.pdbx_host_org_organ                ? 
_entity_src_gen.host_org_species                   ? 
_entity_src_gen.pdbx_host_org_tissue               ? 
_entity_src_gen.pdbx_host_org_tissue_fraction      ? 
_entity_src_gen.pdbx_host_org_strain               ? 
_entity_src_gen.pdbx_host_org_variant              ? 
_entity_src_gen.pdbx_host_org_cell_line            ? 
_entity_src_gen.pdbx_host_org_atcc                 ? 
_entity_src_gen.pdbx_host_org_culture_collection   ? 
_entity_src_gen.pdbx_host_org_cell                 ? 
_entity_src_gen.pdbx_host_org_organelle            ? 
_entity_src_gen.pdbx_host_org_cellular_location    ? 
_entity_src_gen.pdbx_host_org_vector_type          ? 
_entity_src_gen.pdbx_host_org_vector               ? 
_entity_src_gen.host_org_details                   ? 
_entity_src_gen.expression_system_id               ? 
_entity_src_gen.plasmid_name                       ? 
_entity_src_gen.plasmid_details                    ? 
_entity_src_gen.pdbx_description                   ? 
# 
_pdbx_entity_src_syn.entity_id              2 
_pdbx_entity_src_syn.pdbx_src_id            1 
_pdbx_entity_src_syn.pdbx_alt_source_flag   sample 
_pdbx_entity_src_syn.pdbx_beg_seq_num       1 
_pdbx_entity_src_syn.pdbx_end_seq_num       12 
_pdbx_entity_src_syn.organism_scientific    'synthetic construct' 
_pdbx_entity_src_syn.organism_common_name   ? 
_pdbx_entity_src_syn.ncbi_taxonomy_id       32630 
_pdbx_entity_src_syn.details                ? 
# 
loop_
_chem_comp.id 
_chem_comp.type 
_chem_comp.mon_nstd_flag 
_chem_comp.name 
_chem_comp.pdbx_synonyms 
_chem_comp.formula 
_chem_comp.formula_weight 
ACE non-polymer         . 'ACETYL GROUP'                    ? 'C2 H4 O'        44.053  
ALA 'L-peptide linking' y ALANINE                           ? 'C3 H7 N O2'     89.093  
ARG 'L-peptide linking' y ARGININE                          ? 'C6 H15 N4 O2 1' 175.209 
ASN 'L-peptide linking' y ASPARAGINE                        ? 'C4 H8 N2 O3'    132.118 
ASP 'L-peptide linking' y 'ASPARTIC ACID'                   ? 'C4 H7 N O4'     133.103 
CYS 'L-peptide linking' y CYSTEINE                          ? 'C3 H7 N O2 S'   121.158 
GLN 'L-peptide linking' y GLUTAMINE                         ? 'C5 H10 N2 O3'   146.144 
GLU 'L-peptide linking' y 'GLUTAMIC ACID'                   ? 'C5 H9 N O4'     147.129 
GLY 'peptide linking'   y GLYCINE                           ? 'C2 H5 N O2'     75.067  
HIS 'L-peptide linking' y HISTIDINE                         ? 'C6 H10 N3 O2 1' 156.162 
HOH non-polymer         . WATER                             ? 'H2 O'           18.015  
ILE 'L-peptide linking' y ISOLEUCINE                        ? 'C6 H13 N O2'    131.173 
LEU 'L-peptide linking' y LEUCINE                           ? 'C6 H13 N O2'    131.173 
LYS 'L-peptide linking' y LYSINE                            ? 'C6 H15 N2 O2 1' 147.195 
MET 'L-peptide linking' y METHIONINE                        ? 'C5 H11 N O2 S'  149.211 
PHE 'L-peptide linking' y PHENYLALANINE                     ? 'C9 H11 N O2'    165.189 
PRO 'L-peptide linking' y PROLINE                           ? 'C5 H9 N O2'     115.130 
SER 'L-peptide linking' y SERINE                            ? 'C3 H7 N O3'     105.093 
THR 'L-peptide linking' y THREONINE                         ? 'C4 H9 N O3'     119.119 
TRP 'L-peptide linking' y TRYPTOPHAN                        ? 'C11 H12 N2 O2'  204.225 
TYR 'L-peptide linking' y TYROSINE                          ? 'C9 H11 N O3'    181.189 
VAL 'L-peptide linking' y VALINE                            ? 'C5 H11 N O2'    117.146 
WHL non-polymer         . "N,N'-(1,4-phenylene)diacetamide" ? 'C10 H12 N2 O2'  192.214 
# 
loop_
_pdbx_poly_seq_scheme.asym_id 
_pdbx_poly_seq_scheme.entity_id 
_pdbx_poly_seq_scheme.seq_id 
_pdbx_poly_seq_scheme.mon_id 
_pdbx_poly_seq_scheme.ndb_seq_num 
_pdbx_poly_seq_scheme.pdb_seq_num 
_pdbx_poly_seq_scheme.auth_seq_num 
_pdbx_poly_seq_scheme.pdb_mon_id 
_pdbx_poly_seq_scheme.auth_mon_id 
_pdbx_poly_seq_scheme.pdb_strand_id 
_pdbx_poly_seq_scheme.pdb_ins_code 
_pdbx_poly_seq_scheme.hetero 
A 1 1   GLY 1   0   ?   ?   ?   A . n 
A 1 2   MET 2   1   ?   ?   ?   A . n 
A 1 3   VAL 3   2   2   VAL VAL A . n 
A 1 4   ASN 4   3   3   ASN ASN A . n 
A 1 5   PRO 5   4   4   PRO PRO A . n 
A 1 6   THR 6   5   5   THR THR A . n 
A 1 7   VAL 7   6   6   VAL VAL A . n 
A 1 8   PHE 8   7   7   PHE PHE A . n 
A 1 9   PHE 9   8   8   PHE PHE A . n 
A 1 10  ASP 10  9   9   ASP ASP A . n 
A 1 11  ILE 11  10  10  ILE ILE A . n 
A 1 12  ALA 12  11  11  ALA ALA A . n 
A 1 13  VAL 13  12  12  VAL VAL A . n 
A 1 14  ASP 14  13  13  ASP ASP A . n 
A 1 15  GLY 15  14  14  GLY GLY A . n 
A 1 16  GLU 16  15  15  GLU GLU A . n 
A 1 17  PRO 17  16  16  PRO PRO A . n 
A 1 18  LEU 18  17  17  LEU LEU A . n 
A 1 19  GLY 19  18  18  GLY GLY A . n 
A 1 20  ARG 20  19  19  ARG ARG A . n 
A 1 21  VAL 21  20  20  VAL VAL A . n 
A 1 22  SER 22  21  21  SER SER A . n 
A 1 23  PHE 23  22  22  PHE PHE A . n 
A 1 24  GLU 24  23  23  GLU GLU A . n 
A 1 25  LEU 25  24  24  LEU LEU A . n 
A 1 26  PHE 26  25  25  PHE PHE A . n 
A 1 27  ALA 27  26  26  ALA ALA A . n 
A 1 28  ASP 28  27  27  ASP ASP A . n 
A 1 29  LYS 29  28  28  LYS LYS A . n 
A 1 30  VAL 30  29  29  VAL VAL A . n 
A 1 31  PRO 31  30  30  PRO PRO A . n 
A 1 32  LYS 32  31  31  LYS LYS A . n 
A 1 33  THR 33  32  32  THR THR A . n 
A 1 34  ALA 34  33  33  ALA ALA A . n 
A 1 35  GLU 35  34  34  GLU GLU A . n 
A 1 36  ASN 36  35  35  ASN ASN A . n 
A 1 37  PHE 37  36  36  PHE PHE A . n 
A 1 38  ARG 38  37  37  ARG ARG A . n 
A 1 39  ALA 39  38  38  ALA ALA A . n 
A 1 40  LEU 40  39  39  LEU LEU A . n 
A 1 41  SER 41  40  40  SER SER A . n 
A 1 42  THR 42  41  41  THR THR A . n 
A 1 43  GLY 43  42  42  GLY GLY A . n 
A 1 44  GLU 44  43  43  GLU GLU A . n 
A 1 45  LYS 45  44  44  LYS LYS A . n 
A 1 46  GLY 46  45  45  GLY GLY A . n 
A 1 47  PHE 47  46  46  PHE PHE A . n 
A 1 48  GLY 48  47  47  GLY GLY A . n 
A 1 49  TYR 49  48  48  TYR TYR A . n 
A 1 50  LYS 50  49  49  LYS LYS A . n 
A 1 51  GLY 51  50  50  GLY GLY A . n 
A 1 52  SER 52  51  51  SER SER A . n 
A 1 53  CYS 53  52  52  CYS CYS A . n 
A 1 54  PHE 54  53  53  PHE PHE A . n 
A 1 55  HIS 55  54  54  HIS HIS A . n 
A 1 56  ARG 56  55  55  ARG ARG A . n 
A 1 57  ILE 57  56  56  ILE ILE A . n 
A 1 58  ILE 58  57  57  ILE ILE A . n 
A 1 59  PRO 59  58  58  PRO PRO A . n 
A 1 60  GLY 60  59  59  GLY GLY A . n 
A 1 61  PHE 61  60  60  PHE PHE A . n 
A 1 62  MET 62  61  61  MET MET A . n 
A 1 63  CYS 63  62  62  CYS CYS A . n 
A 1 64  GLN 64  63  63  GLN GLN A . n 
A 1 65  GLY 65  64  64  GLY GLY A . n 
A 1 66  GLY 66  65  65  GLY GLY A . n 
A 1 67  ASP 67  66  66  ASP ASP A . n 
A 1 68  PHE 68  67  67  PHE PHE A . n 
A 1 69  THR 69  68  68  THR THR A . n 
A 1 70  ARG 70  69  69  ARG ARG A . n 
A 1 71  HIS 71  70  70  HIS HIS A . n 
A 1 72  ASN 72  71  71  ASN ASN A . n 
A 1 73  GLY 73  72  72  GLY GLY A . n 
A 1 74  THR 74  73  73  THR THR A . n 
A 1 75  GLY 75  74  74  GLY GLY A . n 
A 1 76  GLY 76  75  75  GLY GLY A . n 
A 1 77  LYS 77  76  76  LYS LYS A . n 
A 1 78  SER 78  77  77  SER SER A . n 
A 1 79  ILE 79  78  78  ILE ILE A . n 
A 1 80  TYR 80  79  79  TYR TYR A . n 
A 1 81  GLY 81  80  80  GLY GLY A . n 
A 1 82  GLU 82  81  81  GLU GLU A . n 
A 1 83  LYS 83  82  82  LYS LYS A . n 
A 1 84  PHE 84  83  83  PHE PHE A . n 
A 1 85  GLU 85  84  84  GLU GLU A . n 
A 1 86  ASP 86  85  85  ASP ASP A . n 
A 1 87  GLU 87  86  86  GLU GLU A . n 
A 1 88  ASN 88  87  87  ASN ASN A . n 
A 1 89  PHE 89  88  88  PHE PHE A . n 
A 1 90  ILE 90  89  89  ILE ILE A . n 
A 1 91  LEU 91  90  90  LEU LEU A . n 
A 1 92  LYS 92  91  91  LYS LYS A . n 
A 1 93  HIS 93  92  92  HIS HIS A . n 
A 1 94  THR 94  93  93  THR THR A . n 
A 1 95  GLY 95  94  94  GLY GLY A . n 
A 1 96  PRO 96  95  95  PRO PRO A . n 
A 1 97  GLY 97  96  96  GLY GLY A . n 
A 1 98  ILE 98  97  97  ILE ILE A . n 
A 1 99  LEU 99  98  98  LEU LEU A . n 
A 1 100 SER 100 99  99  SER SER A . n 
A 1 101 MET 101 100 100 MET MET A . n 
A 1 102 ALA 102 101 101 ALA ALA A . n 
A 1 103 ASN 103 102 102 ASN ASN A . n 
A 1 104 ALA 104 103 103 ALA ALA A . n 
A 1 105 GLY 105 104 104 GLY GLY A . n 
A 1 106 PRO 106 105 105 PRO PRO A . n 
A 1 107 ASN 107 106 106 ASN ASN A . n 
A 1 108 THR 108 107 107 THR THR A . n 
A 1 109 ASN 109 108 108 ASN ASN A . n 
A 1 110 GLY 110 109 109 GLY GLY A . n 
A 1 111 SER 111 110 110 SER SER A . n 
A 1 112 GLN 112 111 111 GLN GLN A . n 
A 1 113 PHE 113 112 112 PHE PHE A . n 
A 1 114 PHE 114 113 113 PHE PHE A . n 
A 1 115 ILE 115 114 114 ILE ILE A . n 
A 1 116 CYS 116 115 115 CYS CYS A . n 
A 1 117 THR 117 116 116 THR THR A . n 
A 1 118 ALA 118 117 117 ALA ALA A . n 
A 1 119 LYS 119 118 118 LYS LYS A . n 
A 1 120 THR 120 119 119 THR THR A . n 
A 1 121 GLU 121 120 120 GLU GLU A . n 
A 1 122 TRP 122 121 121 TRP TRP A . n 
A 1 123 LEU 123 122 122 LEU LEU A . n 
A 1 124 ASP 124 123 123 ASP ASP A . n 
A 1 125 GLY 125 124 124 GLY GLY A . n 
A 1 126 LYS 126 125 125 LYS LYS A . n 
A 1 127 HIS 127 126 126 HIS HIS A . n 
A 1 128 VAL 128 127 127 VAL VAL A . n 
A 1 129 VAL 129 128 128 VAL VAL A . n 
A 1 130 PHE 130 129 129 PHE PHE A . n 
A 1 131 GLY 131 130 130 GLY GLY A . n 
A 1 132 LYS 132 131 131 LYS LYS A . n 
A 1 133 VAL 133 132 132 VAL VAL A . n 
A 1 134 LYS 134 133 133 LYS LYS A . n 
A 1 135 GLU 135 134 134 GLU GLU A . n 
A 1 136 GLY 136 135 135 GLY GLY A . n 
A 1 137 MET 137 136 136 MET MET A . n 
A 1 138 ASN 138 137 137 ASN ASN A . n 
A 1 139 ILE 139 138 138 ILE ILE A . n 
A 1 140 VAL 140 139 139 VAL VAL A . n 
A 1 141 GLU 141 140 140 GLU GLU A . n 
A 1 142 ALA 142 141 141 ALA ALA A . n 
A 1 143 MET 143 142 142 MET MET A . n 
A 1 144 GLU 144 143 143 GLU GLU A . n 
A 1 145 ARG 145 144 144 ARG ARG A . n 
A 1 146 PHE 146 145 145 PHE PHE A . n 
A 1 147 GLY 147 146 146 GLY GLY A . n 
A 1 148 SER 148 147 147 SER SER A . n 
A 1 149 ARG 149 148 148 ARG ARG A . n 
A 1 150 ASN 150 149 149 ASN ASN A . n 
A 1 151 GLY 151 150 150 GLY GLY A . n 
A 1 152 LYS 152 151 151 LYS LYS A . n 
A 1 153 THR 153 152 152 THR THR A . n 
A 1 154 SER 154 153 153 SER SER A . n 
A 1 155 LYS 155 154 154 LYS LYS A . n 
A 1 156 LYS 156 155 155 LYS LYS A . n 
A 1 157 ILE 157 156 156 ILE ILE A . n 
A 1 158 THR 158 157 157 THR THR A . n 
A 1 159 ILE 159 158 158 ILE ILE A . n 
A 1 160 ALA 160 159 159 ALA ALA A . n 
A 1 161 ASP 161 160 160 ASP ASP A . n 
A 1 162 CYS 162 161 161 CYS CYS A . n 
A 1 163 GLY 163 162 162 GLY GLY A . n 
A 1 164 GLN 164 163 163 GLN GLN A . n 
A 1 165 LEU 165 164 164 LEU LEU A . n 
A 1 166 GLU 166 165 165 GLU GLU A . n 
B 2 1   ACE 1   0   0   ACE ACE B . n 
B 2 2   PRO 2   1   1   PRO PRO B . n 
B 2 3   ASP 3   2   2   ASP ASP B . n 
B 2 4   CYS 4   3   3   CYS CYS B . n 
B 2 5   HIS 5   4   4   HIS HIS B . n 
B 2 6   ILE 6   5   5   ILE ILE B . n 
B 2 7   ARG 7   6   6   ARG ARG B . n 
B 2 8   ALA 8   7   7   ALA ALA B . n 
B 2 9   TYR 9   8   8   TYR TYR B . n 
B 2 10  VAL 10  9   9   VAL VAL B . n 
B 2 11  CYS 11  10  10  CYS CYS B . n 
B 2 12  HIS 12  11  11  HIS HIS B . n 
# 
loop_
_pdbx_nonpoly_scheme.asym_id 
_pdbx_nonpoly_scheme.entity_id 
_pdbx_nonpoly_scheme.mon_id 
_pdbx_nonpoly_scheme.ndb_seq_num 
_pdbx_nonpoly_scheme.pdb_seq_num 
_pdbx_nonpoly_scheme.auth_seq_num 
_pdbx_nonpoly_scheme.pdb_mon_id 
_pdbx_nonpoly_scheme.auth_mon_id 
_pdbx_nonpoly_scheme.pdb_strand_id 
_pdbx_nonpoly_scheme.pdb_ins_code 
C 3 WHL 1   101 101 WHL WHL B . 
D 4 HOH 1   201 191 HOH HOH A . 
D 4 HOH 2   202 201 HOH HOH A . 
D 4 HOH 3   203 184 HOH HOH A . 
D 4 HOH 4   204 114 HOH HOH A . 
D 4 HOH 5   205 167 HOH HOH A . 
D 4 HOH 6   206 123 HOH HOH A . 
D 4 HOH 7   207 53  HOH HOH A . 
D 4 HOH 8   208 218 HOH HOH A . 
D 4 HOH 9   209 190 HOH HOH A . 
D 4 HOH 10  210 205 HOH HOH A . 
D 4 HOH 11  211 161 HOH HOH A . 
D 4 HOH 12  212 206 HOH HOH A . 
D 4 HOH 13  213 79  HOH HOH A . 
D 4 HOH 14  214 40  HOH HOH A . 
D 4 HOH 15  215 32  HOH HOH A . 
D 4 HOH 16  216 127 HOH HOH A . 
D 4 HOH 17  217 9   HOH HOH A . 
D 4 HOH 18  218 41  HOH HOH A . 
D 4 HOH 19  219 57  HOH HOH A . 
D 4 HOH 20  220 134 HOH HOH A . 
D 4 HOH 21  221 217 HOH HOH A . 
D 4 HOH 22  222 80  HOH HOH A . 
D 4 HOH 23  223 4   HOH HOH A . 
D 4 HOH 24  224 108 HOH HOH A . 
D 4 HOH 25  225 109 HOH HOH A . 
D 4 HOH 26  226 1   HOH HOH A . 
D 4 HOH 27  227 37  HOH HOH A . 
D 4 HOH 28  228 72  HOH HOH A . 
D 4 HOH 29  229 8   HOH HOH A . 
D 4 HOH 30  230 90  HOH HOH A . 
D 4 HOH 31  231 130 HOH HOH A . 
D 4 HOH 32  232 26  HOH HOH A . 
D 4 HOH 33  233 33  HOH HOH A . 
D 4 HOH 34  234 36  HOH HOH A . 
D 4 HOH 35  235 35  HOH HOH A . 
D 4 HOH 36  236 39  HOH HOH A . 
D 4 HOH 37  237 50  HOH HOH A . 
D 4 HOH 38  238 172 HOH HOH A . 
D 4 HOH 39  239 2   HOH HOH A . 
D 4 HOH 40  240 31  HOH HOH A . 
D 4 HOH 41  241 30  HOH HOH A . 
D 4 HOH 42  242 160 HOH HOH A . 
D 4 HOH 43  243 25  HOH HOH A . 
D 4 HOH 44  244 58  HOH HOH A . 
D 4 HOH 45  245 47  HOH HOH A . 
D 4 HOH 46  246 46  HOH HOH A . 
D 4 HOH 47  247 119 HOH HOH A . 
D 4 HOH 48  248 97  HOH HOH A . 
D 4 HOH 49  249 145 HOH HOH A . 
D 4 HOH 50  250 203 HOH HOH A . 
D 4 HOH 51  251 45  HOH HOH A . 
D 4 HOH 52  252 101 HOH HOH A . 
D 4 HOH 53  253 10  HOH HOH A . 
D 4 HOH 54  254 11  HOH HOH A . 
D 4 HOH 55  255 132 HOH HOH A . 
D 4 HOH 56  256 93  HOH HOH A . 
D 4 HOH 57  257 5   HOH HOH A . 
D 4 HOH 58  258 6   HOH HOH A . 
D 4 HOH 59  259 111 HOH HOH A . 
D 4 HOH 60  260 71  HOH HOH A . 
D 4 HOH 61  261 150 HOH HOH A . 
D 4 HOH 62  262 42  HOH HOH A . 
D 4 HOH 63  263 164 HOH HOH A . 
D 4 HOH 64  264 61  HOH HOH A . 
D 4 HOH 65  265 112 HOH HOH A . 
D 4 HOH 66  266 27  HOH HOH A . 
D 4 HOH 67  267 126 HOH HOH A . 
D 4 HOH 68  268 19  HOH HOH A . 
D 4 HOH 69  269 82  HOH HOH A . 
D 4 HOH 70  270 20  HOH HOH A . 
D 4 HOH 71  271 142 HOH HOH A . 
D 4 HOH 72  272 94  HOH HOH A . 
D 4 HOH 73  273 129 HOH HOH A . 
D 4 HOH 74  274 100 HOH HOH A . 
D 4 HOH 75  275 148 HOH HOH A . 
D 4 HOH 76  276 18  HOH HOH A . 
D 4 HOH 77  277 16  HOH HOH A . 
D 4 HOH 78  278 44  HOH HOH A . 
D 4 HOH 79  279 21  HOH HOH A . 
D 4 HOH 80  280 210 HOH HOH A . 
D 4 HOH 81  281 75  HOH HOH A . 
D 4 HOH 82  282 178 HOH HOH A . 
D 4 HOH 83  283 85  HOH HOH A . 
D 4 HOH 84  284 138 HOH HOH A . 
D 4 HOH 85  285 118 HOH HOH A . 
D 4 HOH 86  286 29  HOH HOH A . 
D 4 HOH 87  287 88  HOH HOH A . 
D 4 HOH 88  288 60  HOH HOH A . 
D 4 HOH 89  289 144 HOH HOH A . 
D 4 HOH 90  290 65  HOH HOH A . 
D 4 HOH 91  291 143 HOH HOH A . 
D 4 HOH 92  292 179 HOH HOH A . 
D 4 HOH 93  293 23  HOH HOH A . 
D 4 HOH 94  294 78  HOH HOH A . 
D 4 HOH 95  295 7   HOH HOH A . 
D 4 HOH 96  296 73  HOH HOH A . 
D 4 HOH 97  297 34  HOH HOH A . 
D 4 HOH 98  298 70  HOH HOH A . 
D 4 HOH 99  299 52  HOH HOH A . 
D 4 HOH 100 300 67  HOH HOH A . 
D 4 HOH 101 301 183 HOH HOH A . 
D 4 HOH 102 302 13  HOH HOH A . 
D 4 HOH 103 303 113 HOH HOH A . 
D 4 HOH 104 304 196 HOH HOH A . 
D 4 HOH 105 305 66  HOH HOH A . 
D 4 HOH 106 306 14  HOH HOH A . 
D 4 HOH 107 307 110 HOH HOH A . 
D 4 HOH 108 308 76  HOH HOH A . 
D 4 HOH 109 309 187 HOH HOH A . 
D 4 HOH 110 310 211 HOH HOH A . 
D 4 HOH 111 311 84  HOH HOH A . 
D 4 HOH 112 312 43  HOH HOH A . 
D 4 HOH 113 313 102 HOH HOH A . 
D 4 HOH 114 314 107 HOH HOH A . 
D 4 HOH 115 315 62  HOH HOH A . 
D 4 HOH 116 316 89  HOH HOH A . 
D 4 HOH 117 317 180 HOH HOH A . 
D 4 HOH 118 318 197 HOH HOH A . 
D 4 HOH 119 319 49  HOH HOH A . 
D 4 HOH 120 320 136 HOH HOH A . 
D 4 HOH 121 321 186 HOH HOH A . 
D 4 HOH 122 322 87  HOH HOH A . 
D 4 HOH 123 323 117 HOH HOH A . 
D 4 HOH 124 324 104 HOH HOH A . 
D 4 HOH 125 325 198 HOH HOH A . 
D 4 HOH 126 326 165 HOH HOH A . 
D 4 HOH 127 327 207 HOH HOH A . 
D 4 HOH 128 328 51  HOH HOH A . 
D 4 HOH 129 329 105 HOH HOH A . 
D 4 HOH 130 330 171 HOH HOH A . 
D 4 HOH 131 331 38  HOH HOH A . 
D 4 HOH 132 332 139 HOH HOH A . 
D 4 HOH 133 333 189 HOH HOH A . 
D 4 HOH 134 334 182 HOH HOH A . 
D 4 HOH 135 335 212 HOH HOH A . 
D 4 HOH 136 336 158 HOH HOH A . 
D 4 HOH 137 337 121 HOH HOH A . 
D 4 HOH 138 338 188 HOH HOH A . 
D 4 HOH 139 339 17  HOH HOH A . 
D 4 HOH 140 340 222 HOH HOH A . 
D 4 HOH 141 341 146 HOH HOH A . 
D 4 HOH 142 342 169 HOH HOH A . 
D 4 HOH 143 343 159 HOH HOH A . 
D 4 HOH 144 344 48  HOH HOH A . 
D 4 HOH 145 345 124 HOH HOH A . 
D 4 HOH 146 346 133 HOH HOH A . 
D 4 HOH 147 347 24  HOH HOH A . 
D 4 HOH 148 348 149 HOH HOH A . 
D 4 HOH 149 349 220 HOH HOH A . 
D 4 HOH 150 350 154 HOH HOH A . 
D 4 HOH 151 351 83  HOH HOH A . 
D 4 HOH 152 352 59  HOH HOH A . 
D 4 HOH 153 353 95  HOH HOH A . 
D 4 HOH 154 354 224 HOH HOH A . 
D 4 HOH 155 355 115 HOH HOH A . 
D 4 HOH 156 356 192 HOH HOH A . 
D 4 HOH 157 357 215 HOH HOH A . 
D 4 HOH 158 358 219 HOH HOH A . 
D 4 HOH 159 359 69  HOH HOH A . 
D 4 HOH 160 360 103 HOH HOH A . 
D 4 HOH 161 361 54  HOH HOH A . 
D 4 HOH 162 362 193 HOH HOH A . 
D 4 HOH 163 363 125 HOH HOH A . 
D 4 HOH 164 364 214 HOH HOH A . 
D 4 HOH 165 365 91  HOH HOH A . 
D 4 HOH 166 366 213 HOH HOH A . 
D 4 HOH 167 367 209 HOH HOH A . 
D 4 HOH 168 368 140 HOH HOH A . 
D 4 HOH 169 369 55  HOH HOH A . 
D 4 HOH 170 370 135 HOH HOH A . 
D 4 HOH 171 371 195 HOH HOH A . 
D 4 HOH 172 372 151 HOH HOH A . 
D 4 HOH 173 373 153 HOH HOH A . 
D 4 HOH 174 374 221 HOH HOH A . 
D 4 HOH 175 375 166 HOH HOH A . 
D 4 HOH 176 376 141 HOH HOH A . 
D 4 HOH 177 377 204 HOH HOH A . 
D 4 HOH 178 378 177 HOH HOH A . 
D 4 HOH 179 379 185 HOH HOH A . 
D 4 HOH 180 380 225 HOH HOH A . 
D 4 HOH 181 381 92  HOH HOH A . 
E 4 HOH 1   201 202 HOH HOH B . 
E 4 HOH 2   202 81  HOH HOH B . 
E 4 HOH 3   203 15  HOH HOH B . 
E 4 HOH 4   204 12  HOH HOH B . 
E 4 HOH 5   205 137 HOH HOH B . 
E 4 HOH 6   206 28  HOH HOH B . 
E 4 HOH 7   207 3   HOH HOH B . 
E 4 HOH 8   208 170 HOH HOH B . 
E 4 HOH 9   209 56  HOH HOH B . 
E 4 HOH 10  210 155 HOH HOH B . 
E 4 HOH 11  211 162 HOH HOH B . 
E 4 HOH 12  212 200 HOH HOH B . 
E 4 HOH 13  213 176 HOH HOH B . 
E 4 HOH 14  214 208 HOH HOH B . 
E 4 HOH 15  215 106 HOH HOH B . 
E 4 HOH 16  216 74  HOH HOH B . 
# 
loop_
_software.citation_id 
_software.classification 
_software.compiler_name 
_software.compiler_version 
_software.contact_author 
_software.contact_author_email 
_software.date 
_software.description 
_software.dependencies 
_software.hardware 
_software.language 
_software.location 
_software.mods 
_software.name 
_software.os 
_software.os_version 
_software.type 
_software.version 
_software.pdbx_ordinal 
? refinement       ? ? ? ? ? ? ? ? ? ? ? PHENIX  ? ? ? 1.18.2_3874 1 
? 'data reduction' ? ? ? ? ? ? ? ? ? ? ? xia2    ? ? ? .           2 
? 'data scaling'   ? ? ? ? ? ? ? ? ? ? ? Aimless ? ? ? .           3 
? phasing          ? ? ? ? ? ? ? ? ? ? ? PHASER  ? ? ? .           4 
# 
_cell.angle_alpha                  90.000 
_cell.angle_alpha_esd              ? 
_cell.angle_beta                   90.000 
_cell.angle_beta_esd               ? 
_cell.angle_gamma                  90.000 
_cell.angle_gamma_esd              ? 
_cell.entry_id                     7UXN 
_cell.details                      ? 
_cell.formula_units_Z              ? 
_cell.length_a                     42.080 
_cell.length_a_esd                 ? 
_cell.length_b                     48.010 
_cell.length_b_esd                 ? 
_cell.length_c                     81.870 
_cell.length_c_esd                 ? 
_cell.volume                       ? 
_cell.volume_esd                   ? 
_cell.Z_PDB                        4 
_cell.reciprocal_angle_alpha       ? 
_cell.reciprocal_angle_beta        ? 
_cell.reciprocal_angle_gamma       ? 
_cell.reciprocal_angle_alpha_esd   ? 
_cell.reciprocal_angle_beta_esd    ? 
_cell.reciprocal_angle_gamma_esd   ? 
_cell.reciprocal_length_a          ? 
_cell.reciprocal_length_b          ? 
_cell.reciprocal_length_c          ? 
_cell.reciprocal_length_a_esd      ? 
_cell.reciprocal_length_b_esd      ? 
_cell.reciprocal_length_c_esd      ? 
_cell.pdbx_unique_axis             ? 
_cell.pdbx_esd_method              ? 
# 
_symmetry.entry_id                         7UXN 
_symmetry.cell_setting                     ? 
_symmetry.Int_Tables_number                19 
_symmetry.space_group_name_Hall            ? 
_symmetry.space_group_name_H-M             'P 21 21 21' 
_symmetry.pdbx_full_space_group_name_H-M   ? 
# 
_exptl.absorpt_coefficient_mu     ? 
_exptl.absorpt_correction_T_max   ? 
_exptl.absorpt_correction_T_min   ? 
_exptl.absorpt_correction_type    ? 
_exptl.absorpt_process_details    ? 
_exptl.entry_id                   7UXN 
_exptl.crystals_number            1 
_exptl.details                    ? 
_exptl.method                     'X-RAY DIFFRACTION' 
_exptl.method_details             ? 
# 
_exptl_crystal.colour                       ? 
_exptl_crystal.density_diffrn               ? 
_exptl_crystal.density_Matthews             2.13 
_exptl_crystal.density_method               ? 
_exptl_crystal.density_percent_sol          42.18 
_exptl_crystal.description                  ? 
_exptl_crystal.F_000                        ? 
_exptl_crystal.id                           1 
_exptl_crystal.preparation                  ? 
_exptl_crystal.size_max                     ? 
_exptl_crystal.size_mid                     ? 
_exptl_crystal.size_min                     ? 
_exptl_crystal.size_rad                     ? 
_exptl_crystal.colour_lustre                ? 
_exptl_crystal.colour_modifier              ? 
_exptl_crystal.colour_primary               ? 
_exptl_crystal.density_meas                 ? 
_exptl_crystal.density_meas_esd             ? 
_exptl_crystal.density_meas_gt              ? 
_exptl_crystal.density_meas_lt              ? 
_exptl_crystal.density_meas_temp            ? 
_exptl_crystal.density_meas_temp_esd        ? 
_exptl_crystal.density_meas_temp_gt         ? 
_exptl_crystal.density_meas_temp_lt         ? 
_exptl_crystal.pdbx_crystal_image_url       ? 
_exptl_crystal.pdbx_crystal_image_format    ? 
_exptl_crystal.pdbx_mosaicity               ? 
_exptl_crystal.pdbx_mosaicity_esd           ? 
_exptl_crystal.pdbx_mosaic_method           ? 
_exptl_crystal.pdbx_mosaic_block_size       ? 
_exptl_crystal.pdbx_mosaic_block_size_esd   ? 
# 
_exptl_crystal_grow.apparatus       ? 
_exptl_crystal_grow.atmosphere      ? 
_exptl_crystal_grow.crystal_id      1 
_exptl_crystal_grow.details         ? 
_exptl_crystal_grow.method          'VAPOR DIFFUSION, SITTING DROP' 
_exptl_crystal_grow.method_ref      ? 
_exptl_crystal_grow.pH              ? 
_exptl_crystal_grow.pressure        ? 
_exptl_crystal_grow.pressure_esd    ? 
_exptl_crystal_grow.seeding         ? 
_exptl_crystal_grow.seeding_ref     ? 
_exptl_crystal_grow.temp            291.15 
_exptl_crystal_grow.temp_details    ? 
_exptl_crystal_grow.temp_esd        ? 
_exptl_crystal_grow.time            ? 
_exptl_crystal_grow.pdbx_details    '0.2 M Sodium acetate, 0.1 M Sodium cacodylate pH 6.5, 30% w/v PEG 8000.' 
_exptl_crystal_grow.pdbx_pH_range   ? 
# 
_diffrn.ambient_environment              ? 
_diffrn.ambient_temp                     100 
_diffrn.ambient_temp_details             ? 
_diffrn.ambient_temp_esd                 ? 
_diffrn.crystal_id                       1 
_diffrn.crystal_support                  ? 
_diffrn.crystal_treatment                ? 
_diffrn.details                          ? 
_diffrn.id                               1 
_diffrn.ambient_pressure                 ? 
_diffrn.ambient_pressure_esd             ? 
_diffrn.ambient_pressure_gt              ? 
_diffrn.ambient_pressure_lt              ? 
_diffrn.ambient_temp_gt                  ? 
_diffrn.ambient_temp_lt                  ? 
_diffrn.pdbx_serial_crystal_experiment   N 
# 
_diffrn_detector.details                      ? 
_diffrn_detector.detector                     PIXEL 
_diffrn_detector.diffrn_id                    1 
_diffrn_detector.type                         'DECTRIS PILATUS3 6M' 
_diffrn_detector.area_resol_mean              ? 
_diffrn_detector.dtime                        ? 
_diffrn_detector.pdbx_frames_total            ? 
_diffrn_detector.pdbx_collection_time_total   ? 
_diffrn_detector.pdbx_collection_date         2021-05-23 
_diffrn_detector.pdbx_frequency               ? 
# 
_diffrn_radiation.collimation                      ? 
_diffrn_radiation.diffrn_id                        1 
_diffrn_radiation.filter_edge                      ? 
_diffrn_radiation.inhomogeneity                    ? 
_diffrn_radiation.monochromator                    ? 
_diffrn_radiation.polarisn_norm                    ? 
_diffrn_radiation.polarisn_ratio                   ? 
_diffrn_radiation.probe                            ? 
_diffrn_radiation.type                             ? 
_diffrn_radiation.xray_symbol                      ? 
_diffrn_radiation.wavelength_id                    1 
_diffrn_radiation.pdbx_monochromatic_or_laue_m_l   M 
_diffrn_radiation.pdbx_wavelength_list             ? 
_diffrn_radiation.pdbx_wavelength                  ? 
_diffrn_radiation.pdbx_diffrn_protocol             'SINGLE WAVELENGTH' 
_diffrn_radiation.pdbx_analyzer                    ? 
_diffrn_radiation.pdbx_scattering_type             x-ray 
# 
_diffrn_radiation_wavelength.id           1 
_diffrn_radiation_wavelength.wavelength   0.97741 
_diffrn_radiation_wavelength.wt           1.0 
# 
_diffrn_source.current                     ? 
_diffrn_source.details                     ? 
_diffrn_source.diffrn_id                   1 
_diffrn_source.power                       ? 
_diffrn_source.size                        ? 
_diffrn_source.source                      SYNCHROTRON 
_diffrn_source.target                      ? 
_diffrn_source.type                        'ALS BEAMLINE 5.0.1' 
_diffrn_source.voltage                     ? 
_diffrn_source.take-off_angle              ? 
_diffrn_source.pdbx_wavelength_list        0.97741 
_diffrn_source.pdbx_wavelength             ? 
_diffrn_source.pdbx_synchrotron_beamline   5.0.1 
_diffrn_source.pdbx_synchrotron_site       ALS 
# 
_reflns.B_iso_Wilson_estimate                          16.70 
_reflns.entry_id                                       7UXN 
_reflns.data_reduction_details                         ? 
_reflns.data_reduction_method                          ? 
_reflns.d_resolution_high                              1.36 
_reflns.d_resolution_low                               41.4100 
_reflns.details                                        ? 
_reflns.limit_h_max                                    ? 
_reflns.limit_h_min                                    ? 
_reflns.limit_k_max                                    ? 
_reflns.limit_k_min                                    ? 
_reflns.limit_l_max                                    ? 
_reflns.limit_l_min                                    ? 
_reflns.number_all                                     ? 
_reflns.number_obs                                     36286 
_reflns.observed_criterion                             ? 
_reflns.observed_criterion_F_max                       ? 
_reflns.observed_criterion_F_min                       ? 
_reflns.observed_criterion_I_max                       ? 
_reflns.observed_criterion_I_min                       ? 
_reflns.observed_criterion_sigma_F                     ? 
_reflns.observed_criterion_sigma_I                     ? 
_reflns.percent_possible_obs                           99.73 
_reflns.R_free_details                                 ? 
_reflns.Rmerge_F_all                                   ? 
_reflns.Rmerge_F_obs                                   ? 
_reflns.Friedel_coverage                               ? 
_reflns.number_gt                                      ? 
_reflns.threshold_expression                           ? 
_reflns.pdbx_redundancy                                12.3 
_reflns.pdbx_Rmerge_I_obs                              0.044 
_reflns.pdbx_Rmerge_I_all                              ? 
_reflns.pdbx_Rsym_value                                ? 
_reflns.pdbx_netI_over_av_sigmaI                       ? 
_reflns.pdbx_netI_over_sigmaI                          27.8 
_reflns.pdbx_res_netI_over_av_sigmaI_2                 ? 
_reflns.pdbx_res_netI_over_sigmaI_2                    ? 
_reflns.pdbx_chi_squared                               ? 
_reflns.pdbx_scaling_rejects                           ? 
_reflns.pdbx_d_res_high_opt                            ? 
_reflns.pdbx_d_res_low_opt                             ? 
_reflns.pdbx_d_res_opt_method                          ? 
_reflns.phase_calculation_details                      ? 
_reflns.pdbx_Rrim_I_all                                ? 
_reflns.pdbx_Rpim_I_all                                ? 
_reflns.pdbx_d_opt                                     ? 
_reflns.pdbx_number_measured_all                       ? 
_reflns.pdbx_diffrn_id                                 1 
_reflns.pdbx_ordinal                                   1 
_reflns.pdbx_CC_half                                   1.000 
_reflns.pdbx_CC_star                                   ? 
_reflns.pdbx_R_split                                   ? 
_reflns.pdbx_aniso_diffraction_limit_axis_1_ortho[1]   ? 
_reflns.pdbx_aniso_diffraction_limit_axis_1_ortho[2]   ? 
_reflns.pdbx_aniso_diffraction_limit_axis_1_ortho[3]   ? 
_reflns.pdbx_aniso_diffraction_limit_axis_2_ortho[1]   ? 
_reflns.pdbx_aniso_diffraction_limit_axis_2_ortho[2]   ? 
_reflns.pdbx_aniso_diffraction_limit_axis_2_ortho[3]   ? 
_reflns.pdbx_aniso_diffraction_limit_axis_3_ortho[1]   ? 
_reflns.pdbx_aniso_diffraction_limit_axis_3_ortho[2]   ? 
_reflns.pdbx_aniso_diffraction_limit_axis_3_ortho[3]   ? 
_reflns.pdbx_aniso_diffraction_limit_1                 ? 
_reflns.pdbx_aniso_diffraction_limit_2                 ? 
_reflns.pdbx_aniso_diffraction_limit_3                 ? 
_reflns.pdbx_aniso_B_tensor_eigenvector_1_ortho[1]     ? 
_reflns.pdbx_aniso_B_tensor_eigenvector_1_ortho[2]     ? 
_reflns.pdbx_aniso_B_tensor_eigenvector_1_ortho[3]     ? 
_reflns.pdbx_aniso_B_tensor_eigenvector_2_ortho[1]     ? 
_reflns.pdbx_aniso_B_tensor_eigenvector_2_ortho[2]     ? 
_reflns.pdbx_aniso_B_tensor_eigenvector_2_ortho[3]     ? 
_reflns.pdbx_aniso_B_tensor_eigenvector_3_ortho[1]     ? 
_reflns.pdbx_aniso_B_tensor_eigenvector_3_ortho[2]     ? 
_reflns.pdbx_aniso_B_tensor_eigenvector_3_ortho[3]     ? 
_reflns.pdbx_aniso_B_tensor_eigenvalue_1               ? 
_reflns.pdbx_aniso_B_tensor_eigenvalue_2               ? 
_reflns.pdbx_aniso_B_tensor_eigenvalue_3               ? 
_reflns.pdbx_orthogonalization_convention              ? 
_reflns.pdbx_percent_possible_ellipsoidal              ? 
_reflns.pdbx_percent_possible_spherical                ? 
_reflns.pdbx_percent_possible_ellipsoidal_anomalous    ? 
_reflns.pdbx_percent_possible_spherical_anomalous      ? 
_reflns.pdbx_redundancy_anomalous                      ? 
_reflns.pdbx_CC_half_anomalous                         ? 
_reflns.pdbx_absDiff_over_sigma_anomalous              ? 
_reflns.pdbx_percent_possible_anomalous                ? 
_reflns.pdbx_observed_signal_threshold                 ? 
_reflns.pdbx_signal_type                               ? 
_reflns.pdbx_signal_details                            ? 
_reflns.pdbx_signal_software_id                        ? 
_reflns.pdbx_CC_split_method                           ? 
# 
_reflns_shell.d_res_high                                    1.36 
_reflns_shell.d_res_low                                     1.41 
_reflns_shell.meanI_over_sigI_all                           ? 
_reflns_shell.meanI_over_sigI_obs                           ? 
_reflns_shell.number_measured_all                           ? 
_reflns_shell.number_measured_obs                           ? 
_reflns_shell.number_possible                               ? 
_reflns_shell.number_unique_all                             ? 
_reflns_shell.number_unique_obs                             3474 
_reflns_shell.percent_possible_all                          ? 
_reflns_shell.percent_possible_obs                          ? 
_reflns_shell.Rmerge_F_all                                  ? 
_reflns_shell.Rmerge_F_obs                                  ? 
_reflns_shell.Rmerge_I_all                                  ? 
_reflns_shell.Rmerge_I_obs                                  0.951 
_reflns_shell.meanI_over_sigI_gt                            ? 
_reflns_shell.meanI_over_uI_all                             ? 
_reflns_shell.meanI_over_uI_gt                              ? 
_reflns_shell.number_measured_gt                            ? 
_reflns_shell.number_unique_gt                              ? 
_reflns_shell.percent_possible_gt                           ? 
_reflns_shell.Rmerge_F_gt                                   ? 
_reflns_shell.Rmerge_I_gt                                   ? 
_reflns_shell.pdbx_redundancy                               ? 
_reflns_shell.pdbx_Rsym_value                               ? 
_reflns_shell.pdbx_chi_squared                              ? 
_reflns_shell.pdbx_netI_over_sigmaI_all                     ? 
_reflns_shell.pdbx_netI_over_sigmaI_obs                     ? 
_reflns_shell.pdbx_Rrim_I_all                               ? 
_reflns_shell.pdbx_Rpim_I_all                               ? 
_reflns_shell.pdbx_rejects                                  ? 
_reflns_shell.pdbx_ordinal                                  1 
_reflns_shell.pdbx_diffrn_id                                1 
_reflns_shell.pdbx_CC_half                                  0.755 
_reflns_shell.pdbx_CC_star                                  ? 
_reflns_shell.pdbx_R_split                                  ? 
_reflns_shell.pdbx_percent_possible_ellipsoidal             ? 
_reflns_shell.pdbx_percent_possible_spherical               ? 
_reflns_shell.pdbx_percent_possible_ellipsoidal_anomalous   ? 
_reflns_shell.pdbx_percent_possible_spherical_anomalous     ? 
_reflns_shell.pdbx_redundancy_anomalous                     ? 
_reflns_shell.pdbx_CC_half_anomalous                        ? 
_reflns_shell.pdbx_absDiff_over_sigma_anomalous             ? 
_reflns_shell.pdbx_percent_possible_anomalous               ? 
# 
_refine.aniso_B[1][1]                            ? 
_refine.aniso_B[1][2]                            ? 
_refine.aniso_B[1][3]                            ? 
_refine.aniso_B[2][2]                            ? 
_refine.aniso_B[2][3]                            ? 
_refine.aniso_B[3][3]                            ? 
_refine.B_iso_max                                56.490 
_refine.B_iso_mean                               21.3560 
_refine.B_iso_min                                10.490 
_refine.correlation_coeff_Fo_to_Fc               ? 
_refine.correlation_coeff_Fo_to_Fc_free          ? 
_refine.details                                  ? 
_refine.diff_density_max                         ? 
_refine.diff_density_max_esd                     ? 
_refine.diff_density_min                         ? 
_refine.diff_density_min_esd                     ? 
_refine.diff_density_rms                         ? 
_refine.diff_density_rms_esd                     ? 
_refine.entry_id                                 7UXN 
_refine.pdbx_refine_id                           'X-RAY DIFFRACTION' 
_refine.ls_abs_structure_details                 ? 
_refine.ls_abs_structure_Flack                   ? 
_refine.ls_abs_structure_Flack_esd               ? 
_refine.ls_abs_structure_Rogers                  ? 
_refine.ls_abs_structure_Rogers_esd              ? 
_refine.ls_d_res_high                            1.3600 
_refine.ls_d_res_low                             41.4100 
_refine.ls_extinction_coef                       ? 
_refine.ls_extinction_coef_esd                   ? 
_refine.ls_extinction_expression                 ? 
_refine.ls_extinction_method                     ? 
_refine.ls_goodness_of_fit_all                   ? 
_refine.ls_goodness_of_fit_all_esd               ? 
_refine.ls_goodness_of_fit_obs                   ? 
_refine.ls_goodness_of_fit_obs_esd               ? 
_refine.ls_hydrogen_treatment                    ? 
_refine.ls_matrix_type                           ? 
_refine.ls_number_constraints                    ? 
_refine.ls_number_parameters                     ? 
_refine.ls_number_reflns_all                     ? 
_refine.ls_number_reflns_obs                     36286 
_refine.ls_number_reflns_R_free                  2000 
_refine.ls_number_reflns_R_work                  34286 
_refine.ls_number_restraints                     ? 
_refine.ls_percent_reflns_obs                    99.7300 
_refine.ls_percent_reflns_R_free                 5.5100 
_refine.ls_R_factor_all                          ? 
_refine.ls_R_factor_obs                          0.1946 
_refine.ls_R_factor_R_free                       0.2166 
_refine.ls_R_factor_R_free_error                 ? 
_refine.ls_R_factor_R_free_error_details         ? 
_refine.ls_R_factor_R_work                       0.1933 
_refine.ls_R_Fsqd_factor_obs                     ? 
_refine.ls_R_I_factor_obs                        ? 
_refine.ls_redundancy_reflns_all                 ? 
_refine.ls_redundancy_reflns_obs                 ? 
_refine.ls_restrained_S_all                      ? 
_refine.ls_restrained_S_obs                      ? 
_refine.ls_shift_over_esd_max                    ? 
_refine.ls_shift_over_esd_mean                   ? 
_refine.ls_structure_factor_coef                 ? 
_refine.ls_weighting_details                     ? 
_refine.ls_weighting_scheme                      ? 
_refine.ls_wR_factor_all                         ? 
_refine.ls_wR_factor_obs                         ? 
_refine.ls_wR_factor_R_free                      ? 
_refine.ls_wR_factor_R_work                      ? 
_refine.occupancy_max                            ? 
_refine.occupancy_min                            ? 
_refine.solvent_model_details                    'FLAT BULK SOLVENT MODEL' 
_refine.solvent_model_param_bsol                 ? 
_refine.solvent_model_param_ksol                 ? 
_refine.pdbx_R_complete                          ? 
_refine.ls_R_factor_gt                           ? 
_refine.ls_goodness_of_fit_gt                    ? 
_refine.ls_goodness_of_fit_ref                   ? 
_refine.ls_shift_over_su_max                     ? 
_refine.ls_shift_over_su_max_lt                  ? 
_refine.ls_shift_over_su_mean                    ? 
_refine.ls_shift_over_su_mean_lt                 ? 
_refine.pdbx_ls_sigma_I                          ? 
_refine.pdbx_ls_sigma_F                          1.350 
_refine.pdbx_ls_sigma_Fsqd                       ? 
_refine.pdbx_data_cutoff_high_absF               ? 
_refine.pdbx_data_cutoff_high_rms_absF           ? 
_refine.pdbx_data_cutoff_low_absF                ? 
_refine.pdbx_isotropic_thermal_model             ? 
_refine.pdbx_ls_cross_valid_method               THROUGHOUT 
_refine.pdbx_method_to_determine_struct          'MOLECULAR REPLACEMENT' 
_refine.pdbx_starting_model                      3K0N 
_refine.pdbx_stereochemistry_target_values       ML 
_refine.pdbx_R_Free_selection_details            ? 
_refine.pdbx_stereochem_target_val_spec_case     ? 
_refine.pdbx_overall_ESU_R                       ? 
_refine.pdbx_overall_ESU_R_Free                  ? 
_refine.pdbx_solvent_vdw_probe_radii             1.1100 
_refine.pdbx_solvent_ion_probe_radii             ? 
_refine.pdbx_solvent_shrinkage_radii             0.9000 
_refine.pdbx_real_space_R                        ? 
_refine.pdbx_density_correlation                 ? 
_refine.pdbx_pd_number_of_powder_patterns        ? 
_refine.pdbx_pd_number_of_points                 ? 
_refine.pdbx_pd_meas_number_of_points            ? 
_refine.pdbx_pd_proc_ls_prof_R_factor            ? 
_refine.pdbx_pd_proc_ls_prof_wR_factor           ? 
_refine.pdbx_pd_Marquardt_correlation_coeff      ? 
_refine.pdbx_pd_Fsqrd_R_factor                   ? 
_refine.pdbx_pd_ls_matrix_band_width             ? 
_refine.pdbx_overall_phase_error                 21.7400 
_refine.pdbx_overall_SU_R_free_Cruickshank_DPI   ? 
_refine.pdbx_overall_SU_R_free_Blow_DPI          ? 
_refine.pdbx_overall_SU_R_Blow_DPI               ? 
_refine.pdbx_TLS_residual_ADP_flag               ? 
_refine.pdbx_diffrn_id                           1 
_refine.overall_SU_B                             ? 
_refine.overall_SU_ML                            0.1500 
_refine.overall_SU_R_Cruickshank_DPI             ? 
_refine.overall_SU_R_free                        ? 
_refine.overall_FOM_free_R_set                   ? 
_refine.overall_FOM_work_R_set                   ? 
_refine.pdbx_average_fsc_overall                 ? 
_refine.pdbx_average_fsc_work                    ? 
_refine.pdbx_average_fsc_free                    ? 
# 
_refine_hist.pdbx_refine_id                   'X-RAY DIFFRACTION' 
_refine_hist.cycle_id                         final 
_refine_hist.details                          ? 
_refine_hist.d_res_high                       1.3600 
_refine_hist.d_res_low                        41.4100 
_refine_hist.number_atoms_solvent             197 
_refine_hist.number_atoms_total               1562 
_refine_hist.number_reflns_all                ? 
_refine_hist.number_reflns_obs                ? 
_refine_hist.number_reflns_R_free             ? 
_refine_hist.number_reflns_R_work             ? 
_refine_hist.R_factor_all                     ? 
_refine_hist.R_factor_obs                     ? 
_refine_hist.R_factor_R_free                  ? 
_refine_hist.R_factor_R_work                  ? 
_refine_hist.pdbx_number_residues_total       176 
_refine_hist.pdbx_B_iso_mean_ligand           23.42 
_refine_hist.pdbx_B_iso_mean_solvent          30.48 
_refine_hist.pdbx_number_atoms_protein        1351 
_refine_hist.pdbx_number_atoms_nucleic_acid   0 
_refine_hist.pdbx_number_atoms_ligand         14 
_refine_hist.pdbx_number_atoms_lipid          ? 
_refine_hist.pdbx_number_atoms_carb           ? 
_refine_hist.pdbx_pseudo_atom_details         ? 
# 
loop_
_refine_ls_shell.pdbx_refine_id 
_refine_ls_shell.d_res_high 
_refine_ls_shell.d_res_low 
_refine_ls_shell.number_reflns_all 
_refine_ls_shell.number_reflns_obs 
_refine_ls_shell.number_reflns_R_free 
_refine_ls_shell.number_reflns_R_work 
_refine_ls_shell.percent_reflns_obs 
_refine_ls_shell.percent_reflns_R_free 
_refine_ls_shell.R_factor_all 
_refine_ls_shell.R_factor_obs 
_refine_ls_shell.R_factor_R_free 
_refine_ls_shell.R_factor_R_free_error 
_refine_ls_shell.R_factor_R_work 
_refine_ls_shell.redundancy_reflns_all 
_refine_ls_shell.redundancy_reflns_obs 
_refine_ls_shell.wR_factor_all 
_refine_ls_shell.wR_factor_obs 
_refine_ls_shell.wR_factor_R_free 
_refine_ls_shell.wR_factor_R_work 
_refine_ls_shell.pdbx_R_complete 
_refine_ls_shell.pdbx_total_number_of_bins_used 
_refine_ls_shell.pdbx_phase_error 
_refine_ls_shell.pdbx_fsc_work 
_refine_ls_shell.pdbx_fsc_free 
'X-RAY DIFFRACTION' 1.3600 1.3900  2450 . 135 2315 96.0000  . . . 0.3105 0.0000 0.2995 . . . . . . . 14 . . . 
'X-RAY DIFFRACTION' 1.3900 1.4300  2547 . 141 2406 100.0000 . . . 0.2671 0.0000 0.2697 . . . . . . . 14 . . . 
'X-RAY DIFFRACTION' 1.4300 1.4700  2560 . 141 2419 100.0000 . . . 0.2716 0.0000 0.2380 . . . . . . . 14 . . . 
'X-RAY DIFFRACTION' 1.4700 1.5200  2579 . 142 2437 100.0000 . . . 0.2406 0.0000 0.2271 . . . . . . . 14 . . . 
'X-RAY DIFFRACTION' 1.5200 1.5800  2546 . 140 2406 100.0000 . . . 0.2446 0.0000 0.2129 . . . . . . . 14 . . . 
'X-RAY DIFFRACTION' 1.5800 1.6400  2600 . 144 2456 100.0000 . . . 0.2332 0.0000 0.2181 . . . . . . . 14 . . . 
'X-RAY DIFFRACTION' 1.6400 1.7100  2557 . 140 2417 100.0000 . . . 0.2353 0.0000 0.2111 . . . . . . . 14 . . . 
'X-RAY DIFFRACTION' 1.7100 1.8000  2584 . 142 2442 100.0000 . . . 0.2575 0.0000 0.2029 . . . . . . . 14 . . . 
'X-RAY DIFFRACTION' 1.8000 1.9200  2598 . 144 2454 100.0000 . . . 0.2255 0.0000 0.2026 . . . . . . . 14 . . . 
'X-RAY DIFFRACTION' 1.9200 2.0600  2585 . 143 2442 100.0000 . . . 0.2408 0.0000 0.2068 . . . . . . . 14 . . . 
'X-RAY DIFFRACTION' 2.0600 2.2700  2608 . 143 2465 100.0000 . . . 0.2208 0.0000 0.1978 . . . . . . . 14 . . . 
'X-RAY DIFFRACTION' 2.2700 2.6000  2623 . 144 2479 100.0000 . . . 0.2201 0.0000 0.1963 . . . . . . . 14 . . . 
'X-RAY DIFFRACTION' 2.6000 3.2800  2657 . 147 2510 100.0000 . . . 0.2085 0.0000 0.1904 . . . . . . . 14 . . . 
'X-RAY DIFFRACTION' 3.2800 41.4100 2792 . 154 2638 100.0000 . . . 0.1838 0.0000 0.1619 . . . . . . . 14 . . . 
# 
_struct.entry_id                     7UXN 
_struct.title                        'Structure of PPIA in complex with FP29103, a Helicon Polypeptide' 
_struct.pdbx_model_details           ? 
_struct.pdbx_formula_weight          ? 
_struct.pdbx_formula_weight_method   ? 
_struct.pdbx_model_type_details      ? 
_struct.pdbx_CASP_flag               N 
# 
_struct_keywords.entry_id        7UXN 
_struct_keywords.text            'Complex, stapled, ISOMERASE' 
_struct_keywords.pdbx_keywords   ISOMERASE 
# 
loop_
_struct_asym.id 
_struct_asym.pdbx_blank_PDB_chainid_flag 
_struct_asym.pdbx_modified 
_struct_asym.entity_id 
_struct_asym.details 
A N N 1 ? 
B N N 2 ? 
C N N 3 ? 
D N N 4 ? 
E N N 4 ? 
# 
loop_
_struct_ref.id 
_struct_ref.db_name 
_struct_ref.db_code 
_struct_ref.pdbx_db_accession 
_struct_ref.pdbx_db_isoform 
_struct_ref.entity_id 
_struct_ref.pdbx_seq_one_letter_code 
_struct_ref.pdbx_align_begin 
1 UNP PPIA_HUMAN P62937 ? 1 
;MVNPTVFFDIAVDGEPLGRVSFELFADKVPKTAENFRALSTGEKGFGYKGSCFHRIIPGFMCQGGDFTRHNGTGGKSIYG
EKFEDENFILKHTGPGILSMANAGPNTNGSQFFICTAKTEWLDGKHVVFGKVKEGMNIVEAMERFGSRNGKTSKKITIAD
CGQLE
;
1 
2 PDB 7UXN       7UXN   ? 2 ? 1 
# 
loop_
_struct_ref_seq.align_id 
_struct_ref_seq.ref_id 
_struct_ref_seq.pdbx_PDB_id_code 
_struct_ref_seq.pdbx_strand_id 
_struct_ref_seq.seq_align_beg 
_struct_ref_seq.pdbx_seq_align_beg_ins_code 
_struct_ref_seq.seq_align_end 
_struct_ref_seq.pdbx_seq_align_end_ins_code 
_struct_ref_seq.pdbx_db_accession 
_struct_ref_seq.db_align_beg 
_struct_ref_seq.pdbx_db_align_beg_ins_code 
_struct_ref_seq.db_align_end 
_struct_ref_seq.pdbx_db_align_end_ins_code 
_struct_ref_seq.pdbx_auth_seq_align_beg 
_struct_ref_seq.pdbx_auth_seq_align_end 
1 1 7UXN A 2 ? 166 ? P62937 1 ? 165 ? 1 165 
2 2 7UXN B 1 ? 12  ? 7UXN   0 ? 11  ? 0 11  
# 
_struct_ref_seq_dif.align_id                     1 
_struct_ref_seq_dif.pdbx_pdb_id_code             7UXN 
_struct_ref_seq_dif.mon_id                       GLY 
_struct_ref_seq_dif.pdbx_pdb_strand_id           A 
_struct_ref_seq_dif.seq_num                      1 
_struct_ref_seq_dif.pdbx_pdb_ins_code            ? 
_struct_ref_seq_dif.pdbx_seq_db_name             UNP 
_struct_ref_seq_dif.pdbx_seq_db_accession_code   P62937 
_struct_ref_seq_dif.db_mon_id                    ? 
_struct_ref_seq_dif.pdbx_seq_db_seq_num          ? 
_struct_ref_seq_dif.details                      'expression tag' 
_struct_ref_seq_dif.pdbx_auth_seq_num            0 
_struct_ref_seq_dif.pdbx_ordinal                 1 
# 
_pdbx_struct_assembly.id                   1 
_pdbx_struct_assembly.details              author_and_software_defined_assembly 
_pdbx_struct_assembly.method_details       PISA 
_pdbx_struct_assembly.oligomeric_details   dimeric 
_pdbx_struct_assembly.oligomeric_count     2 
# 
loop_
_pdbx_struct_assembly_prop.biol_id 
_pdbx_struct_assembly_prop.type 
_pdbx_struct_assembly_prop.value 
_pdbx_struct_assembly_prop.details 
1 'ABSA (A^2)' 1420 ? 
1 MORE         -11  ? 
1 'SSA (A^2)'  7980 ? 
# 
_pdbx_struct_assembly_gen.assembly_id       1 
_pdbx_struct_assembly_gen.oper_expression   1 
_pdbx_struct_assembly_gen.asym_id_list      A,B,C,D,E 
# 
_pdbx_struct_assembly_auth_evidence.id                     1 
_pdbx_struct_assembly_auth_evidence.assembly_id            1 
_pdbx_struct_assembly_auth_evidence.experimental_support   'surface plasmon resonance' 
_pdbx_struct_assembly_auth_evidence.details                ? 
# 
_pdbx_struct_oper_list.id                   1 
_pdbx_struct_oper_list.type                 'identity operation' 
_pdbx_struct_oper_list.name                 1_555 
_pdbx_struct_oper_list.symmetry_operation   x,y,z 
_pdbx_struct_oper_list.matrix[1][1]         1.0000000000 
_pdbx_struct_oper_list.matrix[1][2]         0.0000000000 
_pdbx_struct_oper_list.matrix[1][3]         0.0000000000 
_pdbx_struct_oper_list.vector[1]            0.0000000000 
_pdbx_struct_oper_list.matrix[2][1]         0.0000000000 
_pdbx_struct_oper_list.matrix[2][2]         1.0000000000 
_pdbx_struct_oper_list.matrix[2][3]         0.0000000000 
_pdbx_struct_oper_list.vector[2]            0.0000000000 
_pdbx_struct_oper_list.matrix[3][1]         0.0000000000 
_pdbx_struct_oper_list.matrix[3][2]         0.0000000000 
_pdbx_struct_oper_list.matrix[3][3]         1.0000000000 
_pdbx_struct_oper_list.vector[3]            0.0000000000 
# 
loop_
_struct_conf.conf_type_id 
_struct_conf.id 
_struct_conf.pdbx_PDB_helix_id 
_struct_conf.beg_label_comp_id 
_struct_conf.beg_label_asym_id 
_struct_conf.beg_label_seq_id 
_struct_conf.pdbx_beg_PDB_ins_code 
_struct_conf.end_label_comp_id 
_struct_conf.end_label_asym_id 
_struct_conf.end_label_seq_id 
_struct_conf.pdbx_end_PDB_ins_code 
_struct_conf.beg_auth_comp_id 
_struct_conf.beg_auth_asym_id 
_struct_conf.beg_auth_seq_id 
_struct_conf.end_auth_comp_id 
_struct_conf.end_auth_asym_id 
_struct_conf.end_auth_seq_id 
_struct_conf.pdbx_PDB_helix_class 
_struct_conf.details 
_struct_conf.pdbx_PDB_helix_length 
HELX_P HELX_P1 AA1 VAL A 30  ? GLY A 43  ? VAL A 29  GLY A 42  1 ? 14 
HELX_P HELX_P2 AA2 THR A 120 ? ASP A 124 ? THR A 119 ASP A 123 5 ? 5  
HELX_P HELX_P3 AA3 GLY A 136 ? ARG A 145 ? GLY A 135 ARG A 144 1 ? 10 
HELX_P HELX_P4 AA4 ASP B 3   ? HIS B 12  ? ASP B 2   HIS B 11  1 ? 10 
# 
_struct_conf_type.id          HELX_P 
_struct_conf_type.criteria    ? 
_struct_conf_type.reference   ? 
# 
loop_
_struct_conn.id 
_struct_conn.conn_type_id 
_struct_conn.pdbx_leaving_atom_flag 
_struct_conn.pdbx_PDB_id 
_struct_conn.ptnr1_label_asym_id 
_struct_conn.ptnr1_label_comp_id 
_struct_conn.ptnr1_label_seq_id 
_struct_conn.ptnr1_label_atom_id 
_struct_conn.pdbx_ptnr1_label_alt_id 
_struct_conn.pdbx_ptnr1_PDB_ins_code 
_struct_conn.pdbx_ptnr1_standard_comp_id 
_struct_conn.ptnr1_symmetry 
_struct_conn.ptnr2_label_asym_id 
_struct_conn.ptnr2_label_comp_id 
_struct_conn.ptnr2_label_seq_id 
_struct_conn.ptnr2_label_atom_id 
_struct_conn.pdbx_ptnr2_label_alt_id 
_struct_conn.pdbx_ptnr2_PDB_ins_code 
_struct_conn.ptnr1_auth_asym_id 
_struct_conn.ptnr1_auth_comp_id 
_struct_conn.ptnr1_auth_seq_id 
_struct_conn.ptnr2_auth_asym_id 
_struct_conn.ptnr2_auth_comp_id 
_struct_conn.ptnr2_auth_seq_id 
_struct_conn.ptnr2_symmetry 
_struct_conn.pdbx_ptnr3_label_atom_id 
_struct_conn.pdbx_ptnr3_label_seq_id 
_struct_conn.pdbx_ptnr3_label_comp_id 
_struct_conn.pdbx_ptnr3_label_asym_id 
_struct_conn.pdbx_ptnr3_label_alt_id 
_struct_conn.pdbx_ptnr3_PDB_ins_code 
_struct_conn.details 
_struct_conn.pdbx_dist_value 
_struct_conn.pdbx_value_order 
_struct_conn.pdbx_role 
covale1 covale both ? B ACE 1  C  ? ? ? 1_555 B PRO 2 N  ? ? B ACE 0  B PRO 1   1_555 ? ? ? ? ? ? ? 1.322 ? ? 
covale2 covale none ? B CYS 4  SG ? ? ? 1_555 C WHL . CH ? ? B CYS 3  B WHL 101 1_555 ? ? ? ? ? ? ? 1.714 ? ? 
covale3 covale none ? B CYS 11 SG ? ? ? 1_555 C WHL . CK ? ? B CYS 10 B WHL 101 1_555 ? ? ? ? ? ? ? 1.752 ? ? 
# 
_struct_conn_type.id          covale 
_struct_conn_type.criteria    ? 
_struct_conn_type.reference   ? 
# 
loop_
_pdbx_modification_feature.ordinal 
_pdbx_modification_feature.label_comp_id 
_pdbx_modification_feature.label_asym_id 
_pdbx_modification_feature.label_seq_id 
_pdbx_modification_feature.label_alt_id 
_pdbx_modification_feature.modified_residue_label_comp_id 
_pdbx_modification_feature.modified_residue_label_asym_id 
_pdbx_modification_feature.modified_residue_label_seq_id 
_pdbx_modification_feature.modified_residue_label_alt_id 
_pdbx_modification_feature.auth_comp_id 
_pdbx_modification_feature.auth_asym_id 
_pdbx_modification_feature.auth_seq_id 
_pdbx_modification_feature.PDB_ins_code 
_pdbx_modification_feature.symmetry 
_pdbx_modification_feature.modified_residue_auth_comp_id 
_pdbx_modification_feature.modified_residue_auth_asym_id 
_pdbx_modification_feature.modified_residue_auth_seq_id 
_pdbx_modification_feature.modified_residue_PDB_ins_code 
_pdbx_modification_feature.modified_residue_symmetry 
_pdbx_modification_feature.comp_id_linking_atom 
_pdbx_modification_feature.modified_residue_id_linking_atom 
_pdbx_modification_feature.modified_residue_id 
_pdbx_modification_feature.ref_pcm_id 
_pdbx_modification_feature.ref_comp_id 
_pdbx_modification_feature.type 
_pdbx_modification_feature.category 
1 ACE B 1 ? PRO B 2  ? ACE B 0   ? 1_555 PRO B 1  ? 1_555 .  .  PRO 13 ACE None 'Terminal acetylation' 
2 WHL C . ? CYS B 4  ? WHL B 101 ? 1_555 CYS B 3  ? 1_555 CH SG CYS 1  WHL None Crosslinker            
3 WHL C . ? CYS B 11 ? WHL B 101 ? 1_555 CYS B 10 ? 1_555 CK SG CYS 2  WHL None Crosslinker            
# 
_struct_sheet.id               AA1 
_struct_sheet.type             ? 
_struct_sheet.number_strands   8 
_struct_sheet.details          ? 
# 
loop_
_struct_sheet_order.sheet_id 
_struct_sheet_order.range_id_1 
_struct_sheet_order.range_id_2 
_struct_sheet_order.offset 
_struct_sheet_order.sense 
AA1 1 2 ? anti-parallel 
AA1 2 3 ? anti-parallel 
AA1 3 4 ? anti-parallel 
AA1 4 5 ? anti-parallel 
AA1 5 6 ? anti-parallel 
AA1 6 7 ? anti-parallel 
AA1 7 8 ? anti-parallel 
# 
loop_
_struct_sheet_range.sheet_id 
_struct_sheet_range.id 
_struct_sheet_range.beg_label_comp_id 
_struct_sheet_range.beg_label_asym_id 
_struct_sheet_range.beg_label_seq_id 
_struct_sheet_range.pdbx_beg_PDB_ins_code 
_struct_sheet_range.end_label_comp_id 
_struct_sheet_range.end_label_asym_id 
_struct_sheet_range.end_label_seq_id 
_struct_sheet_range.pdbx_end_PDB_ins_code 
_struct_sheet_range.beg_auth_comp_id 
_struct_sheet_range.beg_auth_asym_id 
_struct_sheet_range.beg_auth_seq_id 
_struct_sheet_range.end_auth_comp_id 
_struct_sheet_range.end_auth_asym_id 
_struct_sheet_range.end_auth_seq_id 
AA1 1 PHE A 54  ? ILE A 58  ? PHE A 53  ILE A 57  
AA1 2 MET A 62  ? GLY A 65  ? MET A 61  GLY A 64  
AA1 3 PHE A 113 ? CYS A 116 ? PHE A 112 CYS A 115 
AA1 4 ILE A 98  ? MET A 101 ? ILE A 97  MET A 100 
AA1 5 VAL A 129 ? GLU A 135 ? VAL A 128 GLU A 134 
AA1 6 GLU A 16  ? LEU A 25  ? GLU A 15  LEU A 24  
AA1 7 THR A 6   ? VAL A 13  ? THR A 5   VAL A 12  
AA1 8 ILE A 157 ? GLN A 164 ? ILE A 156 GLN A 163 
# 
loop_
_pdbx_struct_sheet_hbond.sheet_id 
_pdbx_struct_sheet_hbond.range_id_1 
_pdbx_struct_sheet_hbond.range_id_2 
_pdbx_struct_sheet_hbond.range_1_label_atom_id 
_pdbx_struct_sheet_hbond.range_1_label_comp_id 
_pdbx_struct_sheet_hbond.range_1_label_asym_id 
_pdbx_struct_sheet_hbond.range_1_label_seq_id 
_pdbx_struct_sheet_hbond.range_1_PDB_ins_code 
_pdbx_struct_sheet_hbond.range_1_auth_atom_id 
_pdbx_struct_sheet_hbond.range_1_auth_comp_id 
_pdbx_struct_sheet_hbond.range_1_auth_asym_id 
_pdbx_struct_sheet_hbond.range_1_auth_seq_id 
_pdbx_struct_sheet_hbond.range_2_label_atom_id 
_pdbx_struct_sheet_hbond.range_2_label_comp_id 
_pdbx_struct_sheet_hbond.range_2_label_asym_id 
_pdbx_struct_sheet_hbond.range_2_label_seq_id 
_pdbx_struct_sheet_hbond.range_2_PDB_ins_code 
_pdbx_struct_sheet_hbond.range_2_auth_atom_id 
_pdbx_struct_sheet_hbond.range_2_auth_comp_id 
_pdbx_struct_sheet_hbond.range_2_auth_asym_id 
_pdbx_struct_sheet_hbond.range_2_auth_seq_id 
AA1 1 2 N ARG A 56  ? N ARG A 55  O GLN A 64  ? O GLN A 63  
AA1 2 3 N CYS A 63  ? N CYS A 62  O ILE A 115 ? O ILE A 114 
AA1 3 4 O CYS A 116 ? O CYS A 115 N ILE A 98  ? N ILE A 97  
AA1 4 5 N LEU A 99  ? N LEU A 98  O GLY A 131 ? O GLY A 130 
AA1 5 6 O LYS A 134 ? O LYS A 133 N SER A 22  ? N SER A 21  
AA1 6 7 O LEU A 18  ? O LEU A 17  N ILE A 11  ? N ILE A 10  
AA1 7 8 N ASP A 10  ? N ASP A 9   O ASP A 161 ? O ASP A 160 
# 
_pdbx_entry_details.entry_id                   7UXN 
_pdbx_entry_details.has_ligand_of_interest     N 
_pdbx_entry_details.compound_details           ? 
_pdbx_entry_details.source_details             ? 
_pdbx_entry_details.nonpolymer_details         ? 
_pdbx_entry_details.sequence_details           ? 
_pdbx_entry_details.has_protein_modification   Y 
# 
_pdbx_validate_torsion.id              1 
_pdbx_validate_torsion.PDB_model_num   1 
_pdbx_validate_torsion.auth_comp_id    PHE 
_pdbx_validate_torsion.auth_asym_id    A 
_pdbx_validate_torsion.auth_seq_id     60 
_pdbx_validate_torsion.PDB_ins_code    ? 
_pdbx_validate_torsion.label_alt_id    ? 
_pdbx_validate_torsion.phi             -126.90 
_pdbx_validate_torsion.psi             -73.88 
# 
loop_
_space_group_symop.id 
_space_group_symop.operation_xyz 
1 x,y,z           
2 x+1/2,-y+1/2,-z 
3 -x,y+1/2,-z+1/2 
4 -x+1/2,-y,z+1/2 
# 
loop_
_pdbx_unobs_or_zero_occ_residues.id 
_pdbx_unobs_or_zero_occ_residues.PDB_model_num 
_pdbx_unobs_or_zero_occ_residues.polymer_flag 
_pdbx_unobs_or_zero_occ_residues.occupancy_flag 
_pdbx_unobs_or_zero_occ_residues.auth_asym_id 
_pdbx_unobs_or_zero_occ_residues.auth_comp_id 
_pdbx_unobs_or_zero_occ_residues.auth_seq_id 
_pdbx_unobs_or_zero_occ_residues.PDB_ins_code 
_pdbx_unobs_or_zero_occ_residues.label_asym_id 
_pdbx_unobs_or_zero_occ_residues.label_comp_id 
_pdbx_unobs_or_zero_occ_residues.label_seq_id 
1 1 Y 1 A GLY 0 ? A GLY 1 
2 1 Y 1 A MET 1 ? A MET 2 
# 
loop_
_chem_comp_atom.comp_id 
_chem_comp_atom.atom_id 
_chem_comp_atom.type_symbol 
_chem_comp_atom.pdbx_aromatic_flag 
_chem_comp_atom.pdbx_stereo_config 
_chem_comp_atom.pdbx_ordinal 
ACE C    C N N 1   
ACE O    O N N 2   
ACE CH3  C N N 3   
ACE H    H N N 4   
ACE H1   H N N 5   
ACE H2   H N N 6   
ACE H3   H N N 7   
ALA N    N N N 8   
ALA CA   C N S 9   
ALA C    C N N 10  
ALA O    O N N 11  
ALA CB   C N N 12  
ALA OXT  O N N 13  
ALA H    H N N 14  
ALA H2   H N N 15  
ALA HA   H N N 16  
ALA HB1  H N N 17  
ALA HB2  H N N 18  
ALA HB3  H N N 19  
ALA HXT  H N N 20  
ARG N    N N N 21  
ARG CA   C N S 22  
ARG C    C N N 23  
ARG O    O N N 24  
ARG CB   C N N 25  
ARG CG   C N N 26  
ARG CD   C N N 27  
ARG NE   N N N 28  
ARG CZ   C N N 29  
ARG NH1  N N N 30  
ARG NH2  N N N 31  
ARG OXT  O N N 32  
ARG H    H N N 33  
ARG H2   H N N 34  
ARG HA   H N N 35  
ARG HB2  H N N 36  
ARG HB3  H N N 37  
ARG HG2  H N N 38  
ARG HG3  H N N 39  
ARG HD2  H N N 40  
ARG HD3  H N N 41  
ARG HE   H N N 42  
ARG HH11 H N N 43  
ARG HH12 H N N 44  
ARG HH21 H N N 45  
ARG HH22 H N N 46  
ARG HXT  H N N 47  
ASN N    N N N 48  
ASN CA   C N S 49  
ASN C    C N N 50  
ASN O    O N N 51  
ASN CB   C N N 52  
ASN CG   C N N 53  
ASN OD1  O N N 54  
ASN ND2  N N N 55  
ASN OXT  O N N 56  
ASN H    H N N 57  
ASN H2   H N N 58  
ASN HA   H N N 59  
ASN HB2  H N N 60  
ASN HB3  H N N 61  
ASN HD21 H N N 62  
ASN HD22 H N N 63  
ASN HXT  H N N 64  
ASP N    N N N 65  
ASP CA   C N S 66  
ASP C    C N N 67  
ASP O    O N N 68  
ASP CB   C N N 69  
ASP CG   C N N 70  
ASP OD1  O N N 71  
ASP OD2  O N N 72  
ASP OXT  O N N 73  
ASP H    H N N 74  
ASP H2   H N N 75  
ASP HA   H N N 76  
ASP HB2  H N N 77  
ASP HB3  H N N 78  
ASP HD2  H N N 79  
ASP HXT  H N N 80  
CYS N    N N N 81  
CYS CA   C N R 82  
CYS C    C N N 83  
CYS O    O N N 84  
CYS CB   C N N 85  
CYS SG   S N N 86  
CYS OXT  O N N 87  
CYS H    H N N 88  
CYS H2   H N N 89  
CYS HA   H N N 90  
CYS HB2  H N N 91  
CYS HB3  H N N 92  
CYS HG   H N N 93  
CYS HXT  H N N 94  
GLN N    N N N 95  
GLN CA   C N S 96  
GLN C    C N N 97  
GLN O    O N N 98  
GLN CB   C N N 99  
GLN CG   C N N 100 
GLN CD   C N N 101 
GLN OE1  O N N 102 
GLN NE2  N N N 103 
GLN OXT  O N N 104 
GLN H    H N N 105 
GLN H2   H N N 106 
GLN HA   H N N 107 
GLN HB2  H N N 108 
GLN HB3  H N N 109 
GLN HG2  H N N 110 
GLN HG3  H N N 111 
GLN HE21 H N N 112 
GLN HE22 H N N 113 
GLN HXT  H N N 114 
GLU N    N N N 115 
GLU CA   C N S 116 
GLU C    C N N 117 
GLU O    O N N 118 
GLU CB   C N N 119 
GLU CG   C N N 120 
GLU CD   C N N 121 
GLU OE1  O N N 122 
GLU OE2  O N N 123 
GLU OXT  O N N 124 
GLU H    H N N 125 
GLU H2   H N N 126 
GLU HA   H N N 127 
GLU HB2  H N N 128 
GLU HB3  H N N 129 
GLU HG2  H N N 130 
GLU HG3  H N N 131 
GLU HE2  H N N 132 
GLU HXT  H N N 133 
GLY N    N N N 134 
GLY CA   C N N 135 
GLY C    C N N 136 
GLY O    O N N 137 
GLY OXT  O N N 138 
GLY H    H N N 139 
GLY H2   H N N 140 
GLY HA2  H N N 141 
GLY HA3  H N N 142 
GLY HXT  H N N 143 
HIS N    N N N 144 
HIS CA   C N S 145 
HIS C    C N N 146 
HIS O    O N N 147 
HIS CB   C N N 148 
HIS CG   C Y N 149 
HIS ND1  N Y N 150 
HIS CD2  C Y N 151 
HIS CE1  C Y N 152 
HIS NE2  N Y N 153 
HIS OXT  O N N 154 
HIS H    H N N 155 
HIS H2   H N N 156 
HIS HA   H N N 157 
HIS HB2  H N N 158 
HIS HB3  H N N 159 
HIS HD1  H N N 160 
HIS HD2  H N N 161 
HIS HE1  H N N 162 
HIS HE2  H N N 163 
HIS HXT  H N N 164 
HOH O    O N N 165 
HOH H1   H N N 166 
HOH H2   H N N 167 
ILE N    N N N 168 
ILE CA   C N S 169 
ILE C    C N N 170 
ILE O    O N N 171 
ILE CB   C N S 172 
ILE CG1  C N N 173 
ILE CG2  C N N 174 
ILE CD1  C N N 175 
ILE OXT  O N N 176 
ILE H    H N N 177 
ILE H2   H N N 178 
ILE HA   H N N 179 
ILE HB   H N N 180 
ILE HG12 H N N 181 
ILE HG13 H N N 182 
ILE HG21 H N N 183 
ILE HG22 H N N 184 
ILE HG23 H N N 185 
ILE HD11 H N N 186 
ILE HD12 H N N 187 
ILE HD13 H N N 188 
ILE HXT  H N N 189 
LEU N    N N N 190 
LEU CA   C N S 191 
LEU C    C N N 192 
LEU O    O N N 193 
LEU CB   C N N 194 
LEU CG   C N N 195 
LEU CD1  C N N 196 
LEU CD2  C N N 197 
LEU OXT  O N N 198 
LEU H    H N N 199 
LEU H2   H N N 200 
LEU HA   H N N 201 
LEU HB2  H N N 202 
LEU HB3  H N N 203 
LEU HG   H N N 204 
LEU HD11 H N N 205 
LEU HD12 H N N 206 
LEU HD13 H N N 207 
LEU HD21 H N N 208 
LEU HD22 H N N 209 
LEU HD23 H N N 210 
LEU HXT  H N N 211 
LYS N    N N N 212 
LYS CA   C N S 213 
LYS C    C N N 214 
LYS O    O N N 215 
LYS CB   C N N 216 
LYS CG   C N N 217 
LYS CD   C N N 218 
LYS CE   C N N 219 
LYS NZ   N N N 220 
LYS OXT  O N N 221 
LYS H    H N N 222 
LYS H2   H N N 223 
LYS HA   H N N 224 
LYS HB2  H N N 225 
LYS HB3  H N N 226 
LYS HG2  H N N 227 
LYS HG3  H N N 228 
LYS HD2  H N N 229 
LYS HD3  H N N 230 
LYS HE2  H N N 231 
LYS HE3  H N N 232 
LYS HZ1  H N N 233 
LYS HZ2  H N N 234 
LYS HZ3  H N N 235 
LYS HXT  H N N 236 
MET N    N N N 237 
MET CA   C N S 238 
MET C    C N N 239 
MET O    O N N 240 
MET CB   C N N 241 
MET CG   C N N 242 
MET SD   S N N 243 
MET CE   C N N 244 
MET OXT  O N N 245 
MET H    H N N 246 
MET H2   H N N 247 
MET HA   H N N 248 
MET HB2  H N N 249 
MET HB3  H N N 250 
MET HG2  H N N 251 
MET HG3  H N N 252 
MET HE1  H N N 253 
MET HE2  H N N 254 
MET HE3  H N N 255 
MET HXT  H N N 256 
PHE N    N N N 257 
PHE CA   C N S 258 
PHE C    C N N 259 
PHE O    O N N 260 
PHE CB   C N N 261 
PHE CG   C Y N 262 
PHE CD1  C Y N 263 
PHE CD2  C Y N 264 
PHE CE1  C Y N 265 
PHE CE2  C Y N 266 
PHE CZ   C Y N 267 
PHE OXT  O N N 268 
PHE H    H N N 269 
PHE H2   H N N 270 
PHE HA   H N N 271 
PHE HB2  H N N 272 
PHE HB3  H N N 273 
PHE HD1  H N N 274 
PHE HD2  H N N 275 
PHE HE1  H N N 276 
PHE HE2  H N N 277 
PHE HZ   H N N 278 
PHE HXT  H N N 279 
PRO N    N N N 280 
PRO CA   C N S 281 
PRO C    C N N 282 
PRO O    O N N 283 
PRO CB   C N N 284 
PRO CG   C N N 285 
PRO CD   C N N 286 
PRO OXT  O N N 287 
PRO H    H N N 288 
PRO HA   H N N 289 
PRO HB2  H N N 290 
PRO HB3  H N N 291 
PRO HG2  H N N 292 
PRO HG3  H N N 293 
PRO HD2  H N N 294 
PRO HD3  H N N 295 
PRO HXT  H N N 296 
SER N    N N N 297 
SER CA   C N S 298 
SER C    C N N 299 
SER O    O N N 300 
SER CB   C N N 301 
SER OG   O N N 302 
SER OXT  O N N 303 
SER H    H N N 304 
SER H2   H N N 305 
SER HA   H N N 306 
SER HB2  H N N 307 
SER HB3  H N N 308 
SER HG   H N N 309 
SER HXT  H N N 310 
THR N    N N N 311 
THR CA   C N S 312 
THR C    C N N 313 
THR O    O N N 314 
THR CB   C N R 315 
THR OG1  O N N 316 
THR CG2  C N N 317 
THR OXT  O N N 318 
THR H    H N N 319 
THR H2   H N N 320 
THR HA   H N N 321 
THR HB   H N N 322 
THR HG1  H N N 323 
THR HG21 H N N 324 
THR HG22 H N N 325 
THR HG23 H N N 326 
THR HXT  H N N 327 
TRP N    N N N 328 
TRP CA   C N S 329 
TRP C    C N N 330 
TRP O    O N N 331 
TRP CB   C N N 332 
TRP CG   C Y N 333 
TRP CD1  C Y N 334 
TRP CD2  C Y N 335 
TRP NE1  N Y N 336 
TRP CE2  C Y N 337 
TRP CE3  C Y N 338 
TRP CZ2  C Y N 339 
TRP CZ3  C Y N 340 
TRP CH2  C Y N 341 
TRP OXT  O N N 342 
TRP H    H N N 343 
TRP H2   H N N 344 
TRP HA   H N N 345 
TRP HB2  H N N 346 
TRP HB3  H N N 347 
TRP HD1  H N N 348 
TRP HE1  H N N 349 
TRP HE3  H N N 350 
TRP HZ2  H N N 351 
TRP HZ3  H N N 352 
TRP HH2  H N N 353 
TRP HXT  H N N 354 
TYR N    N N N 355 
TYR CA   C N S 356 
TYR C    C N N 357 
TYR O    O N N 358 
TYR CB   C N N 359 
TYR CG   C Y N 360 
TYR CD1  C Y N 361 
TYR CD2  C Y N 362 
TYR CE1  C Y N 363 
TYR CE2  C Y N 364 
TYR CZ   C Y N 365 
TYR OH   O N N 366 
TYR OXT  O N N 367 
TYR H    H N N 368 
TYR H2   H N N 369 
TYR HA   H N N 370 
TYR HB2  H N N 371 
TYR HB3  H N N 372 
TYR HD1  H N N 373 
TYR HD2  H N N 374 
TYR HE1  H N N 375 
TYR HE2  H N N 376 
TYR HH   H N N 377 
TYR HXT  H N N 378 
VAL N    N N N 379 
VAL CA   C N S 380 
VAL C    C N N 381 
VAL O    O N N 382 
VAL CB   C N N 383 
VAL CG1  C N N 384 
VAL CG2  C N N 385 
VAL OXT  O N N 386 
VAL H    H N N 387 
VAL H2   H N N 388 
VAL HA   H N N 389 
VAL HB   H N N 390 
VAL HG11 H N N 391 
VAL HG12 H N N 392 
VAL HG13 H N N 393 
VAL HG21 H N N 394 
VAL HG22 H N N 395 
VAL HG23 H N N 396 
VAL HXT  H N N 397 
WHL CA   C Y N 398 
WHL CB   C Y N 399 
WHL NB   N N N 400 
WHL OB   O N N 401 
WHL CG   C N N 402 
WHL CD   C Y N 403 
WHL CE   C Y N 404 
WHL CH   C N N 405 
WHL CC   C Y N 406 
WHL CF   C Y N 407 
WHL CJ   C N N 408 
WHL CK   C N N 409 
WHL NA   N N N 410 
WHL OA   O N N 411 
WHL H1   H N N 412 
WHL H2   H N N 413 
WHL H3   H N N 414 
WHL H4   H N N 415 
WHL H5   H N N 416 
WHL H6   H N N 417 
WHL H7   H N N 418 
WHL H8   H N N 419 
WHL H9   H N N 420 
WHL H10  H N N 421 
WHL H11  H N N 422 
WHL H12  H N N 423 
# 
loop_
_chem_comp_bond.comp_id 
_chem_comp_bond.atom_id_1 
_chem_comp_bond.atom_id_2 
_chem_comp_bond.value_order 
_chem_comp_bond.pdbx_aromatic_flag 
_chem_comp_bond.pdbx_stereo_config 
_chem_comp_bond.pdbx_ordinal 
ACE C   O    doub N N 1   
ACE C   CH3  sing N N 2   
ACE C   H    sing N N 3   
ACE CH3 H1   sing N N 4   
ACE CH3 H2   sing N N 5   
ACE CH3 H3   sing N N 6   
ALA N   CA   sing N N 7   
ALA N   H    sing N N 8   
ALA N   H2   sing N N 9   
ALA CA  C    sing N N 10  
ALA CA  CB   sing N N 11  
ALA CA  HA   sing N N 12  
ALA C   O    doub N N 13  
ALA C   OXT  sing N N 14  
ALA CB  HB1  sing N N 15  
ALA CB  HB2  sing N N 16  
ALA CB  HB3  sing N N 17  
ALA OXT HXT  sing N N 18  
ARG N   CA   sing N N 19  
ARG N   H    sing N N 20  
ARG N   H2   sing N N 21  
ARG CA  C    sing N N 22  
ARG CA  CB   sing N N 23  
ARG CA  HA   sing N N 24  
ARG C   O    doub N N 25  
ARG C   OXT  sing N N 26  
ARG CB  CG   sing N N 27  
ARG CB  HB2  sing N N 28  
ARG CB  HB3  sing N N 29  
ARG CG  CD   sing N N 30  
ARG CG  HG2  sing N N 31  
ARG CG  HG3  sing N N 32  
ARG CD  NE   sing N N 33  
ARG CD  HD2  sing N N 34  
ARG CD  HD3  sing N N 35  
ARG NE  CZ   sing N N 36  
ARG NE  HE   sing N N 37  
ARG CZ  NH1  sing N N 38  
ARG CZ  NH2  doub N N 39  
ARG NH1 HH11 sing N N 40  
ARG NH1 HH12 sing N N 41  
ARG NH2 HH21 sing N N 42  
ARG NH2 HH22 sing N N 43  
ARG OXT HXT  sing N N 44  
ASN N   CA   sing N N 45  
ASN N   H    sing N N 46  
ASN N   H2   sing N N 47  
ASN CA  C    sing N N 48  
ASN CA  CB   sing N N 49  
ASN CA  HA   sing N N 50  
ASN C   O    doub N N 51  
ASN C   OXT  sing N N 52  
ASN CB  CG   sing N N 53  
ASN CB  HB2  sing N N 54  
ASN CB  HB3  sing N N 55  
ASN CG  OD1  doub N N 56  
ASN CG  ND2  sing N N 57  
ASN ND2 HD21 sing N N 58  
ASN ND2 HD22 sing N N 59  
ASN OXT HXT  sing N N 60  
ASP N   CA   sing N N 61  
ASP N   H    sing N N 62  
ASP N   H2   sing N N 63  
ASP CA  C    sing N N 64  
ASP CA  CB   sing N N 65  
ASP CA  HA   sing N N 66  
ASP C   O    doub N N 67  
ASP C   OXT  sing N N 68  
ASP CB  CG   sing N N 69  
ASP CB  HB2  sing N N 70  
ASP CB  HB3  sing N N 71  
ASP CG  OD1  doub N N 72  
ASP CG  OD2  sing N N 73  
ASP OD2 HD2  sing N N 74  
ASP OXT HXT  sing N N 75  
CYS N   CA   sing N N 76  
CYS N   H    sing N N 77  
CYS N   H2   sing N N 78  
CYS CA  C    sing N N 79  
CYS CA  CB   sing N N 80  
CYS CA  HA   sing N N 81  
CYS C   O    doub N N 82  
CYS C   OXT  sing N N 83  
CYS CB  SG   sing N N 84  
CYS CB  HB2  sing N N 85  
CYS CB  HB3  sing N N 86  
CYS SG  HG   sing N N 87  
CYS OXT HXT  sing N N 88  
GLN N   CA   sing N N 89  
GLN N   H    sing N N 90  
GLN N   H2   sing N N 91  
GLN CA  C    sing N N 92  
GLN CA  CB   sing N N 93  
GLN CA  HA   sing N N 94  
GLN C   O    doub N N 95  
GLN C   OXT  sing N N 96  
GLN CB  CG   sing N N 97  
GLN CB  HB2  sing N N 98  
GLN CB  HB3  sing N N 99  
GLN CG  CD   sing N N 100 
GLN CG  HG2  sing N N 101 
GLN CG  HG3  sing N N 102 
GLN CD  OE1  doub N N 103 
GLN CD  NE2  sing N N 104 
GLN NE2 HE21 sing N N 105 
GLN NE2 HE22 sing N N 106 
GLN OXT HXT  sing N N 107 
GLU N   CA   sing N N 108 
GLU N   H    sing N N 109 
GLU N   H2   sing N N 110 
GLU CA  C    sing N N 111 
GLU CA  CB   sing N N 112 
GLU CA  HA   sing N N 113 
GLU C   O    doub N N 114 
GLU C   OXT  sing N N 115 
GLU CB  CG   sing N N 116 
GLU CB  HB2  sing N N 117 
GLU CB  HB3  sing N N 118 
GLU CG  CD   sing N N 119 
GLU CG  HG2  sing N N 120 
GLU CG  HG3  sing N N 121 
GLU CD  OE1  doub N N 122 
GLU CD  OE2  sing N N 123 
GLU OE2 HE2  sing N N 124 
GLU OXT HXT  sing N N 125 
GLY N   CA   sing N N 126 
GLY N   H    sing N N 127 
GLY N   H2   sing N N 128 
GLY CA  C    sing N N 129 
GLY CA  HA2  sing N N 130 
GLY CA  HA3  sing N N 131 
GLY C   O    doub N N 132 
GLY C   OXT  sing N N 133 
GLY OXT HXT  sing N N 134 
HIS N   CA   sing N N 135 
HIS N   H    sing N N 136 
HIS N   H2   sing N N 137 
HIS CA  C    sing N N 138 
HIS CA  CB   sing N N 139 
HIS CA  HA   sing N N 140 
HIS C   O    doub N N 141 
HIS C   OXT  sing N N 142 
HIS CB  CG   sing N N 143 
HIS CB  HB2  sing N N 144 
HIS CB  HB3  sing N N 145 
HIS CG  ND1  sing Y N 146 
HIS CG  CD2  doub Y N 147 
HIS ND1 CE1  doub Y N 148 
HIS ND1 HD1  sing N N 149 
HIS CD2 NE2  sing Y N 150 
HIS CD2 HD2  sing N N 151 
HIS CE1 NE2  sing Y N 152 
HIS CE1 HE1  sing N N 153 
HIS NE2 HE2  sing N N 154 
HIS OXT HXT  sing N N 155 
HOH O   H1   sing N N 156 
HOH O   H2   sing N N 157 
ILE N   CA   sing N N 158 
ILE N   H    sing N N 159 
ILE N   H2   sing N N 160 
ILE CA  C    sing N N 161 
ILE CA  CB   sing N N 162 
ILE CA  HA   sing N N 163 
ILE C   O    doub N N 164 
ILE C   OXT  sing N N 165 
ILE CB  CG1  sing N N 166 
ILE CB  CG2  sing N N 167 
ILE CB  HB   sing N N 168 
ILE CG1 CD1  sing N N 169 
ILE CG1 HG12 sing N N 170 
ILE CG1 HG13 sing N N 171 
ILE CG2 HG21 sing N N 172 
ILE CG2 HG22 sing N N 173 
ILE CG2 HG23 sing N N 174 
ILE CD1 HD11 sing N N 175 
ILE CD1 HD12 sing N N 176 
ILE CD1 HD13 sing N N 177 
ILE OXT HXT  sing N N 178 
LEU N   CA   sing N N 179 
LEU N   H    sing N N 180 
LEU N   H2   sing N N 181 
LEU CA  C    sing N N 182 
LEU CA  CB   sing N N 183 
LEU CA  HA   sing N N 184 
LEU C   O    doub N N 185 
LEU C   OXT  sing N N 186 
LEU CB  CG   sing N N 187 
LEU CB  HB2  sing N N 188 
LEU CB  HB3  sing N N 189 
LEU CG  CD1  sing N N 190 
LEU CG  CD2  sing N N 191 
LEU CG  HG   sing N N 192 
LEU CD1 HD11 sing N N 193 
LEU CD1 HD12 sing N N 194 
LEU CD1 HD13 sing N N 195 
LEU CD2 HD21 sing N N 196 
LEU CD2 HD22 sing N N 197 
LEU CD2 HD23 sing N N 198 
LEU OXT HXT  sing N N 199 
LYS N   CA   sing N N 200 
LYS N   H    sing N N 201 
LYS N   H2   sing N N 202 
LYS CA  C    sing N N 203 
LYS CA  CB   sing N N 204 
LYS CA  HA   sing N N 205 
LYS C   O    doub N N 206 
LYS C   OXT  sing N N 207 
LYS CB  CG   sing N N 208 
LYS CB  HB2  sing N N 209 
LYS CB  HB3  sing N N 210 
LYS CG  CD   sing N N 211 
LYS CG  HG2  sing N N 212 
LYS CG  HG3  sing N N 213 
LYS CD  CE   sing N N 214 
LYS CD  HD2  sing N N 215 
LYS CD  HD3  sing N N 216 
LYS CE  NZ   sing N N 217 
LYS CE  HE2  sing N N 218 
LYS CE  HE3  sing N N 219 
LYS NZ  HZ1  sing N N 220 
LYS NZ  HZ2  sing N N 221 
LYS NZ  HZ3  sing N N 222 
LYS OXT HXT  sing N N 223 
MET N   CA   sing N N 224 
MET N   H    sing N N 225 
MET N   H2   sing N N 226 
MET CA  C    sing N N 227 
MET CA  CB   sing N N 228 
MET CA  HA   sing N N 229 
MET C   O    doub N N 230 
MET C   OXT  sing N N 231 
MET CB  CG   sing N N 232 
MET CB  HB2  sing N N 233 
MET CB  HB3  sing N N 234 
MET CG  SD   sing N N 235 
MET CG  HG2  sing N N 236 
MET CG  HG3  sing N N 237 
MET SD  CE   sing N N 238 
MET CE  HE1  sing N N 239 
MET CE  HE2  sing N N 240 
MET CE  HE3  sing N N 241 
MET OXT HXT  sing N N 242 
PHE N   CA   sing N N 243 
PHE N   H    sing N N 244 
PHE N   H2   sing N N 245 
PHE CA  C    sing N N 246 
PHE CA  CB   sing N N 247 
PHE CA  HA   sing N N 248 
PHE C   O    doub N N 249 
PHE C   OXT  sing N N 250 
PHE CB  CG   sing N N 251 
PHE CB  HB2  sing N N 252 
PHE CB  HB3  sing N N 253 
PHE CG  CD1  doub Y N 254 
PHE CG  CD2  sing Y N 255 
PHE CD1 CE1  sing Y N 256 
PHE CD1 HD1  sing N N 257 
PHE CD2 CE2  doub Y N 258 
PHE CD2 HD2  sing N N 259 
PHE CE1 CZ   doub Y N 260 
PHE CE1 HE1  sing N N 261 
PHE CE2 CZ   sing Y N 262 
PHE CE2 HE2  sing N N 263 
PHE CZ  HZ   sing N N 264 
PHE OXT HXT  sing N N 265 
PRO N   CA   sing N N 266 
PRO N   CD   sing N N 267 
PRO N   H    sing N N 268 
PRO CA  C    sing N N 269 
PRO CA  CB   sing N N 270 
PRO CA  HA   sing N N 271 
PRO C   O    doub N N 272 
PRO C   OXT  sing N N 273 
PRO CB  CG   sing N N 274 
PRO CB  HB2  sing N N 275 
PRO CB  HB3  sing N N 276 
PRO CG  CD   sing N N 277 
PRO CG  HG2  sing N N 278 
PRO CG  HG3  sing N N 279 
PRO CD  HD2  sing N N 280 
PRO CD  HD3  sing N N 281 
PRO OXT HXT  sing N N 282 
SER N   CA   sing N N 283 
SER N   H    sing N N 284 
SER N   H2   sing N N 285 
SER CA  C    sing N N 286 
SER CA  CB   sing N N 287 
SER CA  HA   sing N N 288 
SER C   O    doub N N 289 
SER C   OXT  sing N N 290 
SER CB  OG   sing N N 291 
SER CB  HB2  sing N N 292 
SER CB  HB3  sing N N 293 
SER OG  HG   sing N N 294 
SER OXT HXT  sing N N 295 
THR N   CA   sing N N 296 
THR N   H    sing N N 297 
THR N   H2   sing N N 298 
THR CA  C    sing N N 299 
THR CA  CB   sing N N 300 
THR CA  HA   sing N N 301 
THR C   O    doub N N 302 
THR C   OXT  sing N N 303 
THR CB  OG1  sing N N 304 
THR CB  CG2  sing N N 305 
THR CB  HB   sing N N 306 
THR OG1 HG1  sing N N 307 
THR CG2 HG21 sing N N 308 
THR CG2 HG22 sing N N 309 
THR CG2 HG23 sing N N 310 
THR OXT HXT  sing N N 311 
TRP N   CA   sing N N 312 
TRP N   H    sing N N 313 
TRP N   H2   sing N N 314 
TRP CA  C    sing N N 315 
TRP CA  CB   sing N N 316 
TRP CA  HA   sing N N 317 
TRP C   O    doub N N 318 
TRP C   OXT  sing N N 319 
TRP CB  CG   sing N N 320 
TRP CB  HB2  sing N N 321 
TRP CB  HB3  sing N N 322 
TRP CG  CD1  doub Y N 323 
TRP CG  CD2  sing Y N 324 
TRP CD1 NE1  sing Y N 325 
TRP CD1 HD1  sing N N 326 
TRP CD2 CE2  doub Y N 327 
TRP CD2 CE3  sing Y N 328 
TRP NE1 CE2  sing Y N 329 
TRP NE1 HE1  sing N N 330 
TRP CE2 CZ2  sing Y N 331 
TRP CE3 CZ3  doub Y N 332 
TRP CE3 HE3  sing N N 333 
TRP CZ2 CH2  doub Y N 334 
TRP CZ2 HZ2  sing N N 335 
TRP CZ3 CH2  sing Y N 336 
TRP CZ3 HZ3  sing N N 337 
TRP CH2 HH2  sing N N 338 
TRP OXT HXT  sing N N 339 
TYR N   CA   sing N N 340 
TYR N   H    sing N N 341 
TYR N   H2   sing N N 342 
TYR CA  C    sing N N 343 
TYR CA  CB   sing N N 344 
TYR CA  HA   sing N N 345 
TYR C   O    doub N N 346 
TYR C   OXT  sing N N 347 
TYR CB  CG   sing N N 348 
TYR CB  HB2  sing N N 349 
TYR CB  HB3  sing N N 350 
TYR CG  CD1  doub Y N 351 
TYR CG  CD2  sing Y N 352 
TYR CD1 CE1  sing Y N 353 
TYR CD1 HD1  sing N N 354 
TYR CD2 CE2  doub Y N 355 
TYR CD2 HD2  sing N N 356 
TYR CE1 CZ   doub Y N 357 
TYR CE1 HE1  sing N N 358 
TYR CE2 CZ   sing Y N 359 
TYR CE2 HE2  sing N N 360 
TYR CZ  OH   sing N N 361 
TYR OH  HH   sing N N 362 
TYR OXT HXT  sing N N 363 
VAL N   CA   sing N N 364 
VAL N   H    sing N N 365 
VAL N   H2   sing N N 366 
VAL CA  C    sing N N 367 
VAL CA  CB   sing N N 368 
VAL CA  HA   sing N N 369 
VAL C   O    doub N N 370 
VAL C   OXT  sing N N 371 
VAL CB  CG1  sing N N 372 
VAL CB  CG2  sing N N 373 
VAL CB  HB   sing N N 374 
VAL CG1 HG11 sing N N 375 
VAL CG1 HG12 sing N N 376 
VAL CG1 HG13 sing N N 377 
VAL CG2 HG21 sing N N 378 
VAL CG2 HG22 sing N N 379 
VAL CG2 HG23 sing N N 380 
VAL OXT HXT  sing N N 381 
WHL CK  CJ   sing N N 382 
WHL CJ  NB   sing N N 383 
WHL CJ  OA   doub N N 384 
WHL NB  CC   sing N N 385 
WHL CC  CB   doub Y N 386 
WHL CC  CD   sing Y N 387 
WHL CB  CA   sing Y N 388 
WHL CD  CE   doub Y N 389 
WHL CA  CF   doub Y N 390 
WHL CE  CF   sing Y N 391 
WHL CF  NA   sing N N 392 
WHL OB  CG   doub N N 393 
WHL NA  CG   sing N N 394 
WHL CG  CH   sing N N 395 
WHL CA  H1   sing N N 396 
WHL CB  H2   sing N N 397 
WHL NB  H3   sing N N 398 
WHL CD  H4   sing N N 399 
WHL CE  H5   sing N N 400 
WHL CH  H6   sing N N 401 
WHL CH  H7   sing N N 402 
WHL CH  H8   sing N N 403 
WHL CK  H9   sing N N 404 
WHL CK  H10  sing N N 405 
WHL CK  H11  sing N N 406 
WHL NA  H12  sing N N 407 
# 
_pdbx_audit_support.funding_organization   'Other private' 
_pdbx_audit_support.country                'United States' 
_pdbx_audit_support.grant_number           ? 
_pdbx_audit_support.ordinal                1 
# 
_pdbx_initial_refinement_model.id               1 
_pdbx_initial_refinement_model.entity_id_list   ? 
_pdbx_initial_refinement_model.type             'experimental model' 
_pdbx_initial_refinement_model.source_name      PDB 
_pdbx_initial_refinement_model.accession_code   3K0N 
_pdbx_initial_refinement_model.details          ? 
# 
_space_group.name_H-M_alt     'P 21 21 21' 
_space_group.name_Hall        'P 2ac 2ab' 
_space_group.IT_number        19 
_space_group.crystal_system   orthorhombic 
_space_group.id               1 
# 
_atom_sites.entry_id                    7UXN 
_atom_sites.Cartn_transf_matrix[1][1]   ? 
_atom_sites.Cartn_transf_matrix[1][2]   ? 
_atom_sites.Cartn_transf_matrix[1][3]   ? 
_atom_sites.Cartn_transf_matrix[2][1]   ? 
_atom_sites.Cartn_transf_matrix[2][2]   ? 
_atom_sites.Cartn_transf_matrix[2][3]   ? 
_atom_sites.Cartn_transf_matrix[3][1]   ? 
_atom_sites.Cartn_transf_matrix[3][2]   ? 
_atom_sites.Cartn_transf_matrix[3][3]   ? 
_atom_sites.Cartn_transf_vector[1]      ? 
_atom_sites.Cartn_transf_vector[2]      ? 
_atom_sites.Cartn_transf_vector[3]      ? 
_atom_sites.fract_transf_matrix[1][1]   -0.00294996 
_atom_sites.fract_transf_matrix[1][2]   -0.01899734 
_atom_sites.fract_transf_matrix[1][3]   -0.01396878 
_atom_sites.fract_transf_matrix[2][1]   -0.02008904 
_atom_sites.fract_transf_matrix[2][2]   -0.00087504 
_atom_sites.fract_transf_matrix[2][3]   0.00543250 
_atom_sites.fract_transf_matrix[3][1]   -0.00284823 
_atom_sites.fract_transf_matrix[3][2]   0.00731993 
_atom_sites.fract_transf_matrix[3][3]   -0.00935350 
_atom_sites.fract_transf_vector[1]      0.040119 
_atom_sites.fract_transf_vector[2]      0.005680 
_atom_sites.fract_transf_vector[3]      -0.109822 
_atom_sites.solution_primary            ? 
_atom_sites.solution_secondary          ? 
_atom_sites.solution_hydrogens          ? 
_atom_sites.special_details             ? 
# 
loop_
_atom_type.symbol 
_atom_type.scat_dispersion_real 
_atom_type.scat_dispersion_imag 
_atom_type.scat_Cromer_Mann_a1 
_atom_type.scat_Cromer_Mann_a2 
_atom_type.scat_Cromer_Mann_a3 
_atom_type.scat_Cromer_Mann_a4 
_atom_type.scat_Cromer_Mann_b1 
_atom_type.scat_Cromer_Mann_b2 
_atom_type.scat_Cromer_Mann_b3 
_atom_type.scat_Cromer_Mann_b4 
_atom_type.scat_Cromer_Mann_c 
_atom_type.scat_source 
_atom_type.scat_dispersion_source 
C ? ? 3.54356 2.42580 ? ? 25.62398 1.50364  ? ? 0.0 
;2-Gaussian fit: Grosse-Kunstleve RW, Sauter NK, Adams PD: Newsletter of the IUCr Commission on Crystallographic Computing 2004, 3, 22-31.
;
? 
N ? ? 4.01032 2.96436 ? ? 19.97189 1.75589  ? ? 0.0 
;2-Gaussian fit: Grosse-Kunstleve RW, Sauter NK, Adams PD: Newsletter of the IUCr Commission on Crystallographic Computing 2004, 3, 22-31.
;
? 
O ? ? 4.49882 3.47563 ? ? 15.80542 1.70748  ? ? 0.0 
;2-Gaussian fit: Grosse-Kunstleve RW, Sauter NK, Adams PD: Newsletter of the IUCr Commission on Crystallographic Computing 2004, 3, 22-31.
;
? 
S ? ? 9.55732 6.39887 ? ? 1.23737  29.19336 ? ? 0.0 
;2-Gaussian fit: Grosse-Kunstleve RW, Sauter NK, Adams PD: Newsletter of the IUCr Commission on Crystallographic Computing 2004, 3, 22-31.
;
? 
# 
loop_
_atom_site.group_PDB 
_atom_site.id 
_atom_site.type_symbol 
_atom_site.label_atom_id 
_atom_site.label_alt_id 
_atom_site.label_comp_id 
_atom_site.label_asym_id 
_atom_site.label_entity_id 
_atom_site.label_seq_id 
_atom_site.pdbx_PDB_ins_code 
_atom_site.Cartn_x 
_atom_site.Cartn_y 
_atom_site.Cartn_z 
_atom_site.occupancy 
_atom_site.B_iso_or_equiv 
_atom_site.pdbx_formal_charge 
_atom_site.auth_seq_id 
_atom_site.auth_comp_id 
_atom_site.auth_asym_id 
_atom_site.auth_atom_id 
_atom_site.pdbx_PDB_model_num 
ATOM   1    N N   . VAL A 1 3   ? 20.072  5.933   -7.338  1.00 40.24 ? 2   VAL A N   1 
ATOM   2    C CA  . VAL A 1 3   ? 19.059  5.023   -7.866  1.00 38.14 ? 2   VAL A CA  1 
ATOM   3    C C   . VAL A 1 3   ? 17.931  4.816   -6.852  1.00 33.56 ? 2   VAL A C   1 
ATOM   4    O O   . VAL A 1 3   ? 18.158  4.808   -5.644  1.00 35.61 ? 2   VAL A O   1 
ATOM   5    C CB  . VAL A 1 3   ? 19.675  3.683   -8.335  1.00 41.10 ? 2   VAL A CB  1 
ATOM   6    C CG1 . VAL A 1 3   ? 19.951  2.765   -7.150  1.00 34.61 ? 2   VAL A CG1 1 
ATOM   7    C CG2 . VAL A 1 3   ? 18.767  3.001   -9.356  1.00 39.95 ? 2   VAL A CG2 1 
ATOM   8    N N   . ASN A 1 4   ? 16.716  4.659   -7.361  1.00 29.05 ? 3   ASN A N   1 
ATOM   9    C CA  . ASN A 1 4   ? 15.558  4.496   -6.496  1.00 23.80 ? 3   ASN A CA  1 
ATOM   10   C C   . ASN A 1 4   ? 15.612  3.134   -5.805  1.00 22.79 ? 3   ASN A C   1 
ATOM   11   O O   . ASN A 1 4   ? 15.945  2.127   -6.444  1.00 19.96 ? 3   ASN A O   1 
ATOM   12   C CB  . ASN A 1 4   ? 14.281  4.591   -7.331  1.00 19.16 ? 3   ASN A CB  1 
ATOM   13   C CG  . ASN A 1 4   ? 13.843  6.030   -7.585  1.00 17.01 ? 3   ASN A CG  1 
ATOM   14   O OD1 . ASN A 1 4   ? 14.224  6.944   -6.854  1.00 20.95 ? 3   ASN A OD1 1 
ATOM   15   N ND2 . ASN A 1 4   ? 13.024  6.225   -8.606  1.00 19.72 ? 3   ASN A ND2 1 
ATOM   16   N N   . PRO A 1 5   ? 15.271  3.068   -4.517  1.00 20.13 ? 4   PRO A N   1 
ATOM   17   C CA  . PRO A 1 5   ? 15.298  1.779   -3.811  1.00 19.38 ? 4   PRO A CA  1 
ATOM   18   C C   . PRO A 1 5   ? 14.214  0.846   -4.324  1.00 16.07 ? 4   PRO A C   1 
ATOM   19   O O   . PRO A 1 5   ? 13.187  1.265   -4.871  1.00 18.34 ? 4   PRO A O   1 
ATOM   20   C CB  . PRO A 1 5   ? 15.034  2.150   -2.346  1.00 23.61 ? 4   PRO A CB  1 
ATOM   21   C CG  . PRO A 1 5   ? 14.937  3.657   -2.293  1.00 26.65 ? 4   PRO A CG  1 
ATOM   22   C CD  . PRO A 1 5   ? 14.760  4.165   -3.682  1.00 21.27 ? 4   PRO A CD  1 
ATOM   23   N N   . THR A 1 6   ? 14.458  -0.444  -4.128  1.00 16.57 ? 5   THR A N   1 
ATOM   24   C CA  . THR A 1 6   ? 13.508  -1.493  -4.452  1.00 15.91 ? 5   THR A CA  1 
ATOM   25   C C   . THR A 1 6   ? 13.216  -2.277  -3.185  1.00 16.78 ? 5   THR A C   1 
ATOM   26   O O   . THR A 1 6   ? 14.147  -2.714  -2.496  1.00 18.71 ? 5   THR A O   1 
ATOM   27   C CB  . THR A 1 6   ? 14.091  -2.444  -5.503  1.00 21.14 ? 5   THR A CB  1 
ATOM   28   O OG1 . THR A 1 6   ? 14.427  -1.700  -6.683  1.00 22.40 ? 5   THR A OG1 1 
ATOM   29   C CG2 . THR A 1 6   ? 13.096  -3.544  -5.851  1.00 23.25 ? 5   THR A CG2 1 
ATOM   30   N N   . VAL A 1 7   ? 11.933  -2.438  -2.864  1.00 15.85 ? 6   VAL A N   1 
ATOM   31   C CA  A VAL A 1 7   ? 11.509  -3.250  -1.732  0.68 15.76 ? 6   VAL A CA  1 
ATOM   32   C CA  B VAL A 1 7   ? 11.504  -3.246  -1.731  0.32 15.84 ? 6   VAL A CA  1 
ATOM   33   C C   . VAL A 1 7   ? 10.647  -4.393  -2.245  1.00 16.30 ? 6   VAL A C   1 
ATOM   34   O O   . VAL A 1 7   ? 10.179  -4.389  -3.383  1.00 16.57 ? 6   VAL A O   1 
ATOM   35   C CB  A VAL A 1 7   ? 10.785  -2.438  -0.641  0.68 17.85 ? 6   VAL A CB  1 
ATOM   36   C CB  B VAL A 1 7   ? 10.761  -2.428  -0.657  0.32 17.80 ? 6   VAL A CB  1 
ATOM   37   C CG1 A VAL A 1 7   ? 11.710  -1.361  -0.094  0.68 19.51 ? 6   VAL A CG1 1 
ATOM   38   C CG1 B VAL A 1 7   ? 11.682  -1.373  -0.069  0.32 19.46 ? 6   VAL A CG1 1 
ATOM   39   C CG2 A VAL A 1 7   ? 9.507   -1.832  -1.189  0.68 16.28 ? 6   VAL A CG2 1 
ATOM   40   C CG2 B VAL A 1 7   ? 9.514   -1.792  -1.246  0.32 16.29 ? 6   VAL A CG2 1 
ATOM   41   N N   . PHE A 1 8   ? 10.467  -5.399  -1.398  1.00 17.50 ? 7   PHE A N   1 
ATOM   42   C CA  . PHE A 1 8   ? 9.691   -6.564  -1.777  1.00 17.44 ? 7   PHE A CA  1 
ATOM   43   C C   . PHE A 1 8   ? 8.738   -6.942  -0.655  1.00 16.73 ? 7   PHE A C   1 
ATOM   44   O O   . PHE A 1 8   ? 9.007   -6.687  0.527   1.00 15.70 ? 7   PHE A O   1 
ATOM   45   C CB  . PHE A 1 8   ? 10.601  -7.766  -2.109  1.00 20.01 ? 7   PHE A CB  1 
ATOM   46   C CG  . PHE A 1 8   ? 11.260  -8.376  -0.906  1.00 19.87 ? 7   PHE A CG  1 
ATOM   47   C CD1 . PHE A 1 8   ? 12.455  -7.869  -0.421  1.00 21.29 ? 7   PHE A CD1 1 
ATOM   48   C CD2 . PHE A 1 8   ? 10.674  -9.449  -0.247  1.00 21.54 ? 7   PHE A CD2 1 
ATOM   49   C CE1 . PHE A 1 8   ? 13.052  -8.422  0.704   1.00 20.71 ? 7   PHE A CE1 1 
ATOM   50   C CE2 . PHE A 1 8   ? 11.267  -10.001 0.872   1.00 22.37 ? 7   PHE A CE2 1 
ATOM   51   C CZ  . PHE A 1 8   ? 12.456  -9.483  1.344   1.00 21.97 ? 7   PHE A CZ  1 
ATOM   52   N N   . PHE A 1 9   ? 7.617   -7.543  -1.053  1.00 15.88 ? 8   PHE A N   1 
ATOM   53   C CA  . PHE A 1 9   ? 6.684   -8.240  -0.173  1.00 15.32 ? 8   PHE A CA  1 
ATOM   54   C C   . PHE A 1 9   ? 6.625   -9.678  -0.660  1.00 17.47 ? 8   PHE A C   1 
ATOM   55   O O   . PHE A 1 9   ? 6.470   -9.920  -1.862  1.00 17.34 ? 8   PHE A O   1 
ATOM   56   C CB  . PHE A 1 9   ? 5.242   -7.730  -0.333  1.00 15.31 ? 8   PHE A CB  1 
ATOM   57   C CG  . PHE A 1 9   ? 4.971   -6.361  0.211   1.00 14.37 ? 8   PHE A CG  1 
ATOM   58   C CD1 . PHE A 1 9   ? 5.908   -5.644  0.941   1.00 14.34 ? 8   PHE A CD1 1 
ATOM   59   C CD2 . PHE A 1 9   ? 3.725   -5.786  -0.018  1.00 12.70 ? 8   PHE A CD2 1 
ATOM   60   C CE1 . PHE A 1 9   ? 5.608   -4.373  1.424   1.00 14.08 ? 8   PHE A CE1 1 
ATOM   61   C CE2 . PHE A 1 9   ? 3.413   -4.534  0.470   1.00 14.03 ? 8   PHE A CE2 1 
ATOM   62   C CZ  . PHE A 1 9   ? 4.342   -3.824  1.188   1.00 13.37 ? 8   PHE A CZ  1 
ATOM   63   N N   . ASP A 1 10  ? 6.719   -10.629 0.263   1.00 17.85 ? 9   ASP A N   1 
ATOM   64   C CA  . ASP A 1 10  ? 6.376   -12.015 -0.021  1.00 18.40 ? 9   ASP A CA  1 
ATOM   65   C C   . ASP A 1 10  ? 4.960   -12.247 0.480   1.00 17.72 ? 9   ASP A C   1 
ATOM   66   O O   . ASP A 1 10  ? 4.704   -12.131 1.684   1.00 18.70 ? 9   ASP A O   1 
ATOM   67   C CB  . ASP A 1 10  ? 7.347   -12.968 0.674   1.00 19.87 ? 9   ASP A CB  1 
ATOM   68   C CG  . ASP A 1 10  ? 8.677   -13.071 -0.041  1.00 23.70 ? 9   ASP A CG  1 
ATOM   69   O OD1 . ASP A 1 10  ? 8.695   -12.946 -1.282  1.00 29.05 ? 9   ASP A OD1 1 
ATOM   70   O OD2 . ASP A 1 10  ? 9.695   -13.279 0.645   1.00 28.50 ? 9   ASP A OD2 1 
ATOM   71   N N   . ILE A 1 11  ? 4.054   -12.565 -0.432  1.00 17.48 ? 10  ILE A N   1 
ATOM   72   C CA  . ILE A 1 11  ? 2.625   -12.633 -0.147  1.00 18.03 ? 10  ILE A CA  1 
ATOM   73   C C   . ILE A 1 11  ? 2.246   -14.073 0.146   1.00 22.01 ? 10  ILE A C   1 
ATOM   74   O O   . ILE A 1 11  ? 2.691   -14.997 -0.546  1.00 22.42 ? 10  ILE A O   1 
ATOM   75   C CB  . ILE A 1 11  ? 1.805   -12.093 -1.334  1.00 16.87 ? 10  ILE A CB  1 
ATOM   76   C CG1 . ILE A 1 11  ? 2.239   -10.671 -1.696  1.00 19.22 ? 10  ILE A CG1 1 
ATOM   77   C CG2 . ILE A 1 11  ? 0.303   -12.143 -1.013  1.00 20.12 ? 10  ILE A CG2 1 
ATOM   78   C CD1 . ILE A 1 11  ? 1.848   -9.643  -0.663  1.00 19.58 ? 10  ILE A CD1 1 
ATOM   79   N N   . ALA A 1 12  ? 1.411   -14.267 1.160   1.00 19.25 ? 11  ALA A N   1 
ATOM   80   C CA  . ALA A 1 12  ? 0.863   -15.576 1.478   1.00 20.94 ? 11  ALA A CA  1 
ATOM   81   C C   . ALA A 1 12  ? -0.659  -15.535 1.485   1.00 20.91 ? 11  ALA A C   1 
ATOM   82   O O   . ALA A 1 12  ? -1.275  -14.495 1.743   1.00 20.96 ? 11  ALA A O   1 
ATOM   83   C CB  . ALA A 1 12  ? 1.374   -16.086 2.832   1.00 23.01 ? 11  ALA A CB  1 
ATOM   84   N N   . VAL A 1 13  ? -1.262  -16.682 1.195   1.00 22.60 ? 12  VAL A N   1 
ATOM   85   C CA  A VAL A 1 13  ? -2.709  -16.848 1.189   0.66 20.93 ? 12  VAL A CA  1 
ATOM   86   C CA  B VAL A 1 13  ? -2.709  -16.847 1.192   0.34 20.97 ? 12  VAL A CA  1 
ATOM   87   C C   . VAL A 1 13  ? -3.020  -17.940 2.203   1.00 24.88 ? 12  VAL A C   1 
ATOM   88   O O   . VAL A 1 13  ? -2.681  -19.110 1.981   1.00 25.23 ? 12  VAL A O   1 
ATOM   89   C CB  A VAL A 1 13  ? -3.239  -17.221 -0.202  0.66 22.31 ? 12  VAL A CB  1 
ATOM   90   C CB  B VAL A 1 13  ? -3.240  -17.216 -0.200  0.34 22.32 ? 12  VAL A CB  1 
ATOM   91   C CG1 A VAL A 1 13  ? -4.751  -17.408 -0.164  0.66 22.73 ? 12  VAL A CG1 1 
ATOM   92   C CG1 B VAL A 1 13  ? -4.747  -17.428 -0.155  0.34 22.73 ? 12  VAL A CG1 1 
ATOM   93   C CG2 A VAL A 1 13  ? -2.855  -16.150 -1.221  0.66 22.97 ? 12  VAL A CG2 1 
ATOM   94   C CG2 B VAL A 1 13  ? -2.880  -16.132 -1.209  0.34 22.99 ? 12  VAL A CG2 1 
ATOM   95   N N   . ASP A 1 14  ? -3.652  -17.564 3.314   1.00 21.00 ? 13  ASP A N   1 
ATOM   96   C CA  . ASP A 1 14  ? -3.904  -18.511 4.404   1.00 25.12 ? 13  ASP A CA  1 
ATOM   97   C C   . ASP A 1 14  ? -2.623  -19.256 4.782   1.00 28.77 ? 13  ASP A C   1 
ATOM   98   O O   . ASP A 1 14  ? -2.620  -20.474 4.979   1.00 26.71 ? 13  ASP A O   1 
ATOM   99   C CB  . ASP A 1 14  ? -5.032  -19.488 4.073   1.00 25.16 ? 13  ASP A CB  1 
ATOM   100  C CG  . ASP A 1 14  ? -6.399  -18.838 4.099   1.00 31.70 ? 13  ASP A CG  1 
ATOM   101  O OD1 . ASP A 1 14  ? -6.529  -17.736 4.681   1.00 31.21 ? 13  ASP A OD1 1 
ATOM   102  O OD2 . ASP A 1 14  ? -7.344  -19.448 3.550   1.00 31.08 ? 13  ASP A OD2 1 
ATOM   103  N N   . GLY A 1 15  ? -1.516  -18.520 4.838   1.00 22.40 ? 14  GLY A N   1 
ATOM   104  C CA  . GLY A 1 15  ? -0.252  -19.068 5.269   1.00 24.52 ? 14  GLY A CA  1 
ATOM   105  C C   . GLY A 1 15  ? 0.538   -19.804 4.209   1.00 27.34 ? 14  GLY A C   1 
ATOM   106  O O   . GLY A 1 15  ? 1.658   -20.247 4.498   1.00 29.15 ? 14  GLY A O   1 
ATOM   107  N N   . GLU A 1 16  ? 0.001   -19.947 2.985   1.00 23.37 ? 15  GLU A N   1 
ATOM   108  C CA  . GLU A 1 16  ? 0.745   -20.619 1.931   1.00 25.38 ? 15  GLU A CA  1 
ATOM   109  C C   . GLU A 1 16  ? 1.328   -19.593 0.975   1.00 26.43 ? 15  GLU A C   1 
ATOM   110  O O   . GLU A 1 16  ? 0.613   -18.665 0.559   1.00 22.23 ? 15  GLU A O   1 
ATOM   111  C CB  . GLU A 1 16  ? -0.164  -21.578 1.169   1.00 31.26 ? 15  GLU A CB  1 
ATOM   112  C CG  . GLU A 1 16  ? -0.610  -22.773 2.007   1.00 35.46 ? 15  GLU A CG  1 
ATOM   113  C CD  . GLU A 1 16  ? 0.557   -23.488 2.672   1.00 34.42 ? 15  GLU A CD  1 
ATOM   114  O OE1 . GLU A 1 16  ? 1.594   -23.688 2.005   1.00 36.62 ? 15  GLU A OE1 1 
ATOM   115  O OE2 . GLU A 1 16  ? 0.441   -23.840 3.866   1.00 40.77 ? 15  GLU A OE2 1 
ATOM   116  N N   . PRO A 1 17  ? 2.608   -19.718 0.628   1.00 24.90 ? 16  PRO A N   1 
ATOM   117  C CA  . PRO A 1 17  ? 3.246   -18.729 -0.251  1.00 21.14 ? 16  PRO A CA  1 
ATOM   118  C C   . PRO A 1 17  ? 2.506   -18.572 -1.569  1.00 23.51 ? 16  PRO A C   1 
ATOM   119  O O   . PRO A 1 17  ? 2.145   -19.552 -2.222  1.00 26.52 ? 16  PRO A O   1 
ATOM   120  C CB  . PRO A 1 17  ? 4.650   -19.308 -0.465  1.00 25.64 ? 16  PRO A CB  1 
ATOM   121  C CG  . PRO A 1 17  ? 4.900   -20.121 0.763   1.00 25.17 ? 16  PRO A CG  1 
ATOM   122  C CD  . PRO A 1 17  ? 3.569   -20.719 1.127   1.00 27.60 ? 16  PRO A CD  1 
ATOM   123  N N   . LEU A 1 18  ? 2.268   -17.317 -1.954  1.00 23.67 ? 17  LEU A N   1 
ATOM   124  C CA  . LEU A 1 18  ? 1.659   -16.985 -3.235  1.00 21.75 ? 17  LEU A CA  1 
ATOM   125  C C   . LEU A 1 18  ? 2.686   -16.474 -4.236  1.00 26.15 ? 17  LEU A C   1 
ATOM   126  O O   . LEU A 1 18  ? 2.727   -16.938 -5.378  1.00 30.57 ? 17  LEU A O   1 
ATOM   127  C CB  . LEU A 1 18  ? 0.547   -15.942 -3.048  1.00 21.97 ? 17  LEU A CB  1 
ATOM   128  C CG  . LEU A 1 18  ? -0.083  -15.414 -4.343  1.00 21.22 ? 17  LEU A CG  1 
ATOM   129  C CD1 . LEU A 1 18  ? -0.751  -16.530 -5.131  1.00 30.45 ? 17  LEU A CD1 1 
ATOM   130  C CD2 . LEU A 1 18  ? -1.069  -14.300 -4.036  1.00 20.61 ? 17  LEU A CD2 1 
ATOM   131  N N   . GLY A 1 19  ? 3.529   -15.542 -3.820  1.00 19.13 ? 18  GLY A N   1 
ATOM   132  C CA  . GLY A 1 19  ? 4.562   -15.027 -4.692  1.00 21.86 ? 18  GLY A CA  1 
ATOM   133  C C   . GLY A 1 19  ? 5.096   -13.708 -4.178  1.00 20.09 ? 18  GLY A C   1 
ATOM   134  O O   . GLY A 1 19  ? 4.665   -13.186 -3.145  1.00 19.75 ? 18  GLY A O   1 
ATOM   135  N N   . ARG A 1 20  ? 6.060   -13.185 -4.923  1.00 20.02 ? 19  ARG A N   1 
ATOM   136  C CA  . ARG A 1 20  ? 6.762   -11.973 -4.547  1.00 18.05 ? 19  ARG A CA  1 
ATOM   137  C C   . ARG A 1 20  ? 6.288   -10.801 -5.391  1.00 19.08 ? 19  ARG A C   1 
ATOM   138  O O   . ARG A 1 20  ? 6.119   -10.917 -6.609  1.00 21.95 ? 19  ARG A O   1 
ATOM   139  C CB  . ARG A 1 20  ? 8.275   -12.133 -4.713  1.00 19.83 ? 19  ARG A CB  1 
ATOM   140  C CG  . ARG A 1 20  ? 9.047   -10.878 -4.350  1.00 21.16 ? 19  ARG A CG  1 
ATOM   141  C CD  . ARG A 1 20  ? 10.529  -11.150 -4.153  1.00 23.32 ? 19  ARG A CD  1 
ATOM   142  N NE  . ARG A 1 20  ? 10.749  -11.926 -2.936  1.00 28.35 ? 19  ARG A NE  1 
ATOM   143  C CZ  . ARG A 1 20  ? 11.946  -12.222 -2.442  1.00 30.81 ? 19  ARG A CZ  1 
ATOM   144  N NH1 . ARG A 1 20  ? 13.046  -11.808 -3.061  1.00 33.72 ? 19  ARG A NH1 1 
ATOM   145  N NH2 . ARG A 1 20  ? 12.038  -12.934 -1.326  1.00 26.43 ? 19  ARG A NH2 1 
ATOM   146  N N   . VAL A 1 21  ? 6.069   -9.670  -4.730  1.00 16.29 ? 20  VAL A N   1 
ATOM   147  C CA  . VAL A 1 21  ? 5.830   -8.401  -5.397  1.00 16.28 ? 20  VAL A CA  1 
ATOM   148  C C   . VAL A 1 21  ? 6.969   -7.477  -5.010  1.00 17.60 ? 20  VAL A C   1 
ATOM   149  O O   . VAL A 1 21  ? 7.249   -7.294  -3.821  1.00 18.89 ? 20  VAL A O   1 
ATOM   150  C CB  . VAL A 1 21  ? 4.481   -7.787  -4.989  1.00 15.68 ? 20  VAL A CB  1 
ATOM   151  C CG1 . VAL A 1 21  ? 4.240   -6.526  -5.812  1.00 17.89 ? 20  VAL A CG1 1 
ATOM   152  C CG2 . VAL A 1 21  ? 3.353   -8.777  -5.193  1.00 17.80 ? 20  VAL A CG2 1 
ATOM   153  N N   . SER A 1 22  ? 7.640   -6.910  -6.003  1.00 16.25 ? 21  SER A N   1 
ATOM   154  C CA  . SER A 1 22  ? 8.658   -5.912  -5.734  1.00 16.32 ? 21  SER A CA  1 
ATOM   155  C C   . SER A 1 22  ? 8.192   -4.554  -6.237  1.00 14.48 ? 21  SER A C   1 
ATOM   156  O O   . SER A 1 22  ? 7.356   -4.460  -7.143  1.00 16.39 ? 21  SER A O   1 
ATOM   157  C CB  . SER A 1 22  ? 10.009  -6.287  -6.348  1.00 18.42 ? 21  SER A CB  1 
ATOM   158  O OG  . SER A 1 22  ? 9.969   -6.209  -7.758  1.00 19.55 ? 21  SER A OG  1 
ATOM   159  N N   . PHE A 1 23  ? 8.725   -3.507  -5.625  1.00 14.88 ? 22  PHE A N   1 
ATOM   160  C CA  . PHE A 1 23  ? 8.288   -2.146  -5.891  1.00 13.91 ? 22  PHE A CA  1 
ATOM   161  C C   . PHE A 1 23  ? 9.503   -1.260  -6.068  1.00 14.69 ? 22  PHE A C   1 
ATOM   162  O O   . PHE A 1 23  ? 10.468  -1.355  -5.302  1.00 15.55 ? 22  PHE A O   1 
ATOM   163  C CB  . PHE A 1 23  ? 7.488   -1.570  -4.711  1.00 15.46 ? 22  PHE A CB  1 
ATOM   164  C CG  . PHE A 1 23  ? 6.341   -2.431  -4.260  1.00 15.92 ? 22  PHE A CG  1 
ATOM   165  C CD1 . PHE A 1 23  ? 5.079   -2.293  -4.825  1.00 14.75 ? 22  PHE A CD1 1 
ATOM   166  C CD2 . PHE A 1 23  ? 6.518   -3.354  -3.244  1.00 14.37 ? 22  PHE A CD2 1 
ATOM   167  C CE1 . PHE A 1 23  ? 4.012   -3.075  -4.392  1.00 14.68 ? 22  PHE A CE1 1 
ATOM   168  C CE2 . PHE A 1 23  ? 5.467   -4.143  -2.803  1.00 16.98 ? 22  PHE A CE2 1 
ATOM   169  C CZ  . PHE A 1 23  ? 4.208   -4.003  -3.373  1.00 15.13 ? 22  PHE A CZ  1 
ATOM   170  N N   . GLU A 1 24  ? 9.442   -0.388  -7.067  1.00 15.37 ? 23  GLU A N   1 
ATOM   171  C CA  . GLU A 1 24  ? 10.345  0.750   -7.129  1.00 14.73 ? 23  GLU A CA  1 
ATOM   172  C C   . GLU A 1 24  ? 9.700   1.871   -6.327  1.00 14.15 ? 23  GLU A C   1 
ATOM   173  O O   . GLU A 1 24  ? 8.519   2.168   -6.531  1.00 15.02 ? 23  GLU A O   1 
ATOM   174  C CB  . GLU A 1 24  ? 10.526  1.206   -8.580  1.00 18.19 ? 23  GLU A CB  1 
ATOM   175  C CG  . GLU A 1 24  ? 11.342  2.484   -8.691  1.00 16.92 ? 23  GLU A CG  1 
ATOM   176  C CD  . GLU A 1 24  ? 11.553  2.974   -10.116 1.00 18.03 ? 23  GLU A CD  1 
ATOM   177  O OE1 . GLU A 1 24  ? 11.126  2.285   -11.066 1.00 19.85 ? 23  GLU A OE1 1 
ATOM   178  O OE2 . GLU A 1 24  ? 12.144  4.060   -10.268 1.00 21.99 ? 23  GLU A OE2 1 
ATOM   179  N N   . LEU A 1 25  ? 10.447  2.457   -5.397  1.00 14.04 ? 24  LEU A N   1 
ATOM   180  C CA  . LEU A 1 25  ? 9.978   3.603   -4.628  1.00 15.82 ? 24  LEU A CA  1 
ATOM   181  C C   . LEU A 1 25  ? 10.600  4.853   -5.218  1.00 19.06 ? 24  LEU A C   1 
ATOM   182  O O   . LEU A 1 25  ? 11.820  4.912   -5.402  1.00 17.00 ? 24  LEU A O   1 
ATOM   183  C CB  . LEU A 1 25  ? 10.350  3.482   -3.150  1.00 16.50 ? 24  LEU A CB  1 
ATOM   184  C CG  . LEU A 1 25  ? 9.957   2.167   -2.483  1.00 15.01 ? 24  LEU A CG  1 
ATOM   185  C CD1 . LEU A 1 25  ? 10.362  2.167   -1.035  1.00 16.77 ? 24  LEU A CD1 1 
ATOM   186  C CD2 . LEU A 1 25  ? 8.449   1.944   -2.636  1.00 15.51 ? 24  LEU A CD2 1 
ATOM   187  N N   . PHE A 1 26  ? 9.767   5.849   -5.507  1.00 15.38 ? 25  PHE A N   1 
ATOM   188  C CA  . PHE A 1 26  ? 10.203  7.047   -6.230  1.00 15.88 ? 25  PHE A CA  1 
ATOM   189  C C   . PHE A 1 26  ? 10.838  8.051   -5.265  1.00 16.87 ? 25  PHE A C   1 
ATOM   190  O O   . PHE A 1 26  ? 10.350  9.161   -5.052  1.00 19.13 ? 25  PHE A O   1 
ATOM   191  C CB  . PHE A 1 26  ? 9.036   7.662   -6.993  1.00 16.53 ? 25  PHE A CB  1 
ATOM   192  C CG  . PHE A 1 26  ? 8.384   6.728   -7.978  1.00 16.11 ? 25  PHE A CG  1 
ATOM   193  C CD1 . PHE A 1 26  ? 9.150   5.901   -8.778  1.00 20.93 ? 25  PHE A CD1 1 
ATOM   194  C CD2 . PHE A 1 26  ? 7.007   6.682   -8.110  1.00 16.77 ? 25  PHE A CD2 1 
ATOM   195  C CE1 . PHE A 1 26  ? 8.552   5.044   -9.681  1.00 19.58 ? 25  PHE A CE1 1 
ATOM   196  C CE2 . PHE A 1 26  ? 6.399   5.852   -9.021  1.00 17.66 ? 25  PHE A CE2 1 
ATOM   197  C CZ  . PHE A 1 26  ? 7.176   5.022   -9.810  1.00 18.06 ? 25  PHE A CZ  1 
ATOM   198  N N   . ALA A 1 27  ? 11.960  7.633   -4.676  1.00 17.29 ? 26  ALA A N   1 
ATOM   199  C CA  . ALA A 1 27  ? 12.677  8.490   -3.735  1.00 20.11 ? 26  ALA A CA  1 
ATOM   200  C C   . ALA A 1 27  ? 13.185  9.763   -4.397  1.00 19.54 ? 26  ALA A C   1 
ATOM   201  O O   . ALA A 1 27  ? 13.336  10.794  -3.727  1.00 22.71 ? 26  ALA A O   1 
ATOM   202  C CB  . ALA A 1 27  ? 13.841  7.723   -3.105  1.00 21.21 ? 26  ALA A CB  1 
ATOM   203  N N   . ASP A 1 28  ? 13.444  9.718   -5.705  1.00 21.67 ? 27  ASP A N   1 
ATOM   204  C CA  . ASP A 1 28  ? 13.892  10.915  -6.410  1.00 23.26 ? 27  ASP A CA  1 
ATOM   205  C C   . ASP A 1 28  ? 12.822  12.005  -6.455  1.00 31.39 ? 27  ASP A C   1 
ATOM   206  O O   . ASP A 1 28  ? 13.166  13.185  -6.585  1.00 35.23 ? 27  ASP A O   1 
ATOM   207  C CB  . ASP A 1 28  ? 14.405  10.554  -7.811  1.00 27.79 ? 27  ASP A CB  1 
ATOM   208  C CG  . ASP A 1 28  ? 13.337  9.919   -8.690  1.00 25.48 ? 27  ASP A CG  1 
ATOM   209  O OD1 . ASP A 1 28  ? 12.369  9.335   -8.152  1.00 24.68 ? 27  ASP A OD1 1 
ATOM   210  O OD2 . ASP A 1 28  ? 13.470  9.993   -9.931  1.00 35.90 ? 27  ASP A OD2 1 
ATOM   211  N N   . LYS A 1 29  ? 11.543  11.653  -6.329  1.00 23.63 ? 28  LYS A N   1 
ATOM   212  C CA  . LYS A 1 29  ? 10.475  12.642  -6.405  1.00 24.29 ? 28  LYS A CA  1 
ATOM   213  C C   . LYS A 1 29  ? 9.666   12.810  -5.125  1.00 20.62 ? 28  LYS A C   1 
ATOM   214  O O   . LYS A 1 29  ? 9.146   13.904  -4.891  1.00 18.48 ? 28  LYS A O   1 
ATOM   215  C CB  . LYS A 1 29  ? 9.533   12.338  -7.577  1.00 30.31 ? 28  LYS A CB  1 
ATOM   216  C CG  . LYS A 1 29  ? 10.223  12.452  -8.925  1.00 33.82 ? 28  LYS A CG  1 
ATOM   217  C CD  . LYS A 1 29  ? 9.291   12.125  -10.071 1.00 32.57 ? 28  LYS A CD  1 
ATOM   218  C CE  . LYS A 1 29  ? 10.068  12.036  -11.370 1.00 34.33 ? 28  LYS A CE  1 
ATOM   219  N NZ  . LYS A 1 29  ? 11.034  13.163  -11.468 1.00 39.76 ? 28  LYS A NZ  1 
ATOM   220  N N   . VAL A 1 30  ? 9.529   11.769  -4.304  1.00 19.33 ? 29  VAL A N   1 
ATOM   221  C CA  . VAL A 1 30  ? 8.830   11.869  -3.021  1.00 16.36 ? 29  VAL A CA  1 
ATOM   222  C C   . VAL A 1 30  ? 9.701   11.210  -1.961  1.00 18.83 ? 29  VAL A C   1 
ATOM   223  O O   . VAL A 1 30  ? 9.353   10.134  -1.454  1.00 17.28 ? 29  VAL A O   1 
ATOM   224  C CB  . VAL A 1 30  ? 7.411   11.264  -3.059  1.00 19.93 ? 29  VAL A CB  1 
ATOM   225  C CG1 . VAL A 1 30  ? 6.394   12.284  -3.537  1.00 26.55 ? 29  VAL A CG1 1 
ATOM   226  C CG2 . VAL A 1 30  ? 7.377   10.027  -3.913  1.00 25.81 ? 29  VAL A CG2 1 
ATOM   227  N N   . PRO A 1 31  ? 10.838  11.811  -1.603  1.00 16.36 ? 30  PRO A N   1 
ATOM   228  C CA  . PRO A 1 31  ? 11.784  11.115  -0.716  1.00 16.52 ? 30  PRO A CA  1 
ATOM   229  C C   . PRO A 1 31  ? 11.247  10.788  0.665   1.00 16.67 ? 30  PRO A C   1 
ATOM   230  O O   . PRO A 1 31  ? 11.529  9.704   1.182   1.00 18.06 ? 30  PRO A O   1 
ATOM   231  C CB  . PRO A 1 31  ? 12.971  12.090  -0.636  1.00 16.60 ? 30  PRO A CB  1 
ATOM   232  C CG  . PRO A 1 31  ? 12.408  13.411  -1.035  1.00 20.35 ? 30  PRO A CG  1 
ATOM   233  C CD  . PRO A 1 31  ? 11.390  13.090  -2.081  1.00 18.06 ? 30  PRO A CD  1 
ATOM   234  N N   A LYS A 1 32  ? 10.492  11.694  1.288   0.43 18.19 ? 31  LYS A N   1 
ATOM   235  N N   B LYS A 1 32  ? 10.501  11.699  1.295   0.57 18.19 ? 31  LYS A N   1 
ATOM   236  C CA  A LYS A 1 32  ? 10.018  11.428  2.642   0.43 16.84 ? 31  LYS A CA  1 
ATOM   237  C CA  B LYS A 1 32  ? 10.014  11.429  2.645   0.57 16.81 ? 31  LYS A CA  1 
ATOM   238  C C   A LYS A 1 32  ? 8.984   10.308  2.652   0.43 16.82 ? 31  LYS A C   1 
ATOM   239  C C   B LYS A 1 32  ? 8.993   10.297  2.644   0.57 16.81 ? 31  LYS A C   1 
ATOM   240  O O   A LYS A 1 32  ? 9.000   9.447   3.540   0.43 16.61 ? 31  LYS A O   1 
ATOM   241  O O   B LYS A 1 32  ? 9.026   9.420   3.514   0.57 16.55 ? 31  LYS A O   1 
ATOM   242  C CB  A LYS A 1 32  ? 9.453   12.701  3.275   0.43 18.28 ? 31  LYS A CB  1 
ATOM   243  C CB  B LYS A 1 32  ? 9.418   12.696  3.259   0.57 18.28 ? 31  LYS A CB  1 
ATOM   244  C CG  A LYS A 1 32  ? 9.287   12.593  4.775   0.43 17.87 ? 31  LYS A CG  1 
ATOM   245  C CG  B LYS A 1 32  ? 10.381  13.881  3.339   0.57 18.31 ? 31  LYS A CG  1 
ATOM   246  C CD  A LYS A 1 32  ? 8.712   13.848  5.411   0.43 22.81 ? 31  LYS A CD  1 
ATOM   247  C CD  B LYS A 1 32  ? 9.625   15.163  3.661   0.57 20.46 ? 31  LYS A CD  1 
ATOM   248  C CE  A LYS A 1 32  ? 8.607   13.676  6.923   0.43 18.87 ? 31  LYS A CE  1 
ATOM   249  C CE  B LYS A 1 32  ? 10.534  16.384  3.637   0.57 19.19 ? 31  LYS A CE  1 
ATOM   250  N NZ  A LYS A 1 32  ? 8.090   14.898  7.600   0.43 21.12 ? 31  LYS A NZ  1 
ATOM   251  N NZ  B LYS A 1 32  ? 9.729   17.636  3.628   0.57 23.96 ? 31  LYS A NZ  1 
ATOM   252  N N   . THR A 1 33  ? 8.087   10.301  1.664   1.00 17.23 ? 32  THR A N   1 
ATOM   253  C CA  . THR A 1 33  ? 7.075   9.253   1.575   1.00 14.80 ? 32  THR A CA  1 
ATOM   254  C C   . THR A 1 33  ? 7.703   7.919   1.181   1.00 15.11 ? 32  THR A C   1 
ATOM   255  O O   . THR A 1 33  ? 7.359   6.872   1.742   1.00 15.96 ? 32  THR A O   1 
ATOM   256  C CB  . THR A 1 33  ? 6.016   9.697   0.567   1.00 15.77 ? 32  THR A CB  1 
ATOM   257  O OG1 . THR A 1 33  ? 5.573   11.013  0.922   1.00 15.94 ? 32  THR A OG1 1 
ATOM   258  C CG2 . THR A 1 33  ? 4.805   8.756   0.572   1.00 15.13 ? 32  THR A CG2 1 
ATOM   259  N N   . ALA A 1 34  ? 8.642   7.940   0.235   1.00 15.15 ? 33  ALA A N   1 
ATOM   260  C CA  . ALA A 1 34  ? 9.336   6.705   -0.135  1.00 14.65 ? 33  ALA A CA  1 
ATOM   261  C C   . ALA A 1 34  ? 10.114  6.125   1.040   1.00 17.25 ? 33  ALA A C   1 
ATOM   262  O O   . ALA A 1 34  ? 10.110  4.909   1.261   1.00 15.35 ? 33  ALA A O   1 
ATOM   263  C CB  . ALA A 1 34  ? 10.268  6.963   -1.319  1.00 16.56 ? 33  ALA A CB  1 
ATOM   264  N N   . GLU A 1 35  ? 10.778  6.984   1.812   1.00 16.51 ? 34  GLU A N   1 
ATOM   265  C CA  . GLU A 1 35  ? 11.585  6.501   2.929   1.00 16.91 ? 34  GLU A CA  1 
ATOM   266  C C   . GLU A 1 35  ? 10.715  5.869   4.007   1.00 16.70 ? 34  GLU A C   1 
ATOM   267  O O   . GLU A 1 35  ? 11.107  4.880   4.629   1.00 18.62 ? 34  GLU A O   1 
ATOM   268  C CB  . GLU A 1 35  ? 12.433  7.651   3.485   1.00 20.48 ? 34  GLU A CB  1 
ATOM   269  C CG  . GLU A 1 35  ? 13.183  7.364   4.782   1.00 19.46 ? 34  GLU A CG  1 
ATOM   270  C CD  . GLU A 1 35  ? 14.209  6.239   4.673   1.00 20.05 ? 34  GLU A CD  1 
ATOM   271  O OE1 . GLU A 1 35  ? 14.552  5.821   3.551   1.00 21.64 ? 34  GLU A OE1 1 
ATOM   272  O OE2 . GLU A 1 35  ? 14.659  5.756   5.730   1.00 24.22 ? 34  GLU A OE2 1 
ATOM   273  N N   . ASN A 1 36  ? 9.523   6.427   4.241   1.00 15.60 ? 35  ASN A N   1 
ATOM   274  C CA  . ASN A 1 36  ? 8.600   5.816   5.191   1.00 15.38 ? 35  ASN A CA  1 
ATOM   275  C C   . ASN A 1 36  ? 8.269   4.387   4.783   1.00 14.37 ? 35  ASN A C   1 
ATOM   276  O O   . ASN A 1 36  ? 8.395   3.452   5.582   1.00 15.08 ? 35  ASN A O   1 
ATOM   277  C CB  . ASN A 1 36  ? 7.334   6.670   5.265   1.00 14.98 ? 35  ASN A CB  1 
ATOM   278  C CG  . ASN A 1 36  ? 6.300   6.104   6.212   1.00 14.51 ? 35  ASN A CG  1 
ATOM   279  O OD1 . ASN A 1 36  ? 6.541   5.989   7.411   1.00 16.15 ? 35  ASN A OD1 1 
ATOM   280  N ND2 . ASN A 1 36  ? 5.114   5.794   5.685   1.00 14.94 ? 35  ASN A ND2 1 
ATOM   281  N N   . PHE A 1 37  ? 7.875   4.193   3.524   1.00 13.62 ? 36  PHE A N   1 
ATOM   282  C CA  . PHE A 1 37  ? 7.506   2.860   3.056   1.00 14.00 ? 36  PHE A CA  1 
ATOM   283  C C   . PHE A 1 37  ? 8.714   1.929   3.076   1.00 14.73 ? 36  PHE A C   1 
ATOM   284  O O   . PHE A 1 37  ? 8.588   0.749   3.426   1.00 14.52 ? 36  PHE A O   1 
ATOM   285  C CB  . PHE A 1 37  ? 6.898   2.969   1.653   1.00 14.20 ? 36  PHE A CB  1 
ATOM   286  C CG  . PHE A 1 37  ? 6.259   1.708   1.154   1.00 12.19 ? 36  PHE A CG  1 
ATOM   287  C CD1 . PHE A 1 37  ? 6.992   0.762   0.442   1.00 14.06 ? 36  PHE A CD1 1 
ATOM   288  C CD2 . PHE A 1 37  ? 4.894   1.494   1.338   1.00 13.98 ? 36  PHE A CD2 1 
ATOM   289  C CE1 . PHE A 1 37  ? 6.397   -0.384  -0.033  1.00 14.43 ? 36  PHE A CE1 1 
ATOM   290  C CE2 . PHE A 1 37  ? 4.281   0.341   0.860   1.00 12.78 ? 36  PHE A CE2 1 
ATOM   291  C CZ  . PHE A 1 37  ? 5.022   -0.589  0.169   1.00 13.61 ? 36  PHE A CZ  1 
ATOM   292  N N   . ARG A 1 38  ? 9.895   2.448   2.730   1.00 16.10 ? 37  ARG A N   1 
ATOM   293  C CA  . ARG A 1 38  ? 11.097  1.618   2.740   1.00 15.33 ? 37  ARG A CA  1 
ATOM   294  C C   . ARG A 1 38  ? 11.383  1.081   4.139   1.00 15.83 ? 37  ARG A C   1 
ATOM   295  O O   . ARG A 1 38  ? 11.577  -0.128  4.328   1.00 17.38 ? 37  ARG A O   1 
ATOM   296  C CB  . ARG A 1 38  ? 12.282  2.432   2.228   1.00 16.02 ? 37  ARG A CB  1 
ATOM   297  C CG  . ARG A 1 38  ? 13.523  1.581   1.944   1.00 18.64 ? 37  ARG A CG  1 
ATOM   298  C CD  . ARG A 1 38  ? 14.804  2.432   1.959   1.00 20.23 ? 37  ARG A CD  1 
ATOM   299  N NE  . ARG A 1 38  ? 14.991  3.078   3.256   1.00 19.19 ? 37  ARG A NE  1 
ATOM   300  C CZ  . ARG A 1 38  ? 15.405  2.453   4.357   1.00 19.54 ? 37  ARG A CZ  1 
ATOM   301  N NH1 . ARG A 1 38  ? 15.700  1.156   4.329   1.00 20.36 ? 37  ARG A NH1 1 
ATOM   302  N NH2 . ARG A 1 38  ? 15.510  3.128   5.493   1.00 20.67 ? 37  ARG A NH2 1 
ATOM   303  N N   . ALA A 1 39  ? 11.391  1.970   5.135   1.00 15.26 ? 38  ALA A N   1 
ATOM   304  C CA  . ALA A 1 39  ? 11.730  1.566   6.496   1.00 17.48 ? 38  ALA A CA  1 
ATOM   305  C C   . ALA A 1 39  ? 10.658  0.672   7.098   1.00 18.14 ? 38  ALA A C   1 
ATOM   306  O O   . ALA A 1 39  ? 10.968  -0.223  7.900   1.00 17.74 ? 38  ALA A O   1 
ATOM   307  C CB  . ALA A 1 39  ? 11.956  2.797   7.366   1.00 20.77 ? 38  ALA A CB  1 
ATOM   308  N N   . LEU A 1 40  ? 9.396   0.889   6.734   1.00 16.50 ? 39  LEU A N   1 
ATOM   309  C CA  . LEU A 1 40  ? 8.350   -0.016  7.188   1.00 16.85 ? 39  LEU A CA  1 
ATOM   310  C C   . LEU A 1 40  ? 8.474   -1.385  6.528   1.00 14.66 ? 39  LEU A C   1 
ATOM   311  O O   . LEU A 1 40  ? 8.072   -2.397  7.115   1.00 15.78 ? 39  LEU A O   1 
ATOM   312  C CB  . LEU A 1 40  ? 6.980   0.614   6.921   1.00 17.01 ? 39  LEU A CB  1 
ATOM   313  C CG  . LEU A 1 40  ? 6.686   1.888   7.712   1.00 14.44 ? 39  LEU A CG  1 
ATOM   314  C CD1 . LEU A 1 40  ? 5.420   2.528   7.187   1.00 15.38 ? 39  LEU A CD1 1 
ATOM   315  C CD2 . LEU A 1 40  ? 6.546   1.566   9.199   1.00 18.39 ? 39  LEU A CD2 1 
ATOM   316  N N   . SER A 1 41  ? 9.031   -1.439  5.317   1.00 14.84 ? 40  SER A N   1 
ATOM   317  C CA  . SER A 1 41  ? 9.208   -2.713  4.633   1.00 16.80 ? 40  SER A CA  1 
ATOM   318  C C   . SER A 1 41  ? 10.367  -3.520  5.215   1.00 16.65 ? 40  SER A C   1 
ATOM   319  O O   . SER A 1 41  ? 10.307  -4.754  5.216   1.00 19.66 ? 40  SER A O   1 
ATOM   320  C CB  . SER A 1 41  ? 9.397   -2.481  3.136   1.00 16.24 ? 40  SER A CB  1 
ATOM   321  O OG  . SER A 1 41  ? 8.198   -1.949  2.588   1.00 15.08 ? 40  SER A OG  1 
ATOM   322  N N   . THR A 1 42  ? 11.417  -2.853  5.702   1.00 16.99 ? 41  THR A N   1 
ATOM   323  C CA  . THR A 1 42  ? 12.521  -3.562  6.346   1.00 17.91 ? 41  THR A CA  1 
ATOM   324  C C   . THR A 1 42  ? 12.231  -3.873  7.807   1.00 21.26 ? 41  THR A C   1 
ATOM   325  O O   . THR A 1 42  ? 12.826  -4.804  8.362   1.00 21.60 ? 41  THR A O   1 
ATOM   326  C CB  . THR A 1 42  ? 13.810  -2.744  6.263   1.00 16.89 ? 41  THR A CB  1 
ATOM   327  O OG1 . THR A 1 42  ? 13.680  -1.532  7.017   1.00 20.90 ? 41  THR A OG1 1 
ATOM   328  C CG2 . THR A 1 42  ? 14.175  -2.414  4.820   1.00 19.35 ? 41  THR A CG2 1 
ATOM   329  N N   . GLY A 1 43  ? 11.348  -3.107  8.445   1.00 20.51 ? 42  GLY A N   1 
ATOM   330  C CA  . GLY A 1 43  ? 11.100  -3.251  9.865   1.00 21.50 ? 42  GLY A CA  1 
ATOM   331  C C   . GLY A 1 43  ? 12.154  -2.629  10.754  1.00 24.54 ? 42  GLY A C   1 
ATOM   332  O O   . GLY A 1 43  ? 12.126  -2.856  11.970  1.00 24.38 ? 42  GLY A O   1 
ATOM   333  N N   . GLU A 1 44  ? 13.047  -1.812  10.199  1.00 21.31 ? 43  GLU A N   1 
ATOM   334  C CA  . GLU A 1 44  ? 14.247  -1.385  10.915  1.00 27.44 ? 43  GLU A CA  1 
ATOM   335  C C   . GLU A 1 44  ? 13.968  -0.428  12.069  1.00 33.20 ? 43  GLU A C   1 
ATOM   336  O O   . GLU A 1 44  ? 14.885  -0.159  12.855  1.00 28.91 ? 43  GLU A O   1 
ATOM   337  C CB  . GLU A 1 44  ? 15.224  -0.740  9.937   1.00 24.19 ? 43  GLU A CB  1 
ATOM   338  C CG  . GLU A 1 44  ? 14.696  0.522   9.280   1.00 26.06 ? 43  GLU A CG  1 
ATOM   339  C CD  . GLU A 1 44  ? 15.524  0.931   8.082   1.00 22.54 ? 43  GLU A CD  1 
ATOM   340  O OE1 . GLU A 1 44  ? 15.657  0.122   7.140   1.00 24.21 ? 43  GLU A OE1 1 
ATOM   341  O OE2 . GLU A 1 44  ? 16.065  2.054   8.089   1.00 27.02 ? 43  GLU A OE2 1 
ATOM   342  N N   . LYS A 1 45  ? 12.754  0.103   12.189  1.00 26.25 ? 44  LYS A N   1 
ATOM   343  C CA  . LYS A 1 45  ? 12.391  0.961   13.313  1.00 30.45 ? 44  LYS A CA  1 
ATOM   344  C C   . LYS A 1 45  ? 11.773  0.192   14.470  1.00 30.47 ? 44  LYS A C   1 
ATOM   345  O O   . LYS A 1 45  ? 11.359  0.813   15.454  1.00 31.60 ? 44  LYS A O   1 
ATOM   346  C CB  . LYS A 1 45  ? 11.410  2.051   12.867  1.00 32.70 ? 44  LYS A CB  1 
ATOM   347  C CG  . LYS A 1 45  ? 11.964  3.035   11.862  1.00 30.38 ? 44  LYS A CG  1 
ATOM   348  C CD  . LYS A 1 45  ? 12.964  3.980   12.505  1.00 37.52 ? 44  LYS A CD  1 
ATOM   349  C CE  . LYS A 1 45  ? 13.239  5.183   11.615  1.00 41.73 ? 44  LYS A CE  1 
ATOM   350  N NZ  . LYS A 1 45  ? 13.813  6.323   12.392  1.00 42.51 ? 44  LYS A NZ  1 
ATOM   351  N N   . GLY A 1 46  ? 11.690  -1.134  14.375  1.00 26.76 ? 45  GLY A N   1 
ATOM   352  C CA  . GLY A 1 46  ? 11.044  -1.943  15.387  1.00 27.97 ? 45  GLY A CA  1 
ATOM   353  C C   . GLY A 1 46  ? 9.611   -2.321  15.082  1.00 26.14 ? 45  GLY A C   1 
ATOM   354  O O   . GLY A 1 46  ? 9.002   -3.058  15.866  1.00 26.03 ? 45  GLY A O   1 
ATOM   355  N N   . PHE A 1 47  ? 9.064   -1.848  13.965  1.00 25.79 ? 46  PHE A N   1 
ATOM   356  C CA  . PHE A 1 47  ? 7.691   -2.128  13.570  1.00 23.39 ? 46  PHE A CA  1 
ATOM   357  C C   . PHE A 1 47  ? 7.616   -1.963  12.060  1.00 20.57 ? 46  PHE A C   1 
ATOM   358  O O   . PHE A 1 47  ? 8.487   -1.339  11.453  1.00 22.68 ? 46  PHE A O   1 
ATOM   359  C CB  . PHE A 1 47  ? 6.717   -1.170  14.263  1.00 23.10 ? 46  PHE A CB  1 
ATOM   360  C CG  . PHE A 1 47  ? 7.082   0.284   14.112  1.00 21.74 ? 46  PHE A CG  1 
ATOM   361  C CD1 . PHE A 1 47  ? 6.702   1.004   12.988  1.00 21.09 ? 46  PHE A CD1 1 
ATOM   362  C CD2 . PHE A 1 47  ? 7.812   0.932   15.097  1.00 25.87 ? 46  PHE A CD2 1 
ATOM   363  C CE1 . PHE A 1 47  ? 7.034   2.342   12.851  1.00 23.25 ? 46  PHE A CE1 1 
ATOM   364  C CE2 . PHE A 1 47  ? 8.154   2.266   14.963  1.00 25.40 ? 46  PHE A CE2 1 
ATOM   365  C CZ  . PHE A 1 47  ? 7.763   2.975   13.840  1.00 27.73 ? 46  PHE A CZ  1 
ATOM   366  N N   . GLY A 1 48  ? 6.581   -2.541  11.461  1.00 20.82 ? 47  GLY A N   1 
ATOM   367  C CA  . GLY A 1 48  ? 6.418   -2.387  10.025  1.00 18.32 ? 47  GLY A CA  1 
ATOM   368  C C   . GLY A 1 48  ? 5.470   -3.427  9.444   1.00 15.27 ? 47  GLY A C   1 
ATOM   369  O O   . GLY A 1 48  ? 4.686   -4.048  10.154  1.00 17.12 ? 47  GLY A O   1 
ATOM   370  N N   . TYR A 1 49  ? 5.581   -3.596  8.126   1.00 14.93 ? 48  TYR A N   1 
ATOM   371  C CA  . TYR A 1 49  ? 4.570   -4.336  7.380   1.00 16.99 ? 48  TYR A CA  1 
ATOM   372  C C   . TYR A 1 49  ? 4.620   -5.841  7.597   1.00 13.73 ? 48  TYR A C   1 
ATOM   373  O O   . TYR A 1 49  ? 3.622   -6.519  7.329   1.00 15.03 ? 48  TYR A O   1 
ATOM   374  C CB  . TYR A 1 49  ? 4.724   -4.053  5.890   1.00 14.73 ? 48  TYR A CB  1 
ATOM   375  C CG  . TYR A 1 49  ? 4.432   -2.627  5.499   1.00 13.24 ? 48  TYR A CG  1 
ATOM   376  C CD1 . TYR A 1 49  ? 3.339   -1.956  6.030   1.00 13.39 ? 48  TYR A CD1 1 
ATOM   377  C CD2 . TYR A 1 49  ? 5.268   -1.938  4.620   1.00 11.95 ? 48  TYR A CD2 1 
ATOM   378  C CE1 . TYR A 1 49  ? 3.063   -0.651  5.670   1.00 13.30 ? 48  TYR A CE1 1 
ATOM   379  C CE2 . TYR A 1 49  ? 5.001   -0.636  4.255   1.00 14.00 ? 48  TYR A CE2 1 
ATOM   380  C CZ  . TYR A 1 49  ? 3.899   0.002   4.788   1.00 12.92 ? 48  TYR A CZ  1 
ATOM   381  O OH  . TYR A 1 49  ? 3.662   1.302   4.404   1.00 13.99 ? 48  TYR A OH  1 
ATOM   382  N N   . LYS A 1 50  ? 5.756   -6.393  8.029   1.00 14.93 ? 49  LYS A N   1 
ATOM   383  C CA  . LYS A 1 50  ? 5.860   -7.847  8.096   1.00 15.65 ? 49  LYS A CA  1 
ATOM   384  C C   . LYS A 1 50  ? 4.769   -8.414  8.997   1.00 16.93 ? 49  LYS A C   1 
ATOM   385  O O   . LYS A 1 50  ? 4.562   -7.932  10.115  1.00 16.35 ? 49  LYS A O   1 
ATOM   386  C CB  . LYS A 1 50  ? 7.226   -8.286  8.623   1.00 18.92 ? 49  LYS A CB  1 
ATOM   387  C CG  . LYS A 1 50  ? 7.324   -9.791  8.686   1.00 22.55 ? 49  LYS A CG  1 
ATOM   388  C CD  . LYS A 1 50  ? 8.722   -10.253 9.054   1.00 25.23 ? 49  LYS A CD  1 
ATOM   389  C CE  . LYS A 1 50  ? 8.853   -11.750 8.827   1.00 23.62 ? 49  LYS A CE  1 
ATOM   390  N NZ  . LYS A 1 50  ? 10.223  -12.257 9.155   1.00 30.12 ? 49  LYS A NZ  1 
ATOM   391  N N   . GLY A 1 51  ? 4.055   -9.420  8.488   1.00 15.79 ? 50  GLY A N   1 
ATOM   392  C CA  . GLY A 1 51  ? 2.995   -10.065 9.230   1.00 16.63 ? 50  GLY A CA  1 
ATOM   393  C C   . GLY A 1 51  ? 1.634   -9.425  9.089   1.00 17.12 ? 50  GLY A C   1 
ATOM   394  O O   . GLY A 1 51  ? 0.643   -10.016 9.531   1.00 20.70 ? 50  GLY A O   1 
ATOM   395  N N   . SER A 1 52  ? 1.550   -8.241  8.487   1.00 15.39 ? 51  SER A N   1 
ATOM   396  C CA  . SER A 1 52  ? 0.270   -7.573  8.348   1.00 15.99 ? 51  SER A CA  1 
ATOM   397  C C   . SER A 1 52  ? -0.501  -8.122  7.145   1.00 16.12 ? 51  SER A C   1 
ATOM   398  O O   . SER A 1 52  ? 0.019   -8.858  6.303   1.00 16.96 ? 51  SER A O   1 
ATOM   399  C CB  . SER A 1 52  ? 0.464   -6.060  8.259   1.00 16.71 ? 51  SER A CB  1 
ATOM   400  O OG  . SER A 1 52  ? 1.168   -5.663  7.093   1.00 15.78 ? 51  SER A OG  1 
ATOM   401  N N   . CYS A 1 53  ? -1.770  -7.761  7.063   1.00 15.17 ? 52  CYS A N   1 
ATOM   402  C CA  A CYS A 1 53  ? -2.663  -8.314  6.056   0.65 16.48 ? 52  CYS A CA  1 
ATOM   403  C CA  B CYS A 1 53  ? -2.640  -8.316  6.039   0.35 16.47 ? 52  CYS A CA  1 
ATOM   404  C C   . CYS A 1 53  ? -3.143  -7.230  5.100   1.00 15.81 ? 52  CYS A C   1 
ATOM   405  O O   . CYS A 1 53  ? -3.143  -6.040  5.427   1.00 15.13 ? 52  CYS A O   1 
ATOM   406  C CB  A CYS A 1 53  ? -3.878  -8.982  6.713   0.65 18.22 ? 52  CYS A CB  1 
ATOM   407  C CB  B CYS A 1 53  ? -3.839  -9.037  6.661   0.35 18.19 ? 52  CYS A CB  1 
ATOM   408  S SG  A CYS A 1 53  ? -3.499  -10.457 7.691   0.65 24.44 ? 52  CYS A SG  1 
ATOM   409  S SG  B CYS A 1 53  ? -5.077  -7.915  7.318   0.35 20.13 ? 52  CYS A SG  1 
ATOM   410  N N   . PHE A 1 54  ? -3.562  -7.665  3.916   1.00 14.63 ? 53  PHE A N   1 
ATOM   411  C CA  . PHE A 1 54  ? -4.262  -6.801  2.971   1.00 14.97 ? 53  PHE A CA  1 
ATOM   412  C C   . PHE A 1 54  ? -5.728  -6.867  3.374   1.00 14.39 ? 53  PHE A C   1 
ATOM   413  O O   . PHE A 1 54  ? -6.407  -7.871  3.133   1.00 18.09 ? 53  PHE A O   1 
ATOM   414  C CB  . PHE A 1 54  ? -4.026  -7.265  1.540   1.00 14.91 ? 53  PHE A CB  1 
ATOM   415  C CG  . PHE A 1 54  ? -2.758  -6.749  0.954   1.00 14.74 ? 53  PHE A CG  1 
ATOM   416  C CD1 . PHE A 1 54  ? -1.561  -7.413  1.155   1.00 14.66 ? 53  PHE A CD1 1 
ATOM   417  C CD2 . PHE A 1 54  ? -2.758  -5.569  0.224   1.00 14.89 ? 53  PHE A CD2 1 
ATOM   418  C CE1 . PHE A 1 54  ? -0.392  -6.916  0.619   1.00 14.87 ? 53  PHE A CE1 1 
ATOM   419  C CE2 . PHE A 1 54  ? -1.585  -5.075  -0.319  1.00 14.93 ? 53  PHE A CE2 1 
ATOM   420  C CZ  . PHE A 1 54  ? -0.405  -5.749  -0.114  1.00 15.48 ? 53  PHE A CZ  1 
ATOM   421  N N   . HIS A 1 55  ? -6.211  -5.813  4.024   1.00 13.77 ? 54  HIS A N   1 
ATOM   422  C CA  . HIS A 1 55  ? -7.537  -5.835  4.628   1.00 15.25 ? 54  HIS A CA  1 
ATOM   423  C C   . HIS A 1 55  ? -8.665  -5.430  3.683   1.00 15.03 ? 54  HIS A C   1 
ATOM   424  O O   . HIS A 1 55  ? -9.829  -5.709  3.990   1.00 16.74 ? 54  HIS A O   1 
ATOM   425  C CB  . HIS A 1 55  ? -7.560  -5.001  5.917   1.00 15.88 ? 54  HIS A CB  1 
ATOM   426  C CG  . HIS A 1 55  ? -7.279  -3.545  5.714   1.00 14.20 ? 54  HIS A CG  1 
ATOM   427  N ND1 . HIS A 1 55  ? -6.003  -3.034  5.592   1.00 15.81 ? 54  HIS A ND1 1 
ATOM   428  C CD2 . HIS A 1 55  ? -8.119  -2.488  5.633   1.00 14.68 ? 54  HIS A CD2 1 
ATOM   429  C CE1 . HIS A 1 55  ? -6.073  -1.721  5.445   1.00 16.45 ? 54  HIS A CE1 1 
ATOM   430  N NE2 . HIS A 1 55  ? -7.345  -1.365  5.460   1.00 15.68 ? 54  HIS A NE2 1 
ATOM   431  N N   . ARG A 1 56  ? -8.365  -4.780  2.560   1.00 12.42 ? 55  ARG A N   1 
ATOM   432  C CA  . ARG A 1 56  ? -9.377  -4.467  1.557   1.00 13.93 ? 55  ARG A CA  1 
ATOM   433  C C   . ARG A 1 56  ? -8.783  -4.778  0.201   1.00 14.13 ? 55  ARG A C   1 
ATOM   434  O O   . ARG A 1 56  ? -7.731  -4.245  -0.155  1.00 14.87 ? 55  ARG A O   1 
ATOM   435  C CB  . ARG A 1 56  ? -9.810  -3.000  1.609   1.00 14.42 ? 55  ARG A CB  1 
ATOM   436  C CG  . ARG A 1 56  ? -10.402 -2.576  2.945   1.00 20.98 ? 55  ARG A CG  1 
ATOM   437  C CD  . ARG A 1 56  ? -11.872 -2.298  2.843   1.00 34.43 ? 55  ARG A CD  1 
ATOM   438  N NE  . ARG A 1 56  ? -12.231 -1.133  3.643   1.00 47.82 ? 55  ARG A NE  1 
ATOM   439  C CZ  . ARG A 1 56  ? -13.376 -0.467  3.524   1.00 48.27 ? 55  ARG A CZ  1 
ATOM   440  N NH1 . ARG A 1 56  ? -14.286 -0.847  2.633   1.00 38.69 ? 55  ARG A NH1 1 
ATOM   441  N NH2 . ARG A 1 56  ? -13.607 0.586   4.296   1.00 47.43 ? 55  ARG A NH2 1 
ATOM   442  N N   . ILE A 1 57  ? -9.454  -5.636  -0.547  1.00 14.77 ? 56  ILE A N   1 
ATOM   443  C CA  . ILE A 1 57  ? -9.078  -5.941  -1.916  1.00 14.17 ? 56  ILE A CA  1 
ATOM   444  C C   . ILE A 1 57  ? -10.331 -5.752  -2.747  1.00 13.52 ? 56  ILE A C   1 
ATOM   445  O O   . ILE A 1 57  ? -11.306 -6.491  -2.576  1.00 14.12 ? 56  ILE A O   1 
ATOM   446  C CB  . ILE A 1 57  ? -8.510  -7.359  -2.070  1.00 15.15 ? 56  ILE A CB  1 
ATOM   447  C CG1 . ILE A 1 57  ? -7.202  -7.486  -1.285  1.00 17.01 ? 56  ILE A CG1 1 
ATOM   448  C CG2 . ILE A 1 57  ? -8.253  -7.670  -3.545  1.00 15.54 ? 56  ILE A CG2 1 
ATOM   449  C CD1 . ILE A 1 57  ? -6.574  -8.860  -1.366  1.00 20.84 ? 56  ILE A CD1 1 
ATOM   450  N N   . ILE A 1 58  ? -10.336 -4.736  -3.603  1.00 12.48 ? 57  ILE A N   1 
ATOM   451  C CA  . ILE A 1 58  ? -11.483 -4.445  -4.452  1.00 13.55 ? 57  ILE A CA  1 
ATOM   452  C C   . ILE A 1 58  ? -11.065 -4.734  -5.891  1.00 12.97 ? 57  ILE A C   1 
ATOM   453  O O   . ILE A 1 58  ? -10.272 -3.976  -6.475  1.00 13.37 ? 57  ILE A O   1 
ATOM   454  C CB  . ILE A 1 58  ? -12.000 -3.010  -4.279  1.00 14.54 ? 57  ILE A CB  1 
ATOM   455  C CG1 . ILE A 1 58  ? -12.510 -2.819  -2.852  1.00 15.30 ? 57  ILE A CG1 1 
ATOM   456  C CG2 . ILE A 1 58  ? -13.120 -2.715  -5.286  1.00 14.42 ? 57  ILE A CG2 1 
ATOM   457  C CD1 . ILE A 1 58  ? -12.961 -1.401  -2.545  1.00 15.24 ? 57  ILE A CD1 1 
ATOM   458  N N   . PRO A 1 59  ? -11.555 -5.824  -6.486  1.00 15.03 ? 58  PRO A N   1 
ATOM   459  C CA  . PRO A 1 59  ? -11.156 -6.174  -7.856  1.00 14.89 ? 58  PRO A CA  1 
ATOM   460  C C   . PRO A 1 59  ? -11.454 -5.043  -8.825  1.00 16.03 ? 58  PRO A C   1 
ATOM   461  O O   . PRO A 1 59  ? -12.524 -4.428  -8.776  1.00 14.64 ? 58  PRO A O   1 
ATOM   462  C CB  . PRO A 1 59  ? -12.005 -7.417  -8.153  1.00 17.40 ? 58  PRO A CB  1 
ATOM   463  C CG  . PRO A 1 59  ? -12.238 -8.016  -6.804  1.00 16.41 ? 58  PRO A CG  1 
ATOM   464  C CD  . PRO A 1 59  ? -12.429 -6.847  -5.888  1.00 15.92 ? 58  PRO A CD  1 
ATOM   465  N N   . GLY A 1 60  ? -10.488 -4.763  -9.702  1.00 15.15 ? 59  GLY A N   1 
ATOM   466  C CA  . GLY A 1 60  ? -10.582 -3.661  -10.640 1.00 15.18 ? 59  GLY A CA  1 
ATOM   467  C C   . GLY A 1 60  ? -10.205 -2.311  -10.079 1.00 14.04 ? 59  GLY A C   1 
ATOM   468  O O   . GLY A 1 60  ? -10.191 -1.333  -10.827 1.00 15.34 ? 59  GLY A O   1 
ATOM   469  N N   . PHE A 1 61  ? -9.869  -2.233  -8.788  1.00 13.50 ? 60  PHE A N   1 
ATOM   470  C CA  . PHE A 1 61  ? -9.554  -0.954  -8.166  1.00 14.79 ? 60  PHE A CA  1 
ATOM   471  C C   . PHE A 1 61  ? -8.197  -1.020  -7.467  1.00 12.78 ? 60  PHE A C   1 
ATOM   472  O O   . PHE A 1 61  ? -7.225  -0.446  -7.972  1.00 13.66 ? 60  PHE A O   1 
ATOM   473  C CB  . PHE A 1 61  ? -10.700 -0.565  -7.220  1.00 14.49 ? 60  PHE A CB  1 
ATOM   474  C CG  . PHE A 1 61  ? -10.474 0.700   -6.410  1.00 12.41 ? 60  PHE A CG  1 
ATOM   475  C CD1 . PHE A 1 61  ? -9.599  1.700   -6.824  1.00 15.85 ? 60  PHE A CD1 1 
ATOM   476  C CD2 . PHE A 1 61  ? -11.158 0.873   -5.225  1.00 13.67 ? 60  PHE A CD2 1 
ATOM   477  C CE1 . PHE A 1 61  ? -9.417  2.857   -6.056  1.00 13.99 ? 60  PHE A CE1 1 
ATOM   478  C CE2 . PHE A 1 61  ? -10.976 2.017   -4.452  1.00 14.52 ? 60  PHE A CE2 1 
ATOM   479  C CZ  . PHE A 1 61  ? -10.110 3.006   -4.869  1.00 15.73 ? 60  PHE A CZ  1 
ATOM   480  N N   . MET A 1 62  ? -8.116  -1.698  -6.320  1.00 13.23 ? 61  MET A N   1 
ATOM   481  C CA  . MET A 1 62  ? -6.849  -1.677  -5.590  1.00 12.44 ? 61  MET A CA  1 
ATOM   482  C C   . MET A 1 62  ? -6.830  -2.743  -4.505  1.00 12.81 ? 61  MET A C   1 
ATOM   483  O O   . MET A 1 62  ? -7.864  -3.295  -4.121  1.00 12.91 ? 61  MET A O   1 
ATOM   484  C CB  . MET A 1 62  ? -6.588  -0.286  -4.994  1.00 13.80 ? 61  MET A CB  1 
ATOM   485  C CG  . MET A 1 62  ? -7.677  0.217   -4.029  1.00 13.02 ? 61  MET A CG  1 
ATOM   486  S SD  . MET A 1 62  ? -7.495  -0.464  -2.353  1.00 13.46 ? 61  MET A SD  1 
ATOM   487  C CE  . MET A 1 62  ? -9.160  -1.111  -2.100  1.00 15.73 ? 61  MET A CE  1 
ATOM   488  N N   . CYS A 1 63  ? -5.615  -3.021  -4.024  1.00 11.44 ? 62  CYS A N   1 
ATOM   489  C CA  . CYS A 1 63  ? -5.367  -3.805  -2.818  1.00 12.12 ? 62  CYS A CA  1 
ATOM   490  C C   . CYS A 1 63  ? -4.792  -2.901  -1.735  1.00 11.55 ? 62  CYS A C   1 
ATOM   491  O O   . CYS A 1 63  ? -3.801  -2.212  -1.971  1.00 13.07 ? 62  CYS A O   1 
ATOM   492  C CB  . CYS A 1 63  ? -4.364  -4.921  -3.115  1.00 12.89 ? 62  CYS A CB  1 
ATOM   493  S SG  . CYS A 1 63  ? -4.867  -6.052  -4.428  1.00 15.86 ? 62  CYS A SG  1 
ATOM   494  N N   . GLN A 1 64  ? -5.395  -2.920  -0.547  1.00 12.29 ? 63  GLN A N   1 
ATOM   495  C CA  . GLN A 1 64  ? -5.005  -2.016  0.529   1.00 13.15 ? 63  GLN A CA  1 
ATOM   496  C C   . GLN A 1 64  ? -4.449  -2.796  1.711   1.00 12.45 ? 63  GLN A C   1 
ATOM   497  O O   . GLN A 1 64  ? -5.011  -3.811  2.122   1.00 12.58 ? 63  GLN A O   1 
ATOM   498  C CB  . GLN A 1 64  ? -6.202  -1.185  0.984   1.00 13.49 ? 63  GLN A CB  1 
ATOM   499  C CG  . GLN A 1 64  ? -5.915  -0.195  2.095   1.00 12.16 ? 63  GLN A CG  1 
ATOM   500  C CD  . GLN A 1 64  ? -7.135  0.635   2.444   1.00 15.41 ? 63  GLN A CD  1 
ATOM   501  O OE1 . GLN A 1 64  ? -8.165  0.541   1.785   1.00 16.47 ? 63  GLN A OE1 1 
ATOM   502  N NE2 . GLN A 1 64  ? -7.027  1.445   3.487   1.00 13.98 ? 63  GLN A NE2 1 
ATOM   503  N N   . GLY A 1 65  ? -3.355  -2.294  2.268   1.00 10.83 ? 64  GLY A N   1 
ATOM   504  C CA  . GLY A 1 65  ? -2.762  -2.882  3.456   1.00 11.95 ? 64  GLY A CA  1 
ATOM   505  C C   . GLY A 1 65  ? -2.110  -1.863  4.356   1.00 10.84 ? 64  GLY A C   1 
ATOM   506  O O   . GLY A 1 65  ? -2.312  -0.652  4.205   1.00 11.86 ? 64  GLY A O   1 
ATOM   507  N N   . GLY A 1 66  ? -1.345  -2.358  5.333   1.00 10.62 ? 65  GLY A N   1 
ATOM   508  C CA  . GLY A 1 66  ? -0.472  -1.511  6.111   1.00 12.60 ? 65  GLY A CA  1 
ATOM   509  C C   . GLY A 1 66  ? -0.849  -1.302  7.557   1.00 12.88 ? 65  GLY A C   1 
ATOM   510  O O   . GLY A 1 66  ? -0.144  -0.556  8.247   1.00 14.51 ? 65  GLY A O   1 
ATOM   511  N N   . ASP A 1 67  ? -1.925  -1.909  8.048   1.00 11.79 ? 66  ASP A N   1 
ATOM   512  C CA  . ASP A 1 67  ? -2.297  -1.742  9.454   1.00 13.71 ? 66  ASP A CA  1 
ATOM   513  C C   . ASP A 1 67  ? -1.592  -2.801  10.284  1.00 15.04 ? 66  ASP A C   1 
ATOM   514  O O   . ASP A 1 67  ? -2.114  -3.896  10.502  1.00 17.12 ? 66  ASP A O   1 
ATOM   515  C CB  . ASP A 1 67  ? -3.803  -1.824  9.655   1.00 13.71 ? 66  ASP A CB  1 
ATOM   516  C CG  . ASP A 1 67  ? -4.202  -1.650  11.122  1.00 16.48 ? 66  ASP A CG  1 
ATOM   517  O OD1 . ASP A 1 67  ? -3.299  -1.500  11.977  1.00 16.13 ? 66  ASP A OD1 1 
ATOM   518  O OD2 . ASP A 1 67  ? -5.416  -1.647  11.403  1.00 16.32 ? 66  ASP A OD2 1 
ATOM   519  N N   . PHE A 1 68  ? -0.429  -2.445  10.813  1.00 15.37 ? 67  PHE A N   1 
ATOM   520  C CA  . PHE A 1 68  ? 0.298   -3.325  11.717  1.00 17.89 ? 67  PHE A CA  1 
ATOM   521  C C   . PHE A 1 68  ? 0.124   -2.959  13.188  1.00 19.97 ? 67  PHE A C   1 
ATOM   522  O O   . PHE A 1 68  ? 0.731   -3.617  14.041  1.00 21.33 ? 67  PHE A O   1 
ATOM   523  C CB  . PHE A 1 68  ? 1.785   -3.376  11.353  1.00 19.64 ? 67  PHE A CB  1 
ATOM   524  C CG  . PHE A 1 68  ? 2.438   -2.026  11.304  1.00 16.45 ? 67  PHE A CG  1 
ATOM   525  C CD1 . PHE A 1 68  ? 2.900   -1.409  12.457  1.00 19.42 ? 67  PHE A CD1 1 
ATOM   526  C CD2 . PHE A 1 68  ? 2.583   -1.370  10.100  1.00 17.06 ? 67  PHE A CD2 1 
ATOM   527  C CE1 . PHE A 1 68  ? 3.502   -0.156  12.394  1.00 20.56 ? 67  PHE A CE1 1 
ATOM   528  C CE2 . PHE A 1 68  ? 3.178   -0.136  10.033  1.00 18.50 ? 67  PHE A CE2 1 
ATOM   529  C CZ  . PHE A 1 68  ? 3.630   0.484   11.175  1.00 19.52 ? 67  PHE A CZ  1 
ATOM   530  N N   . THR A 1 69  ? -0.655  -1.929  13.518  1.00 17.34 ? 68  THR A N   1 
ATOM   531  C CA  . THR A 1 69  ? -0.820  -1.558  14.928  1.00 20.19 ? 68  THR A CA  1 
ATOM   532  C C   . THR A 1 69  ? -2.133  -2.022  15.532  1.00 20.58 ? 68  THR A C   1 
ATOM   533  O O   . THR A 1 69  ? -2.195  -2.229  16.751  1.00 21.70 ? 68  THR A O   1 
ATOM   534  C CB  . THR A 1 69  ? -0.683  -0.042  15.149  1.00 20.33 ? 68  THR A CB  1 
ATOM   535  O OG1 . THR A 1 69  ? -1.802  0.649   14.581  1.00 19.61 ? 68  THR A OG1 1 
ATOM   536  C CG2 . THR A 1 69  ? 0.627   0.488   14.570  1.00 18.36 ? 68  THR A CG2 1 
ATOM   537  N N   . ARG A 1 70  ? -3.181  -2.172  14.721  1.00 16.60 ? 69  ARG A N   1 
ATOM   538  C CA  . ARG A 1 70  ? -4.488  -2.596  15.205  1.00 18.08 ? 69  ARG A CA  1 
ATOM   539  C C   . ARG A 1 70  ? -5.050  -3.780  14.440  1.00 18.64 ? 69  ARG A C   1 
ATOM   540  O O   . ARG A 1 70  ? -5.991  -4.416  14.929  1.00 18.50 ? 69  ARG A O   1 
ATOM   541  C CB  . ARG A 1 70  ? -5.487  -1.430  15.171  1.00 20.57 ? 69  ARG A CB  1 
ATOM   542  C CG  . ARG A 1 70  ? -5.039  -0.200  15.972  1.00 20.98 ? 69  ARG A CG  1 
ATOM   543  C CD  . ARG A 1 70  ? -5.157  -0.425  17.476  1.00 33.00 ? 69  ARG A CD  1 
ATOM   544  N NE  . ARG A 1 70  ? -3.940  -0.133  18.234  1.00 41.21 ? 69  ARG A NE  1 
ATOM   545  C CZ  . ARG A 1 70  ? -3.636  1.057   18.745  1.00 39.08 ? 69  ARG A CZ  1 
ATOM   546  N NH1 . ARG A 1 70  ? -4.451  2.092   18.571  1.00 39.26 ? 69  ARG A NH1 1 
ATOM   547  N NH2 . ARG A 1 70  ? -2.510  1.215   19.424  1.00 39.40 ? 69  ARG A NH2 1 
ATOM   548  N N   . HIS A 1 71  ? -4.499  -4.106  13.270  1.00 18.01 ? 70  HIS A N   1 
ATOM   549  C CA  A HIS A 1 71  ? -4.927  -5.240  12.458  0.54 19.23 ? 70  HIS A CA  1 
ATOM   550  C CA  B HIS A 1 71  ? -4.937  -5.264  12.487  0.46 19.23 ? 70  HIS A CA  1 
ATOM   551  C C   . HIS A 1 71  ? -6.430  -5.225  12.176  1.00 18.53 ? 70  HIS A C   1 
ATOM   552  O O   . HIS A 1 71  ? -7.048  -6.266  11.929  1.00 21.98 ? 70  HIS A O   1 
ATOM   553  C CB  A HIS A 1 71  ? -4.430  -6.566  13.040  0.54 20.65 ? 70  HIS A CB  1 
ATOM   554  C CB  B HIS A 1 71  ? -4.546  -6.595  13.154  0.46 20.28 ? 70  HIS A CB  1 
ATOM   555  C CG  A HIS A 1 71  ? -2.942  -6.607  13.233  0.54 24.01 ? 70  HIS A CG  1 
ATOM   556  C CG  B HIS A 1 71  ? -4.609  -7.785  12.240  0.46 22.47 ? 70  HIS A CG  1 
ATOM   557  N ND1 A HIS A 1 71  ? -2.063  -6.882  12.206  0.54 21.93 ? 70  HIS A ND1 1 
ATOM   558  N ND1 B HIS A 1 71  ? -5.597  -7.954  11.294  0.46 23.00 ? 70  HIS A ND1 1 
ATOM   559  C CD2 A HIS A 1 71  ? -2.177  -6.375  14.327  0.54 21.24 ? 70  HIS A CD2 1 
ATOM   560  C CD2 B HIS A 1 71  ? -3.799  -8.866  12.131  0.46 28.36 ? 70  HIS A CD2 1 
ATOM   561  C CE1 A HIS A 1 71  ? -0.825  -6.839  12.663  0.54 23.82 ? 70  HIS A CE1 1 
ATOM   562  C CE1 B HIS A 1 71  ? -5.397  -9.088  10.645  0.46 23.44 ? 70  HIS A CE1 1 
ATOM   563  N NE2 A HIS A 1 71  ? -0.866  -6.532  13.948  0.54 26.25 ? 70  HIS A NE2 1 
ATOM   564  N NE2 B HIS A 1 71  ? -4.312  -9.661  11.134  0.46 23.49 ? 70  HIS A NE2 1 
ATOM   565  N N   . ASN A 1 72  ? -7.032  -4.037  12.156  1.00 14.99 ? 71  ASN A N   1 
ATOM   566  C CA  . ASN A 1 72  ? -8.467  -3.931  11.940  1.00 15.39 ? 71  ASN A CA  1 
ATOM   567  C C   . ASN A 1 72  ? -8.841  -2.964  10.827  1.00 17.29 ? 71  ASN A C   1 
ATOM   568  O O   . ASN A 1 72  ? -10.024 -2.629  10.679  1.00 19.35 ? 71  ASN A O   1 
ATOM   569  C CB  . ASN A 1 72  ? -9.188  -3.529  13.231  1.00 18.30 ? 71  ASN A CB  1 
ATOM   570  C CG  . ASN A 1 72  ? -8.817  -2.137  13.695  1.00 18.40 ? 71  ASN A CG  1 
ATOM   571  O OD1 . ASN A 1 72  ? -8.036  -1.436  13.031  1.00 17.72 ? 71  ASN A OD1 1 
ATOM   572  N ND2 . ASN A 1 72  ? -9.358  -1.723  14.840  1.00 19.05 ? 71  ASN A ND2 1 
ATOM   573  N N   . GLY A 1 73  ? -7.860  -2.484  10.058  1.00 15.91 ? 72  GLY A N   1 
ATOM   574  C CA  . GLY A 1 73  ? -8.108  -1.549  8.984   1.00 17.81 ? 72  GLY A CA  1 
ATOM   575  C C   . GLY A 1 73  ? -8.102  -0.090  9.379   1.00 18.68 ? 72  GLY A C   1 
ATOM   576  O O   . GLY A 1 73  ? -8.203  0.779   8.494   1.00 20.23 ? 72  GLY A O   1 
ATOM   577  N N   . THR A 1 74  ? -7.984  0.228   10.669  1.00 17.91 ? 73  THR A N   1 
ATOM   578  C CA  . THR A 1 74  ? -7.977  1.619   11.098  1.00 18.57 ? 73  THR A CA  1 
ATOM   579  C C   . THR A 1 74  ? -6.619  2.094   11.593  1.00 21.18 ? 73  THR A C   1 
ATOM   580  O O   . THR A 1 74  ? -6.445  3.298   11.808  1.00 22.02 ? 73  THR A O   1 
ATOM   581  C CB  . THR A 1 74  ? -9.023  1.860   12.200  1.00 22.94 ? 73  THR A CB  1 
ATOM   582  O OG1 . THR A 1 74  ? -8.552  1.286   13.423  1.00 25.08 ? 73  THR A OG1 1 
ATOM   583  C CG2 . THR A 1 74  ? -10.348 1.232   11.824  1.00 24.31 ? 73  THR A CG2 1 
ATOM   584  N N   . GLY A 1 75  ? -5.662  1.194   11.774  1.00 19.00 ? 74  GLY A N   1 
ATOM   585  C CA  . GLY A 1 75  ? -4.411  1.503   12.428  1.00 19.00 ? 74  GLY A CA  1 
ATOM   586  C C   . GLY A 1 75  ? -3.277  1.807   11.471  1.00 17.35 ? 74  GLY A C   1 
ATOM   587  O O   . GLY A 1 75  ? -3.483  2.166   10.304  1.00 18.56 ? 74  GLY A O   1 
ATOM   588  N N   . GLY A 1 76  ? -2.062  1.645   11.975  1.00 17.79 ? 75  GLY A N   1 
ATOM   589  C CA  . GLY A 1 76  ? -0.856  2.022   11.271  1.00 16.14 ? 75  GLY A CA  1 
ATOM   590  C C   . GLY A 1 76  ? -0.278  3.325   11.796  1.00 18.43 ? 75  GLY A C   1 
ATOM   591  O O   . GLY A 1 76  ? -0.952  4.132   12.439  1.00 18.37 ? 75  GLY A O   1 
ATOM   592  N N   . LYS A 1 77  ? 0.998   3.532   11.493  1.00 14.45 ? 76  LYS A N   1 
ATOM   593  C CA  . LYS A 1 77  ? 1.723   4.730   11.892  1.00 18.72 ? 76  LYS A CA  1 
ATOM   594  C C   . LYS A 1 77  ? 2.935   4.864   10.985  1.00 15.15 ? 76  LYS A C   1 
ATOM   595  O O   . LYS A 1 77  ? 3.436   3.872   10.451  1.00 15.22 ? 76  LYS A O   1 
ATOM   596  C CB  . LYS A 1 77  ? 2.162   4.665   13.364  1.00 18.75 ? 76  LYS A CB  1 
ATOM   597  C CG  . LYS A 1 77  ? 3.116   3.541   13.697  1.00 18.31 ? 76  LYS A CG  1 
ATOM   598  C CD  . LYS A 1 77  ? 3.445   3.549   15.182  1.00 19.71 ? 76  LYS A CD  1 
ATOM   599  C CE  . LYS A 1 77  ? 4.322   2.371   15.550  1.00 19.88 ? 76  LYS A CE  1 
ATOM   600  N NZ  . LYS A 1 77  ? 4.581   2.334   17.027  1.00 24.57 ? 76  LYS A NZ  1 
ATOM   601  N N   . SER A 1 78  ? 3.380   6.102   10.787  1.00 15.43 ? 77  SER A N   1 
ATOM   602  C CA  . SER A 1 78  ? 4.569   6.339   9.987   1.00 15.09 ? 77  SER A CA  1 
ATOM   603  C C   . SER A 1 78  ? 5.818   6.270   10.861  1.00 16.40 ? 77  SER A C   1 
ATOM   604  O O   . SER A 1 78  ? 5.745   6.210   12.092  1.00 19.50 ? 77  SER A O   1 
ATOM   605  C CB  . SER A 1 78  ? 4.509   7.702   9.305   1.00 16.15 ? 77  SER A CB  1 
ATOM   606  O OG  . SER A 1 78  ? 4.888   8.747   10.196  1.00 16.85 ? 77  SER A OG  1 
ATOM   607  N N   . ILE A 1 79  ? 6.978   6.309   10.201  1.00 18.26 ? 78  ILE A N   1 
ATOM   608  C CA  . ILE A 1 79  ? 8.250   6.368   10.918  1.00 19.67 ? 78  ILE A CA  1 
ATOM   609  C C   . ILE A 1 79  ? 8.526   7.742   11.494  1.00 22.58 ? 78  ILE A C   1 
ATOM   610  O O   . ILE A 1 79  ? 9.511   7.911   12.224  1.00 23.36 ? 78  ILE A O   1 
ATOM   611  C CB  . ILE A 1 79  ? 9.424   5.938   10.012  1.00 19.82 ? 78  ILE A CB  1 
ATOM   612  C CG1 . ILE A 1 79  ? 9.587   6.917   8.842   1.00 19.40 ? 78  ILE A CG1 1 
ATOM   613  C CG2 . ILE A 1 79  ? 9.213   4.505   9.535   1.00 19.96 ? 78  ILE A CG2 1 
ATOM   614  C CD1 . ILE A 1 79  ? 10.894  6.774   8.049   1.00 20.39 ? 78  ILE A CD1 1 
ATOM   615  N N   . TYR A 1 80  ? 7.699   8.732   11.162  1.00 19.13 ? 79  TYR A N   1 
ATOM   616  C CA  . TYR A 1 80  ? 7.846   10.102  11.631  1.00 20.37 ? 79  TYR A CA  1 
ATOM   617  C C   . TYR A 1 80  ? 6.898   10.430  12.773  1.00 22.83 ? 79  TYR A C   1 
ATOM   618  O O   . TYR A 1 80  ? 6.914   11.559  13.273  1.00 29.55 ? 79  TYR A O   1 
ATOM   619  C CB  . TYR A 1 80  ? 7.583   11.075  10.481  1.00 19.51 ? 79  TYR A CB  1 
ATOM   620  C CG  . TYR A 1 80  ? 8.311   10.729  9.211   1.00 20.78 ? 79  TYR A CG  1 
ATOM   621  C CD1 . TYR A 1 80  ? 9.704   10.780  9.153   1.00 19.61 ? 79  TYR A CD1 1 
ATOM   622  C CD2 . TYR A 1 80  ? 7.618   10.367  8.059   1.00 19.51 ? 79  TYR A CD2 1 
ATOM   623  C CE1 . TYR A 1 80  ? 10.383  10.468  8.001   1.00 20.27 ? 79  TYR A CE1 1 
ATOM   624  C CE2 . TYR A 1 80  ? 8.296   10.052  6.882   1.00 18.06 ? 79  TYR A CE2 1 
ATOM   625  C CZ  . TYR A 1 80  ? 9.684   10.103  6.866   1.00 18.91 ? 79  TYR A CZ  1 
ATOM   626  O OH  . TYR A 1 80  ? 10.389  9.803   5.727   1.00 20.06 ? 79  TYR A OH  1 
ATOM   627  N N   . GLY A 1 81  ? 6.063   9.481   13.183  1.00 21.88 ? 80  GLY A N   1 
ATOM   628  C CA  . GLY A 1 81  ? 5.006   9.695   14.143  1.00 21.29 ? 80  GLY A CA  1 
ATOM   629  C C   . GLY A 1 81  ? 3.702   9.186   13.586  1.00 24.29 ? 80  GLY A C   1 
ATOM   630  O O   . GLY A 1 81  ? 3.658   8.532   12.539  1.00 22.74 ? 80  GLY A O   1 
ATOM   631  N N   . GLU A 1 82  ? 2.611   9.503   14.288  1.00 21.35 ? 81  GLU A N   1 
ATOM   632  C CA  . GLU A 1 82  ? 1.306   8.968   13.906  1.00 24.77 ? 81  GLU A CA  1 
ATOM   633  C C   . GLU A 1 82  ? 0.925   9.365   12.484  1.00 22.54 ? 81  GLU A C   1 
ATOM   634  O O   . GLU A 1 82  ? 0.437   8.531   11.713  1.00 23.08 ? 81  GLU A O   1 
ATOM   635  C CB  . GLU A 1 82  ? 0.227   9.404   14.898  1.00 26.51 ? 81  GLU A CB  1 
ATOM   636  C CG  . GLU A 1 82  ? -1.154  8.871   14.540  1.00 38.99 ? 81  GLU A CG  1 
ATOM   637  C CD  . GLU A 1 82  ? -2.142  8.956   15.685  1.00 49.26 ? 81  GLU A CD  1 
ATOM   638  O OE1 . GLU A 1 82  ? -1.724  9.284   16.814  1.00 56.49 ? 81  GLU A OE1 1 
ATOM   639  O OE2 . GLU A 1 82  ? -3.339  8.686   15.451  1.00 48.18 ? 81  GLU A OE2 1 
ATOM   640  N N   . LYS A 1 83  ? 1.146   10.621  12.110  1.00 20.31 ? 82  LYS A N   1 
ATOM   641  C CA  . LYS A 1 83  ? 0.785   11.089  10.779  1.00 21.27 ? 82  LYS A CA  1 
ATOM   642  C C   . LYS A 1 83  ? 1.896   11.965  10.219  1.00 19.70 ? 82  LYS A C   1 
ATOM   643  O O   . LYS A 1 83  ? 2.677   12.559  10.968  1.00 21.63 ? 82  LYS A O   1 
ATOM   644  C CB  . LYS A 1 83  ? -0.497  11.928  10.790  1.00 21.84 ? 82  LYS A CB  1 
ATOM   645  C CG  . LYS A 1 83  ? -1.702  11.292  11.460  1.00 27.63 ? 82  LYS A CG  1 
ATOM   646  C CD  . LYS A 1 83  ? -2.781  12.347  11.709  1.00 28.60 ? 82  LYS A CD  1 
ATOM   647  C CE  . LYS A 1 83  ? -3.983  11.767  12.437  1.00 35.42 ? 82  LYS A CE  1 
ATOM   648  N NZ  . LYS A 1 83  ? -5.077  12.764  12.554  1.00 35.95 ? 82  LYS A NZ  1 
ATOM   649  N N   . PHE A 1 84  ? 1.962   12.052  8.895   1.00 15.43 ? 83  PHE A N   1 
ATOM   650  C CA  . PHE A 1 84  ? 2.829   13.029  8.259   1.00 15.07 ? 83  PHE A CA  1 
ATOM   651  C C   . PHE A 1 84  ? 2.114   13.689  7.091   1.00 15.26 ? 83  PHE A C   1 
ATOM   652  O O   . PHE A 1 84  ? 1.148   13.160  6.526   1.00 16.05 ? 83  PHE A O   1 
ATOM   653  C CB  . PHE A 1 84  ? 4.231   12.491  7.921   1.00 15.19 ? 83  PHE A CB  1 
ATOM   654  C CG  . PHE A 1 84  ? 4.265   11.448  6.842   1.00 15.53 ? 83  PHE A CG  1 
ATOM   655  C CD1 . PHE A 1 84  ? 3.855   10.146  7.090   1.00 14.49 ? 83  PHE A CD1 1 
ATOM   656  C CD2 . PHE A 1 84  ? 4.769   11.753  5.601   1.00 16.24 ? 83  PHE A CD2 1 
ATOM   657  C CE1 . PHE A 1 84  ? 3.933   9.178   6.099   1.00 16.36 ? 83  PHE A CE1 1 
ATOM   658  C CE2 . PHE A 1 84  ? 4.850   10.787  4.610   1.00 14.60 ? 83  PHE A CE2 1 
ATOM   659  C CZ  . PHE A 1 84  ? 4.434   9.498   4.864   1.00 14.56 ? 83  PHE A CZ  1 
ATOM   660  N N   . GLU A 1 85  ? 2.621   14.859  6.733   1.00 16.75 ? 84  GLU A N   1 
ATOM   661  C CA  A GLU A 1 85  ? 2.009   15.732  5.747   0.54 17.02 ? 84  GLU A CA  1 
ATOM   662  C CA  B GLU A 1 85  ? 1.921   15.681  5.762   0.46 16.98 ? 84  GLU A CA  1 
ATOM   663  C C   . GLU A 1 85  ? 2.057   15.109  4.352   1.00 16.47 ? 84  GLU A C   1 
ATOM   664  O O   . GLU A 1 85  ? 2.929   14.289  4.049   1.00 16.10 ? 84  GLU A O   1 
ATOM   665  C CB  A GLU A 1 85  ? 2.775   17.061  5.759   0.54 18.90 ? 84  GLU A CB  1 
ATOM   666  C CB  B GLU A 1 85  ? 2.400   17.136  5.824   0.46 20.33 ? 84  GLU A CB  1 
ATOM   667  C CG  A GLU A 1 85  ? 4.284   16.973  5.420   0.54 20.18 ? 84  GLU A CG  1 
ATOM   668  C CG  B GLU A 1 85  ? 3.792   17.391  5.280   0.46 20.27 ? 84  GLU A CG  1 
ATOM   669  C CD  A GLU A 1 85  ? 5.189   16.316  6.493   0.54 23.56 ? 84  GLU A CD  1 
ATOM   670  C CD  B GLU A 1 85  ? 4.216   18.840  5.455   0.46 23.51 ? 84  GLU A CD  1 
ATOM   671  O OE1 A GLU A 1 85  ? 4.778   16.119  7.664   0.54 19.15 ? 84  GLU A OE1 1 
ATOM   672  O OE1 B GLU A 1 85  ? 3.518   19.583  6.180   0.46 23.93 ? 84  GLU A OE1 1 
ATOM   673  O OE2 A GLU A 1 85  ? 6.346   15.989  6.144   0.54 25.56 ? 84  GLU A OE2 1 
ATOM   674  O OE2 B GLU A 1 85  ? 5.243   19.235  4.865   0.46 24.84 ? 84  GLU A OE2 1 
ATOM   675  N N   . ASP A 1 86  ? 1.124   15.519  3.489   1.00 15.83 ? 85  ASP A N   1 
ATOM   676  C CA  . ASP A 1 86  ? 1.186   15.148  2.081   1.00 15.68 ? 85  ASP A CA  1 
ATOM   677  C C   . ASP A 1 86  ? 2.403   15.832  1.473   1.00 16.15 ? 85  ASP A C   1 
ATOM   678  O O   . ASP A 1 86  ? 2.481   17.063  1.436   1.00 18.06 ? 85  ASP A O   1 
ATOM   679  C CB  . ASP A 1 86  ? -0.087  15.590  1.358   1.00 15.07 ? 85  ASP A CB  1 
ATOM   680  C CG  . ASP A 1 86  ? -1.315  14.811  1.805   1.00 14.71 ? 85  ASP A CG  1 
ATOM   681  O OD1 . ASP A 1 86  ? -1.244  13.565  1.887   1.00 14.09 ? 85  ASP A OD1 1 
ATOM   682  O OD2 . ASP A 1 86  ? -2.362  15.451  2.062   1.00 14.94 ? 85  ASP A OD2 1 
ATOM   683  N N   . GLU A 1 87  ? 3.372   15.036  1.025   1.00 16.23 ? 86  GLU A N   1 
ATOM   684  C CA  . GLU A 1 87  ? 4.657   15.595  0.602   1.00 17.11 ? 86  GLU A CA  1 
ATOM   685  C C   . GLU A 1 87  ? 4.511   16.431  -0.667  1.00 19.69 ? 86  GLU A C   1 
ATOM   686  O O   . GLU A 1 87  ? 4.988   17.576  -0.733  1.00 18.81 ? 86  GLU A O   1 
ATOM   687  C CB  . GLU A 1 87  ? 5.658   14.455  0.416   1.00 16.00 ? 86  GLU A CB  1 
ATOM   688  C CG  . GLU A 1 87  ? 7.053   14.907  0.028   1.00 15.44 ? 86  GLU A CG  1 
ATOM   689  C CD  . GLU A 1 87  ? 8.037   13.762  0.077   1.00 19.34 ? 86  GLU A CD  1 
ATOM   690  O OE1 . GLU A 1 87  ? 7.602   12.589  0.159   1.00 15.73 ? 86  GLU A OE1 1 
ATOM   691  O OE2 . GLU A 1 87  ? 9.259   14.034  0.039   1.00 18.85 ? 86  GLU A OE2 1 
ATOM   692  N N   . ASN A 1 88  ? 3.903   15.861  -1.701  1.00 15.53 ? 87  ASN A N   1 
ATOM   693  C CA  . ASN A 1 88  ? 3.577   16.576  -2.926  1.00 16.44 ? 87  ASN A CA  1 
ATOM   694  C C   . ASN A 1 88  ? 2.593   15.711  -3.694  1.00 16.98 ? 87  ASN A C   1 
ATOM   695  O O   . ASN A 1 88  ? 2.336   14.562  -3.327  1.00 17.10 ? 87  ASN A O   1 
ATOM   696  C CB  . ASN A 1 88  ? 4.824   16.896  -3.767  1.00 17.71 ? 87  ASN A CB  1 
ATOM   697  C CG  . ASN A 1 88  ? 5.562   15.640  -4.240  1.00 17.03 ? 87  ASN A CG  1 
ATOM   698  O OD1 . ASN A 1 88  ? 4.995   14.808  -4.949  1.00 17.52 ? 87  ASN A OD1 1 
ATOM   699  N ND2 . ASN A 1 88  ? 6.841   15.514  -3.863  1.00 19.31 ? 87  ASN A ND2 1 
ATOM   700  N N   . PHE A 1 89  ? 2.051   16.272  -4.769  1.00 16.64 ? 88  PHE A N   1 
ATOM   701  C CA  . PHE A 1 89  ? 1.190   15.535  -5.678  1.00 15.01 ? 88  PHE A CA  1 
ATOM   702  C C   . PHE A 1 89  ? 1.782   15.527  -7.080  1.00 16.70 ? 88  PHE A C   1 
ATOM   703  O O   . PHE A 1 89  ? 1.075   15.618  -8.080  1.00 18.36 ? 88  PHE A O   1 
ATOM   704  C CB  . PHE A 1 89  ? -0.250  16.050  -5.633  1.00 18.20 ? 88  PHE A CB  1 
ATOM   705  C CG  . PHE A 1 89  ? -0.894  15.914  -4.273  1.00 16.15 ? 88  PHE A CG  1 
ATOM   706  C CD1 . PHE A 1 89  ? -1.229  14.664  -3.761  1.00 18.26 ? 88  PHE A CD1 1 
ATOM   707  C CD2 . PHE A 1 89  ? -1.141  17.037  -3.491  1.00 17.13 ? 88  PHE A CD2 1 
ATOM   708  C CE1 . PHE A 1 89  ? -1.818  14.538  -2.515  1.00 14.31 ? 88  PHE A CE1 1 
ATOM   709  C CE2 . PHE A 1 89  ? -1.733  16.917  -2.238  1.00 19.65 ? 88  PHE A CE2 1 
ATOM   710  C CZ  . PHE A 1 89  ? -2.070  15.659  -1.746  1.00 16.31 ? 88  PHE A CZ  1 
ATOM   711  N N   . ILE A 1 90  ? 3.106   15.394  -7.157  1.00 17.09 ? 89  ILE A N   1 
ATOM   712  C CA  . ILE A 1 90  ? 3.780   15.408  -8.454  1.00 17.74 ? 89  ILE A CA  1 
ATOM   713  C C   . ILE A 1 90  ? 3.301   14.241  -9.301  1.00 20.19 ? 89  ILE A C   1 
ATOM   714  O O   . ILE A 1 90  ? 2.954   14.398  -10.475 1.00 23.29 ? 89  ILE A O   1 
ATOM   715  C CB  . ILE A 1 90  ? 5.307   15.351  -8.266  1.00 18.72 ? 89  ILE A CB  1 
ATOM   716  C CG1 . ILE A 1 90  ? 5.856   16.620  -7.610  1.00 20.90 ? 89  ILE A CG1 1 
ATOM   717  C CG2 . ILE A 1 90  ? 5.995   15.077  -9.608  1.00 22.73 ? 89  ILE A CG2 1 
ATOM   718  C CD1 . ILE A 1 90  ? 7.328   16.493  -7.205  1.00 23.18 ? 89  ILE A CD1 1 
ATOM   719  N N   . LEU A 1 91  ? 3.268   13.050  -8.710  1.00 17.80 ? 90  LEU A N   1 
ATOM   720  C CA  . LEU A 1 91  ? 2.970   11.847  -9.464  1.00 19.96 ? 90  LEU A CA  1 
ATOM   721  C C   . LEU A 1 91  ? 1.483   11.533  -9.437  1.00 15.78 ? 90  LEU A C   1 
ATOM   722  O O   . LEU A 1 91  ? 0.782   11.769  -8.444  1.00 17.70 ? 90  LEU A O   1 
ATOM   723  C CB  . LEU A 1 91  ? 3.765   10.662  -8.916  1.00 20.61 ? 90  LEU A CB  1 
ATOM   724  C CG  . LEU A 1 91  ? 5.270   10.897  -9.008  1.00 25.38 ? 90  LEU A CG  1 
ATOM   725  C CD1 . LEU A 1 91  ? 6.003   9.800   -8.294  1.00 22.63 ? 90  LEU A CD1 1 
ATOM   726  C CD2 . LEU A 1 91  ? 5.710   10.983  -10.462 1.00 24.37 ? 90  LEU A CD2 1 
ATOM   727  N N   . LYS A 1 92  ? 1.013   10.969  -10.540 1.00 19.55 ? 91  LYS A N   1 
ATOM   728  C CA  . LYS A 1 92  ? -0.394  10.694  -10.743 1.00 19.25 ? 91  LYS A CA  1 
ATOM   729  C C   . LYS A 1 92  ? -0.660  9.195   -10.720 1.00 18.20 ? 91  LYS A C   1 
ATOM   730  O O   . LYS A 1 92  ? 0.249   8.368   -10.848 1.00 17.55 ? 91  LYS A O   1 
ATOM   731  C CB  . LYS A 1 92  ? -0.872  11.290  -12.070 1.00 22.35 ? 91  LYS A CB  1 
ATOM   732  C CG  . LYS A 1 92  ? -0.803  12.815  -12.095 1.00 26.60 ? 91  LYS A CG  1 
ATOM   733  C CD  . LYS A 1 92  ? -1.572  13.405  -13.265 1.00 38.24 ? 91  LYS A CD  1 
ATOM   734  C CE  . LYS A 1 92  ? -1.542  14.924  -13.207 1.00 40.99 ? 91  LYS A CE  1 
ATOM   735  N NZ  . LYS A 1 92  ? -1.891  15.418  -11.843 1.00 41.13 ? 91  LYS A NZ  1 
ATOM   736  N N   . HIS A 1 93  ? -1.931  8.859   -10.544 1.00 15.55 ? 92  HIS A N   1 
ATOM   737  C CA  . HIS A 1 93  ? -2.385  7.469   -10.518 1.00 15.24 ? 92  HIS A CA  1 
ATOM   738  C C   . HIS A 1 93  ? -2.594  7.048   -11.968 1.00 20.15 ? 92  HIS A C   1 
ATOM   739  O O   . HIS A 1 93  ? -3.690  7.142   -12.513 1.00 19.12 ? 92  HIS A O   1 
ATOM   740  C CB  . HIS A 1 93  ? -3.670  7.350   -9.710  1.00 17.49 ? 92  HIS A CB  1 
ATOM   741  C CG  . HIS A 1 93  ? -3.525  7.722   -8.263  1.00 14.70 ? 92  HIS A CG  1 
ATOM   742  N ND1 . HIS A 1 93  ? -3.530  9.029   -7.818  1.00 14.48 ? 92  HIS A ND1 1 
ATOM   743  C CD2 . HIS A 1 93  ? -3.399  6.950   -7.155  1.00 13.50 ? 92  HIS A CD2 1 
ATOM   744  C CE1 . HIS A 1 93  ? -3.413  9.046   -6.501  1.00 14.46 ? 92  HIS A CE1 1 
ATOM   745  N NE2 . HIS A 1 93  ? -3.317  7.798   -6.077  1.00 12.88 ? 92  HIS A NE2 1 
ATOM   746  N N   . THR A 1 94  ? -1.521  6.588   -12.605 1.00 16.38 ? 93  THR A N   1 
ATOM   747  C CA  . THR A 1 94  ? -1.509  6.449   -14.060 1.00 17.27 ? 93  THR A CA  1 
ATOM   748  C C   . THR A 1 94  ? -1.938  5.077   -14.559 1.00 20.46 ? 93  THR A C   1 
ATOM   749  O O   . THR A 1 94  ? -2.169  4.919   -15.763 1.00 22.15 ? 93  THR A O   1 
ATOM   750  C CB  . THR A 1 94  ? -0.113  6.747   -14.605 1.00 20.32 ? 93  THR A CB  1 
ATOM   751  O OG1 . THR A 1 94  ? 0.845   5.977   -13.876 1.00 19.22 ? 93  THR A OG1 1 
ATOM   752  C CG2 . THR A 1 94  ? 0.211   8.223   -14.470 1.00 21.30 ? 93  THR A CG2 1 
ATOM   753  N N   . GLY A 1 95  ? -2.042  4.078   -13.694 1.00 18.37 ? 94  GLY A N   1 
ATOM   754  C CA  . GLY A 1 95  ? -2.456  2.773   -14.142 1.00 20.06 ? 94  GLY A CA  1 
ATOM   755  C C   . GLY A 1 95  ? -2.185  1.689   -13.123 1.00 17.75 ? 94  GLY A C   1 
ATOM   756  O O   . GLY A 1 95  ? -1.860  1.962   -11.961 1.00 18.86 ? 94  GLY A O   1 
ATOM   757  N N   . PRO A 1 96  ? -2.329  0.432   -13.547 1.00 16.34 ? 95  PRO A N   1 
ATOM   758  C CA  . PRO A 1 96  ? -2.088  -0.689  -12.632 1.00 17.55 ? 95  PRO A CA  1 
ATOM   759  C C   . PRO A 1 96  ? -0.662  -0.672  -12.106 1.00 15.48 ? 95  PRO A C   1 
ATOM   760  O O   . PRO A 1 96  ? 0.281   -0.311  -12.814 1.00 17.92 ? 95  PRO A O   1 
ATOM   761  C CB  . PRO A 1 96  ? -2.342  -1.925  -13.506 1.00 19.94 ? 95  PRO A CB  1 
ATOM   762  C CG  . PRO A 1 96  ? -3.226  -1.428  -14.632 1.00 22.40 ? 95  PRO A CG  1 
ATOM   763  C CD  . PRO A 1 96  ? -2.754  -0.020  -14.887 1.00 21.07 ? 95  PRO A CD  1 
ATOM   764  N N   . GLY A 1 97  ? -0.520  -1.059  -10.845 1.00 16.72 ? 96  GLY A N   1 
ATOM   765  C CA  . GLY A 1 97  ? 0.768   -1.155  -10.195 1.00 15.39 ? 96  GLY A CA  1 
ATOM   766  C C   . GLY A 1 97  ? 1.191   0.064   -9.407  1.00 14.01 ? 96  GLY A C   1 
ATOM   767  O O   . GLY A 1 97  ? 2.189   0.000   -8.693  1.00 15.88 ? 96  GLY A O   1 
ATOM   768  N N   . ILE A 1 98  ? 0.466   1.177   -9.512  1.00 13.51 ? 97  ILE A N   1 
ATOM   769  C CA  . ILE A 1 98  ? 0.825   2.374   -8.775  1.00 13.45 ? 97  ILE A CA  1 
ATOM   770  C C   . ILE A 1 98  ? 0.639   2.140   -7.283  1.00 11.38 ? 97  ILE A C   1 
ATOM   771  O O   . ILE A 1 98  ? -0.390  1.613   -6.832  1.00 13.06 ? 97  ILE A O   1 
ATOM   772  C CB  . ILE A 1 98  ? -0.031  3.559   -9.256  1.00 14.31 ? 97  ILE A CB  1 
ATOM   773  C CG1 . ILE A 1 98  ? 0.436   4.044   -10.639 1.00 16.55 ? 97  ILE A CG1 1 
ATOM   774  C CG2 . ILE A 1 98  ? -0.017  4.685   -8.228  1.00 14.35 ? 97  ILE A CG2 1 
ATOM   775  C CD1 . ILE A 1 98  ? 1.840   4.667   -10.662 1.00 18.99 ? 97  ILE A CD1 1 
ATOM   776  N N   . LEU A 1 99  ? 1.622   2.590   -6.517  1.00 14.04 ? 98  LEU A N   1 
ATOM   777  C CA  . LEU A 1 99  ? 1.601   2.570   -5.062  1.00 11.79 ? 98  LEU A CA  1 
ATOM   778  C C   . LEU A 1 99  ? 1.282   3.971   -4.553  1.00 13.27 ? 98  LEU A C   1 
ATOM   779  O O   . LEU A 1 99  ? 1.958   4.942   -4.931  1.00 14.52 ? 98  LEU A O   1 
ATOM   780  C CB  . LEU A 1 99  ? 2.984   2.140   -4.575  1.00 16.59 ? 98  LEU A CB  1 
ATOM   781  C CG  . LEU A 1 99  ? 3.242   1.575   -3.189  1.00 20.28 ? 98  LEU A CG  1 
ATOM   782  C CD1 . LEU A 1 99  ? 2.327   0.403   -2.822  1.00 17.03 ? 98  LEU A CD1 1 
ATOM   783  C CD2 . LEU A 1 99  ? 4.714   1.148   -3.130  1.00 18.29 ? 98  LEU A CD2 1 
ATOM   784  N N   . SER A 1 100 ? 0.278   4.074   -3.681  1.00 12.69 ? 99  SER A N   1 
ATOM   785  C CA  . SER A 1 100 ? -0.233  5.356   -3.227  1.00 13.06 ? 99  SER A CA  1 
ATOM   786  C C   . SER A 1 100 ? -0.653  5.252   -1.763  1.00 12.16 ? 99  SER A C   1 
ATOM   787  O O   . SER A 1 100 ? -0.951  4.163   -1.268  1.00 12.49 ? 99  SER A O   1 
ATOM   788  C CB  . SER A 1 100 ? -1.418  5.760   -4.100  1.00 14.02 ? 99  SER A CB  1 
ATOM   789  O OG  . SER A 1 100 ? -1.907  7.027   -3.731  1.00 14.88 ? 99  SER A OG  1 
ATOM   790  N N   . MET A 1 101 ? -0.643  6.390   -1.063  1.00 11.34 ? 100 MET A N   1 
ATOM   791  C CA  . MET A 1 101 ? -0.938  6.403   0.366   1.00 10.69 ? 100 MET A CA  1 
ATOM   792  C C   . MET A 1 101 ? -2.437  6.497   0.612   1.00 11.07 ? 100 MET A C   1 
ATOM   793  O O   . MET A 1 101 ? -3.125  7.351   0.038   1.00 11.60 ? 100 MET A O   1 
ATOM   794  C CB  . MET A 1 101 ? -0.257  7.582   1.061   1.00 13.00 ? 100 MET A CB  1 
ATOM   795  C CG  . MET A 1 101 ? 1.265   7.516   1.094   1.00 12.34 ? 100 MET A CG  1 
ATOM   796  S SD  . MET A 1 101 ? 1.859   6.019   1.924   1.00 13.24 ? 100 MET A SD  1 
ATOM   797  C CE  . MET A 1 101 ? 1.519   6.432   3.635   1.00 13.85 ? 100 MET A CE  1 
ATOM   798  N N   . ALA A 1 102 ? -2.934  5.619   1.474   1.00 11.54 ? 101 ALA A N   1 
ATOM   799  C CA  . ALA A 1 102 ? -4.282  5.756   2.006   1.00 11.14 ? 101 ALA A CA  1 
ATOM   800  C C   . ALA A 1 102 ? -4.293  6.908   2.996   1.00 11.97 ? 101 ALA A C   1 
ATOM   801  O O   . ALA A 1 102 ? -3.287  7.202   3.641   1.00 13.17 ? 101 ALA A O   1 
ATOM   802  C CB  . ALA A 1 102 ? -4.672  4.465   2.728   1.00 13.78 ? 101 ALA A CB  1 
ATOM   803  N N   . ASN A 1 103 ? -5.443  7.557   3.144   1.00 12.41 ? 102 ASN A N   1 
ATOM   804  C CA  . ASN A 1 103 ? -5.504  8.635   4.123   1.00 13.32 ? 102 ASN A CA  1 
ATOM   805  C C   . ASN A 1 103 ? -6.941  8.865   4.563   1.00 14.39 ? 102 ASN A C   1 
ATOM   806  O O   . ASN A 1 103 ? -7.885  8.282   4.026   1.00 15.24 ? 102 ASN A O   1 
ATOM   807  C CB  . ASN A 1 103 ? -4.789  9.906   3.629   1.00 12.80 ? 102 ASN A CB  1 
ATOM   808  C CG  . ASN A 1 103 ? -5.504  10.583  2.474   1.00 14.31 ? 102 ASN A CG  1 
ATOM   809  O OD1 . ASN A 1 103 ? -6.708  10.847  2.543   1.00 15.13 ? 102 ASN A OD1 1 
ATOM   810  N ND2 . ASN A 1 103 ? -4.768  10.891  1.416   1.00 13.15 ? 102 ASN A ND2 1 
ATOM   811  N N   . ALA A 1 104 ? -7.073  9.716   5.578   1.00 15.38 ? 103 ALA A N   1 
ATOM   812  C CA  . ALA A 1 104 ? -8.352  10.145  6.118   1.00 14.69 ? 103 ALA A CA  1 
ATOM   813  C C   . ALA A 1 104 ? -8.603  11.622  5.849   1.00 17.38 ? 103 ALA A C   1 
ATOM   814  O O   . ALA A 1 104 ? -9.441  12.245  6.511   1.00 18.89 ? 103 ALA A O   1 
ATOM   815  C CB  . ALA A 1 104 ? -8.413  9.839   7.614   1.00 17.12 ? 103 ALA A CB  1 
ATOM   816  N N   . GLY A 1 105 ? -7.913  12.186  4.869   1.00 14.64 ? 104 GLY A N   1 
ATOM   817  C CA  . GLY A 1 105 ? -7.963  13.599  4.601   1.00 17.39 ? 104 GLY A CA  1 
ATOM   818  C C   . GLY A 1 105 ? -6.562  14.172  4.479   1.00 15.24 ? 104 GLY A C   1 
ATOM   819  O O   . GLY A 1 105 ? -5.558  13.453  4.574   1.00 14.99 ? 104 GLY A O   1 
ATOM   820  N N   . PRO A 1 106 ? -6.470  15.480  4.254   1.00 14.98 ? 105 PRO A N   1 
ATOM   821  C CA  . PRO A 1 106 ? -5.158  16.124  4.110   1.00 15.74 ? 105 PRO A CA  1 
ATOM   822  C C   . PRO A 1 106 ? -4.231  15.811  5.274   1.00 14.37 ? 105 PRO A C   1 
ATOM   823  O O   . PRO A 1 106 ? -4.625  15.831  6.444   1.00 15.04 ? 105 PRO A O   1 
ATOM   824  C CB  . PRO A 1 106 ? -5.505  17.618  4.074   1.00 17.08 ? 105 PRO A CB  1 
ATOM   825  C CG  . PRO A 1 106 ? -6.892  17.653  3.503   1.00 17.48 ? 105 PRO A CG  1 
ATOM   826  C CD  . PRO A 1 106 ? -7.581  16.414  4.000   1.00 16.76 ? 105 PRO A CD  1 
ATOM   827  N N   . ASN A 1 107 ? -2.988  15.488  4.931   1.00 14.82 ? 106 ASN A N   1 
ATOM   828  C CA  . ASN A 1 107 ? -1.911  15.417  5.913   1.00 16.01 ? 106 ASN A CA  1 
ATOM   829  C C   . ASN A 1 107 ? -2.181  14.393  7.009   1.00 16.36 ? 106 ASN A C   1 
ATOM   830  O O   . ASN A 1 107 ? -1.992  14.661  8.196   1.00 16.69 ? 106 ASN A O   1 
ATOM   831  C CB  . ASN A 1 107 ? -1.651  16.803  6.504   1.00 15.16 ? 106 ASN A CB  1 
ATOM   832  C CG  . ASN A 1 107 ? -1.364  17.821  5.437   1.00 16.50 ? 106 ASN A CG  1 
ATOM   833  O OD1 . ASN A 1 107 ? -0.657  17.539  4.484   1.00 16.79 ? 106 ASN A OD1 1 
ATOM   834  N ND2 . ASN A 1 107 ? -1.949  19.006  5.564   1.00 19.55 ? 106 ASN A ND2 1 
ATOM   835  N N   . THR A 1 108 ? -2.630  13.198  6.604   1.00 14.88 ? 107 THR A N   1 
ATOM   836  C CA  . THR A 1 108 ? -2.906  12.130  7.559   1.00 14.77 ? 107 THR A CA  1 
ATOM   837  C C   . THR A 1 108 ? -2.220  10.820  7.176   1.00 14.90 ? 107 THR A C   1 
ATOM   838  O O   . THR A 1 108 ? -2.689  9.747   7.561   1.00 17.19 ? 107 THR A O   1 
ATOM   839  C CB  . THR A 1 108 ? -4.411  11.903  7.765   1.00 15.03 ? 107 THR A CB  1 
ATOM   840  O OG1 . THR A 1 108 ? -5.025  11.552  6.518   1.00 14.89 ? 107 THR A OG1 1 
ATOM   841  C CG2 . THR A 1 108 ? -5.078  13.153  8.334   1.00 17.83 ? 107 THR A CG2 1 
ATOM   842  N N   . ASN A 1 109 ? -1.144  10.892  6.397   1.00 14.68 ? 108 ASN A N   1 
ATOM   843  C CA  . ASN A 1 109 ? -0.416  9.696   5.986   1.00 14.48 ? 108 ASN A CA  1 
ATOM   844  C C   . ASN A 1 109 ? 0.167   8.984   7.197   1.00 15.87 ? 108 ASN A C   1 
ATOM   845  O O   . ASN A 1 109 ? 0.757   9.610   8.081   1.00 15.54 ? 108 ASN A O   1 
ATOM   846  C CB  . ASN A 1 109 ? 0.719   10.078  5.041   1.00 14.54 ? 108 ASN A CB  1 
ATOM   847  C CG  . ASN A 1 109 ? 0.214   10.742  3.793   1.00 14.23 ? 108 ASN A CG  1 
ATOM   848  O OD1 . ASN A 1 109 ? -0.342  10.076  2.928   1.00 14.63 ? 108 ASN A OD1 1 
ATOM   849  N ND2 . ASN A 1 109 ? 0.381   12.053  3.697   1.00 13.42 ? 108 ASN A ND2 1 
ATOM   850  N N   . GLY A 1 110 ? 0.013   7.662   7.228   1.00 12.45 ? 109 GLY A N   1 
ATOM   851  C CA  . GLY A 1 110 ? 0.602   6.848   8.271   1.00 13.89 ? 109 GLY A CA  1 
ATOM   852  C C   . GLY A 1 110 ? 1.433   5.744   7.661   1.00 13.56 ? 109 GLY A C   1 
ATOM   853  O O   . GLY A 1 110 ? 2.503   5.994   7.099   1.00 14.76 ? 109 GLY A O   1 
ATOM   854  N N   . SER A 1 111 ? 0.940   4.519   7.743   1.00 13.34 ? 110 SER A N   1 
ATOM   855  C CA  . SER A 1 111 ? 1.531   3.393   7.048   1.00 13.92 ? 110 SER A CA  1 
ATOM   856  C C   . SER A 1 111 ? 0.616   2.775   6.007   1.00 12.03 ? 110 SER A C   1 
ATOM   857  O O   . SER A 1 111 ? 1.108   2.064   5.123   1.00 12.36 ? 110 SER A O   1 
ATOM   858  C CB  . SER A 1 111 ? 1.956   2.296   8.039   1.00 16.01 ? 110 SER A CB  1 
ATOM   859  O OG  . SER A 1 111 ? 0.863   1.912   8.851   1.00 14.65 ? 110 SER A OG  1 
ATOM   860  N N   . GLN A 1 112 ? -0.692  3.016   6.066   1.00 11.90 ? 111 GLN A N   1 
ATOM   861  C CA  . GLN A 1 112 ? -1.568  2.341   5.119   1.00 12.55 ? 111 GLN A CA  1 
ATOM   862  C C   . GLN A 1 112 ? -1.365  2.863   3.707   1.00 11.91 ? 111 GLN A C   1 
ATOM   863  O O   . GLN A 1 112 ? -1.114  4.054   3.479   1.00 11.70 ? 111 GLN A O   1 
ATOM   864  C CB  . GLN A 1 112 ? -3.035  2.428   5.529   1.00 12.64 ? 111 GLN A CB  1 
ATOM   865  C CG  . GLN A 1 112 ? -3.364  1.568   6.753   1.00 13.30 ? 111 GLN A CG  1 
ATOM   866  C CD  . GLN A 1 112 ? -4.858  1.397   6.930   1.00 15.85 ? 111 GLN A CD  1 
ATOM   867  O OE1 . GLN A 1 112 ? -5.586  1.207   5.959   1.00 14.06 ? 111 GLN A OE1 1 
ATOM   868  N NE2 . GLN A 1 112 ? -5.328  1.487   8.172   1.00 16.14 ? 111 GLN A NE2 1 
ATOM   869  N N   . PHE A 1 113 ? -1.470  1.944   2.766   1.00 11.57 ? 112 PHE A N   1 
ATOM   870  C CA  . PHE A 1 113 ? -1.155  2.208   1.375   1.00 10.91 ? 112 PHE A CA  1 
ATOM   871  C C   . PHE A 1 113 ? -2.092  1.363   0.530   1.00 10.49 ? 112 PHE A C   1 
ATOM   872  O O   . PHE A 1 113 ? -2.736  0.431   1.018   1.00 11.62 ? 112 PHE A O   1 
ATOM   873  C CB  . PHE A 1 113 ? 0.294   1.792   1.068   1.00 11.83 ? 112 PHE A CB  1 
ATOM   874  C CG  . PHE A 1 113 ? 0.516   0.321   1.261   1.00 11.46 ? 112 PHE A CG  1 
ATOM   875  C CD1 . PHE A 1 113 ? 0.835   -0.169  2.518   1.00 12.18 ? 112 PHE A CD1 1 
ATOM   876  C CD2 . PHE A 1 113 ? 0.320   -0.577  0.217   1.00 13.29 ? 112 PHE A CD2 1 
ATOM   877  C CE1 . PHE A 1 113 ? 0.981   -1.530  2.734   1.00 13.51 ? 112 PHE A CE1 1 
ATOM   878  C CE2 . PHE A 1 113 ? 0.463   -1.937  0.411   1.00 14.67 ? 112 PHE A CE2 1 
ATOM   879  C CZ  . PHE A 1 113 ? 0.787   -2.417  1.682   1.00 14.19 ? 112 PHE A CZ  1 
ATOM   880  N N   . PHE A 1 114 ? -2.102  1.641   -0.767  1.00 10.82 ? 113 PHE A N   1 
ATOM   881  C CA  . PHE A 1 114 ? -2.794  0.766   -1.696  1.00 11.20 ? 113 PHE A CA  1 
ATOM   882  C C   . PHE A 1 114 ? -2.005  0.612   -2.983  1.00 11.29 ? 113 PHE A C   1 
ATOM   883  O O   . PHE A 1 114 ? -1.245  1.495   -3.385  1.00 11.82 ? 113 PHE A O   1 
ATOM   884  C CB  . PHE A 1 114 ? -4.278  1.147   -1.931  1.00 11.76 ? 113 PHE A CB  1 
ATOM   885  C CG  . PHE A 1 114 ? -4.489  2.554   -2.425  1.00 12.25 ? 113 PHE A CG  1 
ATOM   886  C CD1 . PHE A 1 114 ? -4.516  3.619   -1.537  1.00 12.89 ? 113 PHE A CD1 1 
ATOM   887  C CD2 . PHE A 1 114 ? -4.657  2.818   -3.779  1.00 13.44 ? 113 PHE A CD2 1 
ATOM   888  C CE1 . PHE A 1 114 ? -4.712  4.913   -1.981  1.00 13.87 ? 113 PHE A CE1 1 
ATOM   889  C CE2 . PHE A 1 114 ? -4.844  4.116   -4.231  1.00 13.97 ? 113 PHE A CE2 1 
ATOM   890  C CZ  . PHE A 1 114 ? -4.874  5.161   -3.326  1.00 14.04 ? 113 PHE A CZ  1 
ATOM   891  N N   . ILE A 1 115 ? -2.177  -0.558  -3.589  1.00 13.02 ? 114 ILE A N   1 
ATOM   892  C CA  . ILE A 1 115 ? -1.613  -0.889  -4.889  1.00 13.52 ? 114 ILE A CA  1 
ATOM   893  C C   . ILE A 1 115 ? -2.771  -0.851  -5.865  1.00 12.84 ? 114 ILE A C   1 
ATOM   894  O O   . ILE A 1 115 ? -3.716  -1.642  -5.737  1.00 12.37 ? 114 ILE A O   1 
ATOM   895  C CB  . ILE A 1 115 ? -0.991  -2.296  -4.904  1.00 12.95 ? 114 ILE A CB  1 
ATOM   896  C CG1 . ILE A 1 115 ? -0.014  -2.519  -3.746  1.00 15.15 ? 114 ILE A CG1 1 
ATOM   897  C CG2 . ILE A 1 115 ? -0.314  -2.543  -6.253  1.00 14.44 ? 114 ILE A CG2 1 
ATOM   898  C CD1 . ILE A 1 115 ? 0.364   -3.989  -3.582  1.00 16.04 ? 114 ILE A CD1 1 
ATOM   899  N N   . CYS A 1 116 ? -2.703  0.068   -6.828  1.00 13.66 ? 115 CYS A N   1 
ATOM   900  C CA  . CYS A 1 116 ? -3.766  0.194   -7.817  1.00 13.67 ? 115 CYS A CA  1 
ATOM   901  C C   . CYS A 1 116 ? -3.713  -0.964  -8.792  1.00 13.97 ? 115 CYS A C   1 
ATOM   902  O O   . CYS A 1 116 ? -2.639  -1.428  -9.169  1.00 14.90 ? 115 CYS A O   1 
ATOM   903  C CB  . CYS A 1 116 ? -3.612  1.490   -8.600  1.00 14.41 ? 115 CYS A CB  1 
ATOM   904  S SG  . CYS A 1 116 ? -3.779  2.942   -7.579  1.00 16.13 ? 115 CYS A SG  1 
ATOM   905  N N   . THR A 1 117 ? -4.888  -1.425  -9.221  1.00 14.53 ? 116 THR A N   1 
ATOM   906  C CA  . THR A 1 117 ? -4.974  -2.427  -10.278 1.00 17.45 ? 116 THR A CA  1 
ATOM   907  C C   . THR A 1 117 ? -5.672  -1.863  -11.509 1.00 17.05 ? 116 THR A C   1 
ATOM   908  O O   . THR A 1 117 ? -6.108  -2.617  -12.388 1.00 19.39 ? 116 THR A O   1 
ATOM   909  C CB  . THR A 1 117 ? -5.642  -3.706  -9.774  1.00 15.54 ? 116 THR A CB  1 
ATOM   910  O OG1 . THR A 1 117 ? -6.979  -3.427  -9.344  1.00 16.05 ? 116 THR A OG1 1 
ATOM   911  C CG2 . THR A 1 117 ? -4.838  -4.306  -8.608  1.00 16.53 ? 116 THR A CG2 1 
ATOM   912  N N   . ALA A 1 118 ? -5.779  -0.542  -11.569 1.00 15.99 ? 117 ALA A N   1 
ATOM   913  C CA  . ALA A 1 118 ? -6.350  0.184   -12.695 1.00 17.07 ? 117 ALA A CA  1 
ATOM   914  C C   . ALA A 1 118 ? -5.859  1.618   -12.586 1.00 19.96 ? 117 ALA A C   1 
ATOM   915  O O   . ALA A 1 118 ? -5.337  2.036   -11.550 1.00 18.61 ? 117 ALA A O   1 
ATOM   916  C CB  . ALA A 1 118 ? -7.881  0.146   -12.669 1.00 17.96 ? 117 ALA A CB  1 
ATOM   917  N N   . LYS A 1 119 ? -6.021  2.371   -13.670 1.00 16.69 ? 118 LYS A N   1 
ATOM   918  C CA  . LYS A 1 119 ? -5.812  3.811   -13.606 1.00 19.16 ? 118 LYS A CA  1 
ATOM   919  C C   . LYS A 1 119 ? -6.931  4.427   -12.778 1.00 20.61 ? 118 LYS A C   1 
ATOM   920  O O   . LYS A 1 119 ? -8.110  4.115   -12.980 1.00 19.70 ? 118 LYS A O   1 
ATOM   921  C CB  . LYS A 1 119 ? -5.815  4.402   -15.017 1.00 19.54 ? 118 LYS A CB  1 
ATOM   922  C CG  . LYS A 1 119 ? -5.675  5.912   -15.057 1.00 21.19 ? 118 LYS A CG  1 
ATOM   923  C CD  . LYS A 1 119 ? -5.537  6.409   -16.489 1.00 23.33 ? 118 LYS A CD  1 
ATOM   924  C CE  . LYS A 1 119 ? -5.407  7.923   -16.533 1.00 35.59 ? 118 LYS A CE  1 
ATOM   925  N NZ  . LYS A 1 119 ? -5.009  8.417   -17.884 1.00 42.91 ? 118 LYS A NZ  1 
ATOM   926  N N   . THR A 1 120 ? -6.563  5.276   -11.815 1.00 19.02 ? 119 THR A N   1 
ATOM   927  C CA  . THR A 1 120 ? -7.526  5.890   -10.895 1.00 18.89 ? 119 THR A CA  1 
ATOM   928  C C   . THR A 1 120 ? -7.263  7.396   -10.827 1.00 20.87 ? 119 THR A C   1 
ATOM   929  O O   . THR A 1 120 ? -6.882  7.943   -9.797  1.00 16.98 ? 119 THR A O   1 
ATOM   930  C CB  . THR A 1 120 ? -7.469  5.255   -9.498  1.00 17.28 ? 119 THR A CB  1 
ATOM   931  O OG1 . THR A 1 120 ? -6.163  5.441   -8.931  1.00 18.32 ? 119 THR A OG1 1 
ATOM   932  C CG2 . THR A 1 120 ? -7.767  3.768   -9.586  1.00 18.32 ? 119 THR A CG2 1 
ATOM   933  N N   . GLU A 1 121 ? -7.466  8.082   -11.956 1.00 18.86 ? 120 GLU A N   1 
ATOM   934  C CA  . GLU A 1 121 ? -7.113  9.497   -12.033 1.00 19.90 ? 120 GLU A CA  1 
ATOM   935  C C   . GLU A 1 121 ? -7.916  10.348  -11.052 1.00 18.62 ? 120 GLU A C   1 
ATOM   936  O O   . GLU A 1 121 ? -7.445  11.412  -10.627 1.00 18.80 ? 120 GLU A O   1 
ATOM   937  C CB  . GLU A 1 121 ? -7.301  10.007  -13.468 1.00 23.99 ? 120 GLU A CB  1 
ATOM   938  C CG  . GLU A 1 121 ? -7.038  11.503  -13.645 1.00 31.16 ? 120 GLU A CG  1 
ATOM   939  C CD  . GLU A 1 121 ? -7.023  11.944  -15.099 1.00 41.53 ? 120 GLU A CD  1 
ATOM   940  O OE1 . GLU A 1 121 ? -7.224  11.094  -15.993 1.00 43.26 ? 120 GLU A OE1 1 
ATOM   941  O OE2 . GLU A 1 121 ? -6.799  13.147  -15.347 1.00 41.85 ? 120 GLU A OE2 1 
ATOM   942  N N   . TRP A 1 122 ? -9.115  9.897   -10.673 1.00 17.55 ? 121 TRP A N   1 
ATOM   943  C CA  . TRP A 1 122 ? -9.936  10.613  -9.709  1.00 18.06 ? 121 TRP A CA  1 
ATOM   944  C C   . TRP A 1 122 ? -9.332  10.650  -8.310  1.00 17.68 ? 121 TRP A C   1 
ATOM   945  O O   . TRP A 1 122 ? -9.899  11.315  -7.432  1.00 20.65 ? 121 TRP A O   1 
ATOM   946  C CB  . TRP A 1 122 ? -11.336 10.007  -9.663  1.00 21.34 ? 121 TRP A CB  1 
ATOM   947  C CG  . TRP A 1 122 ? -11.348 8.532   -9.945  1.00 24.20 ? 121 TRP A CG  1 
ATOM   948  C CD1 . TRP A 1 122 ? -11.350 7.932   -11.174 1.00 27.53 ? 121 TRP A CD1 1 
ATOM   949  C CD2 . TRP A 1 122 ? -11.359 7.469   -8.982  1.00 23.61 ? 121 TRP A CD2 1 
ATOM   950  N NE1 . TRP A 1 122 ? -11.359 6.565   -11.034 1.00 32.36 ? 121 TRP A NE1 1 
ATOM   951  C CE2 . TRP A 1 122 ? -11.368 6.256   -9.700  1.00 24.24 ? 121 TRP A CE2 1 
ATOM   952  C CE3 . TRP A 1 122 ? -11.365 7.427   -7.584  1.00 22.69 ? 121 TRP A CE3 1 
ATOM   953  C CZ2 . TRP A 1 122 ? -11.384 5.015   -9.068  1.00 27.46 ? 121 TRP A CZ2 1 
ATOM   954  C CZ3 . TRP A 1 122 ? -11.391 6.188   -6.957  1.00 19.57 ? 121 TRP A CZ3 1 
ATOM   955  C CH2 . TRP A 1 122 ? -11.390 5.003   -7.702  1.00 24.31 ? 121 TRP A CH2 1 
ATOM   956  N N   . LEU A 1 123 ? -8.219  9.954   -8.076  1.00 16.42 ? 122 LEU A N   1 
ATOM   957  C CA  . LEU A 1 123 ? -7.501  10.057  -6.809  1.00 15.80 ? 122 LEU A CA  1 
ATOM   958  C C   . LEU A 1 123 ? -6.368  11.070  -6.850  1.00 15.84 ? 122 LEU A C   1 
ATOM   959  O O   . LEU A 1 123 ? -5.811  11.401  -5.792  1.00 15.71 ? 122 LEU A O   1 
ATOM   960  C CB  . LEU A 1 123 ? -6.958  8.687   -6.367  1.00 16.81 ? 122 LEU A CB  1 
ATOM   961  C CG  . LEU A 1 123 ? -8.020  7.623   -6.089  1.00 15.42 ? 122 LEU A CG  1 
ATOM   962  C CD1 . LEU A 1 123 ? -7.358  6.304   -5.696  1.00 15.90 ? 122 LEU A CD1 1 
ATOM   963  C CD2 . LEU A 1 123 ? -8.939  8.069   -4.973  1.00 16.26 ? 122 LEU A CD2 1 
ATOM   964  N N   . ASP A 1 124 ? -6.035  11.579  -8.041  1.00 14.48 ? 123 ASP A N   1 
ATOM   965  C CA  . ASP A 1 124 ? -4.935  12.516  -8.197  1.00 15.29 ? 123 ASP A CA  1 
ATOM   966  C C   . ASP A 1 124 ? -5.196  13.766  -7.375  1.00 15.28 ? 123 ASP A C   1 
ATOM   967  O O   . ASP A 1 124 ? -6.306  14.305  -7.360  1.00 16.53 ? 123 ASP A O   1 
ATOM   968  C CB  . ASP A 1 124 ? -4.776  12.920  -9.669  1.00 14.89 ? 123 ASP A CB  1 
ATOM   969  C CG  . ASP A 1 124 ? -4.228  11.801  -10.540 1.00 20.28 ? 123 ASP A CG  1 
ATOM   970  O OD1 . ASP A 1 124 ? -3.808  10.757  -9.998  1.00 16.17 ? 123 ASP A OD1 1 
ATOM   971  O OD2 . ASP A 1 124 ? -4.196  11.958  -11.776 1.00 20.83 ? 123 ASP A OD2 1 
ATOM   972  N N   . GLY A 1 125 ? -4.154  14.236  -6.700  1.00 14.70 ? 124 GLY A N   1 
ATOM   973  C CA  . GLY A 1 125 ? -4.249  15.412  -5.870  1.00 15.41 ? 124 GLY A CA  1 
ATOM   974  C C   . GLY A 1 125 ? -4.808  15.173  -4.492  1.00 15.63 ? 124 GLY A C   1 
ATOM   975  O O   . GLY A 1 125 ? -4.827  16.102  -3.680  1.00 15.58 ? 124 GLY A O   1 
ATOM   976  N N   . LYS A 1 126 ? -5.256  13.962  -4.195  1.00 16.10 ? 125 LYS A N   1 
ATOM   977  C CA  . LYS A 1 126 ? -5.765  13.628  -2.874  1.00 13.95 ? 125 LYS A CA  1 
ATOM   978  C C   . LYS A 1 126 ? -4.927  12.582  -2.159  1.00 15.83 ? 125 LYS A C   1 
ATOM   979  O O   . LYS A 1 126 ? -4.918  12.550  -0.924  1.00 16.79 ? 125 LYS A O   1 
ATOM   980  C CB  . LYS A 1 126 ? -7.217  13.121  -2.967  1.00 17.57 ? 125 LYS A CB  1 
ATOM   981  C CG  . LYS A 1 126 ? -8.188  14.141  -3.590  1.00 22.26 ? 125 LYS A CG  1 
ATOM   982  C CD  . LYS A 1 126 ? -9.152  13.450  -4.567  1.00 23.30 ? 125 LYS A CD  1 
ATOM   983  C CE  . LYS A 1 126 ? -9.768  14.399  -5.573  1.00 31.65 ? 125 LYS A CE  1 
ATOM   984  N NZ  . LYS A 1 126 ? -10.880 13.716  -6.292  1.00 34.01 ? 125 LYS A NZ  1 
ATOM   985  N N   . HIS A 1 127 ? -4.238  11.723  -2.904  1.00 12.28 ? 126 HIS A N   1 
ATOM   986  C CA  . HIS A 1 127 ? -3.404  10.663  -2.353  1.00 12.47 ? 126 HIS A CA  1 
ATOM   987  C C   . HIS A 1 127 ? -2.021  10.770  -2.968  1.00 13.01 ? 126 HIS A C   1 
ATOM   988  O O   . HIS A 1 127 ? -1.882  10.955  -4.181  1.00 14.74 ? 126 HIS A O   1 
ATOM   989  C CB  . HIS A 1 127 ? -4.018  9.287   -2.640  1.00 12.88 ? 126 HIS A CB  1 
ATOM   990  C CG  . HIS A 1 127 ? -5.366  9.135   -2.038  1.00 12.54 ? 126 HIS A CG  1 
ATOM   991  N ND1 . HIS A 1 127 ? -5.555  8.603   -0.783  1.00 12.76 ? 126 HIS A ND1 1 
ATOM   992  C CD2 . HIS A 1 127 ? -6.584  9.548   -2.464  1.00 13.66 ? 126 HIS A CD2 1 
ATOM   993  C CE1 . HIS A 1 127 ? -6.843  8.644   -0.484  1.00 13.88 ? 126 HIS A CE1 1 
ATOM   994  N NE2 . HIS A 1 127 ? -7.484  9.225   -1.483  1.00 14.58 ? 126 HIS A NE2 1 
ATOM   995  N N   . VAL A 1 128 ? -0.998  10.663  -2.125  1.00 12.76 ? 127 VAL A N   1 
ATOM   996  C CA  . VAL A 1 128 ? 0.386   10.808  -2.577  1.00 13.23 ? 127 VAL A CA  1 
ATOM   997  C C   . VAL A 1 128 ? 0.858   9.510   -3.222  1.00 11.15 ? 127 VAL A C   1 
ATOM   998  O O   . VAL A 1 128 ? 0.949   8.469   -2.560  1.00 13.11 ? 127 VAL A O   1 
ATOM   999  C CB  . VAL A 1 128 ? 1.313   11.228  -1.428  1.00 13.30 ? 127 VAL A CB  1 
ATOM   1000 C CG1 . VAL A 1 128 ? 2.787   11.267  -1.899  1.00 13.88 ? 127 VAL A CG1 1 
ATOM   1001 C CG2 . VAL A 1 128 ? 0.889   12.567  -0.873  1.00 16.36 ? 127 VAL A CG2 1 
ATOM   1002 N N   . VAL A 1 129 ? 1.183   9.581   -4.508  1.00 13.38 ? 128 VAL A N   1 
ATOM   1003 C CA  . VAL A 1 129 ? 1.763   8.468   -5.252  1.00 12.73 ? 128 VAL A CA  1 
ATOM   1004 C C   . VAL A 1 129 ? 3.269   8.459   -5.011  1.00 14.93 ? 128 VAL A C   1 
ATOM   1005 O O   . VAL A 1 129 ? 3.934   9.500   -5.104  1.00 14.91 ? 128 VAL A O   1 
ATOM   1006 C CB  . VAL A 1 129 ? 1.466   8.612   -6.755  1.00 14.35 ? 128 VAL A CB  1 
ATOM   1007 C CG1 . VAL A 1 129 ? 2.248   7.592   -7.554  1.00 15.36 ? 128 VAL A CG1 1 
ATOM   1008 C CG2 . VAL A 1 129 ? -0.024  8.473   -7.029  1.00 16.62 ? 128 VAL A CG2 1 
ATOM   1009 N N   . PHE A 1 130 ? 3.816   7.289   -4.696  1.00 14.63 ? 129 PHE A N   1 
ATOM   1010 C CA  . PHE A 1 130 ? 5.214   7.229   -4.308  1.00 16.67 ? 129 PHE A CA  1 
ATOM   1011 C C   . PHE A 1 130 ? 5.965   6.012   -4.818  1.00 14.14 ? 129 PHE A C   1 
ATOM   1012 O O   . PHE A 1 130 ? 7.158   5.892   -4.521  1.00 14.67 ? 129 PHE A O   1 
ATOM   1013 C CB  . PHE A 1 130 ? 5.345   7.306   -2.782  1.00 16.77 ? 129 PHE A CB  1 
ATOM   1014 C CG  . PHE A 1 130 ? 4.745   6.136   -2.067  1.00 14.60 ? 129 PHE A CG  1 
ATOM   1015 C CD1 . PHE A 1 130 ? 3.388   6.098   -1.789  1.00 15.12 ? 129 PHE A CD1 1 
ATOM   1016 C CD2 . PHE A 1 130 ? 5.537   5.059   -1.698  1.00 15.03 ? 129 PHE A CD2 1 
ATOM   1017 C CE1 . PHE A 1 130 ? 2.835   5.011   -1.149  1.00 15.97 ? 129 PHE A CE1 1 
ATOM   1018 C CE2 . PHE A 1 130 ? 4.991   3.977   -1.063  1.00 16.52 ? 129 PHE A CE2 1 
ATOM   1019 C CZ  . PHE A 1 130 ? 3.637   3.963   -0.773  1.00 15.15 ? 129 PHE A CZ  1 
ATOM   1020 N N   . GLY A 1 131 ? 5.342   5.130   -5.585  1.00 14.07 ? 130 GLY A N   1 
ATOM   1021 C CA  . GLY A 1 131 ? 6.071   3.977   -6.082  1.00 14.02 ? 130 GLY A CA  1 
ATOM   1022 C C   . GLY A 1 131 ? 5.254   3.224   -7.105  1.00 13.35 ? 130 GLY A C   1 
ATOM   1023 O O   . GLY A 1 131 ? 4.142   3.617   -7.457  1.00 13.11 ? 130 GLY A O   1 
ATOM   1024 N N   . LYS A 1 132 ? 5.809   2.112   -7.572  1.00 13.93 ? 131 LYS A N   1 
ATOM   1025 C CA  . LYS A 1 132 ? 5.093   1.268   -8.510  1.00 15.08 ? 131 LYS A CA  1 
ATOM   1026 C C   . LYS A 1 132 ? 5.623   -0.149  -8.409  1.00 14.01 ? 131 LYS A C   1 
ATOM   1027 O O   . LYS A 1 132 ? 6.793   -0.367  -8.071  1.00 14.50 ? 131 LYS A O   1 
ATOM   1028 C CB  . LYS A 1 132 ? 5.219   1.756   -9.962  1.00 16.81 ? 131 LYS A CB  1 
ATOM   1029 C CG  . LYS A 1 132 ? 6.571   1.432   -10.621 1.00 19.27 ? 131 LYS A CG  1 
ATOM   1030 C CD  . LYS A 1 132 ? 6.596   1.859   -12.092 1.00 19.59 ? 131 LYS A CD  1 
ATOM   1031 C CE  . LYS A 1 132 ? 7.943   1.544   -12.745 1.00 22.84 ? 131 LYS A CE  1 
ATOM   1032 N NZ  . LYS A 1 132 ? 7.906   1.790   -14.224 1.00 25.90 ? 131 LYS A NZ  1 
ATOM   1033 N N   . VAL A 1 133 ? 4.748   -1.106  -8.714  1.00 14.35 ? 132 VAL A N   1 
ATOM   1034 C CA  . VAL A 1 133 ? 5.172   -2.495  -8.845  1.00 14.42 ? 132 VAL A CA  1 
ATOM   1035 C C   . VAL A 1 133 ? 6.248   -2.598  -9.919  1.00 14.93 ? 132 VAL A C   1 
ATOM   1036 O O   . VAL A 1 133 ? 6.102   -2.065  -11.029 1.00 17.11 ? 132 VAL A O   1 
ATOM   1037 C CB  . VAL A 1 133 ? 3.968   -3.389  -9.170  1.00 13.69 ? 132 VAL A CB  1 
ATOM   1038 C CG1 . VAL A 1 133 ? 4.424   -4.802  -9.514  1.00 16.56 ? 132 VAL A CG1 1 
ATOM   1039 C CG2 . VAL A 1 133 ? 2.985   -3.401  -7.988  1.00 14.86 ? 132 VAL A CG2 1 
ATOM   1040 N N   . LYS A 1 134 ? 7.345   -3.267  -9.574  1.00 15.29 ? 133 LYS A N   1 
ATOM   1041 C CA  . LYS A 1 134 ? 8.445   -3.563  -10.483 1.00 18.03 ? 133 LYS A CA  1 
ATOM   1042 C C   . LYS A 1 134 ? 8.339   -4.962  -11.081 1.00 17.55 ? 133 LYS A C   1 
ATOM   1043 O O   . LYS A 1 134 ? 8.397   -5.123  -12.305 1.00 19.26 ? 133 LYS A O   1 
ATOM   1044 C CB  . LYS A 1 134 ? 9.773   -3.390  -9.740  1.00 19.33 ? 133 LYS A CB  1 
ATOM   1045 C CG  . LYS A 1 134 ? 11.001  -3.690  -10.582 1.00 17.03 ? 133 LYS A CG  1 
ATOM   1046 C CD  . LYS A 1 134 ? 12.279  -3.388  -9.831  1.00 21.80 ? 133 LYS A CD  1 
ATOM   1047 C CE  . LYS A 1 134 ? 13.490  -3.658  -10.723 1.00 22.79 ? 133 LYS A CE  1 
ATOM   1048 N NZ  . LYS A 1 134 ? 14.757  -3.167  -10.109 1.00 31.30 ? 133 LYS A NZ  1 
ATOM   1049 N N   . GLU A 1 135 ? 8.218   -5.982  -10.243 1.00 16.62 ? 134 GLU A N   1 
ATOM   1050 C CA  . GLU A 1 135 ? 7.894   -7.335  -10.666 1.00 18.28 ? 134 GLU A CA  1 
ATOM   1051 C C   . GLU A 1 135 ? 6.770   -7.859  -9.791  1.00 18.39 ? 134 GLU A C   1 
ATOM   1052 O O   . GLU A 1 135 ? 6.581   -7.410  -8.654  1.00 20.03 ? 134 GLU A O   1 
ATOM   1053 C CB  . GLU A 1 135 ? 9.073   -8.297  -10.477 1.00 20.22 ? 134 GLU A CB  1 
ATOM   1054 C CG  . GLU A 1 135 ? 10.287  -8.035  -11.359 1.00 29.16 ? 134 GLU A CG  1 
ATOM   1055 C CD  . GLU A 1 135 ? 11.377  -9.098  -11.197 1.00 22.35 ? 134 GLU A CD  1 
ATOM   1056 O OE1 . GLU A 1 135 ? 11.202  -10.215 -11.720 1.00 29.59 ? 134 GLU A OE1 1 
ATOM   1057 O OE2 . GLU A 1 135 ? 12.397  -8.808  -10.543 1.00 29.11 ? 134 GLU A OE2 1 
ATOM   1058 N N   . GLY A 1 136 ? 6.037   -8.827  -10.322 1.00 17.75 ? 135 GLY A N   1 
ATOM   1059 C CA  . GLY A 1 136 ? 5.001   -9.496  -9.568  1.00 17.20 ? 135 GLY A CA  1 
ATOM   1060 C C   . GLY A 1 136 ? 3.611   -8.939  -9.758  1.00 20.69 ? 135 GLY A C   1 
ATOM   1061 O O   . GLY A 1 136 ? 2.747   -9.177  -8.904  1.00 18.75 ? 135 GLY A O   1 
ATOM   1062 N N   . MET A 1 137 ? 3.354   -8.212  -10.846 1.00 18.67 ? 136 MET A N   1 
ATOM   1063 C CA  . MET A 1 137 ? 1.983   -7.771  -11.079 1.00 17.95 ? 136 MET A CA  1 
ATOM   1064 C C   . MET A 1 137 ? 1.036   -8.955  -11.220 1.00 20.71 ? 136 MET A C   1 
ATOM   1065 O O   . MET A 1 137 ? -0.140  -8.851  -10.855 1.00 21.87 ? 136 MET A O   1 
ATOM   1066 C CB  . MET A 1 137 ? 1.897   -6.837  -12.287 1.00 24.48 ? 136 MET A CB  1 
ATOM   1067 C CG  . MET A 1 137 ? 0.639   -5.984  -12.270 1.00 26.24 ? 136 MET A CG  1 
ATOM   1068 S SD  . MET A 1 137 ? 0.558   -4.856  -10.852 1.00 25.72 ? 136 MET A SD  1 
ATOM   1069 C CE  . MET A 1 137 ? -1.217  -4.585  -10.758 1.00 25.05 ? 136 MET A CE  1 
ATOM   1070 N N   . ASN A 1 138 ? 1.532   -10.098 -11.711 1.00 22.49 ? 137 ASN A N   1 
ATOM   1071 C CA  . ASN A 1 138 ? 0.709   -11.305 -11.726 1.00 21.12 ? 137 ASN A CA  1 
ATOM   1072 C C   . ASN A 1 138 ? 0.315   -11.732 -10.318 1.00 18.61 ? 137 ASN A C   1 
ATOM   1073 O O   . ASN A 1 138 ? -0.784  -12.264 -10.116 1.00 20.43 ? 137 ASN A O   1 
ATOM   1074 C CB  . ASN A 1 138 ? 1.437   -12.448 -12.440 1.00 27.04 ? 137 ASN A CB  1 
ATOM   1075 C CG  . ASN A 1 138 ? 2.716   -12.859 -11.734 1.00 24.72 ? 137 ASN A CG  1 
ATOM   1076 O OD1 . ASN A 1 138 ? 3.591   -12.030 -11.472 1.00 27.69 ? 137 ASN A OD1 1 
ATOM   1077 N ND2 . ASN A 1 138 ? 2.832   -14.144 -11.421 1.00 33.78 ? 137 ASN A ND2 1 
ATOM   1078 N N   . ILE A 1 139 ? 1.191   -11.510 -9.335  1.00 17.41 ? 138 ILE A N   1 
ATOM   1079 C CA  . ILE A 1 139 ? 0.847   -11.814 -7.953  1.00 18.17 ? 138 ILE A CA  1 
ATOM   1080 C C   . ILE A 1 139 ? -0.246  -10.874 -7.462  1.00 18.12 ? 138 ILE A C   1 
ATOM   1081 O O   . ILE A 1 139 ? -1.180  -11.300 -6.774  1.00 18.10 ? 138 ILE A O   1 
ATOM   1082 C CB  . ILE A 1 139 ? 2.095   -11.791 -7.047  1.00 18.03 ? 138 ILE A CB  1 
ATOM   1083 C CG1 . ILE A 1 139 ? 3.177   -12.734 -7.587  1.00 20.58 ? 138 ILE A CG1 1 
ATOM   1084 C CG2 . ILE A 1 139 ? 1.725   -12.182 -5.628  1.00 19.82 ? 138 ILE A CG2 1 
ATOM   1085 C CD1 . ILE A 1 139 ? 2.707   -14.153 -7.725  1.00 20.90 ? 138 ILE A CD1 1 
ATOM   1086 N N   . VAL A 1 140 ? -0.155  -9.587  -7.811  1.00 17.44 ? 139 VAL A N   1 
ATOM   1087 C CA  . VAL A 1 140 ? -1.208  -8.645  -7.435  1.00 19.60 ? 139 VAL A CA  1 
ATOM   1088 C C   . VAL A 1 140 ? -2.537  -9.052  -8.056  1.00 18.34 ? 139 VAL A C   1 
ATOM   1089 O O   . VAL A 1 140 ? -3.585  -8.987  -7.407  1.00 18.31 ? 139 VAL A O   1 
ATOM   1090 C CB  . VAL A 1 140 ? -0.810  -7.202  -7.797  1.00 15.70 ? 139 VAL A CB  1 
ATOM   1091 C CG1 . VAL A 1 140 ? -1.934  -6.246  -7.446  1.00 18.22 ? 139 VAL A CG1 1 
ATOM   1092 C CG2 . VAL A 1 140 ? 0.460   -6.813  -7.061  1.00 17.84 ? 139 VAL A CG2 1 
ATOM   1093 N N   . GLU A 1 141 ? -2.516  -9.496  -9.317  1.00 20.42 ? 140 GLU A N   1 
ATOM   1094 C CA  . GLU A 1 141 ? -3.752  -9.952  -9.940  1.00 18.51 ? 140 GLU A CA  1 
ATOM   1095 C C   . GLU A 1 141 ? -4.299  -11.188 -9.241  1.00 20.22 ? 140 GLU A C   1 
ATOM   1096 O O   . GLU A 1 141 ? -5.514  -11.321 -9.072  1.00 20.98 ? 140 GLU A O   1 
ATOM   1097 C CB  . GLU A 1 141 ? -3.538  -10.194 -11.434 1.00 22.40 ? 140 GLU A CB  1 
ATOM   1098 C CG  . GLU A 1 141 ? -3.330  -8.902  -12.195 1.00 34.44 ? 140 GLU A CG  1 
ATOM   1099 C CD  . GLU A 1 141 ? -3.130  -9.110  -13.679 1.00 44.34 ? 140 GLU A CD  1 
ATOM   1100 O OE1 . GLU A 1 141 ? -3.868  -9.930  -14.275 1.00 45.91 ? 140 GLU A OE1 1 
ATOM   1101 O OE2 . GLU A 1 141 ? -2.228  -8.452  -14.242 1.00 45.21 ? 140 GLU A OE2 1 
ATOM   1102 N N   . ALA A 1 142 ? -3.418  -12.095 -8.811  1.00 19.81 ? 141 ALA A N   1 
ATOM   1103 C CA  . ALA A 1 142 ? -3.873  -13.256 -8.054  1.00 21.04 ? 141 ALA A CA  1 
ATOM   1104 C C   . ALA A 1 142 ? -4.535  -12.832 -6.754  1.00 21.80 ? 141 ALA A C   1 
ATOM   1105 O O   . ALA A 1 142 ? -5.524  -13.436 -6.323  1.00 22.57 ? 141 ALA A O   1 
ATOM   1106 C CB  . ALA A 1 142 ? -2.706  -14.208 -7.788  1.00 18.21 ? 141 ALA A CB  1 
ATOM   1107 N N   . MET A 1 143 ? -4.017  -11.773 -6.125  1.00 19.07 ? 142 MET A N   1 
ATOM   1108 C CA  . MET A 1 143 ? -4.638  -11.268 -4.907  1.00 19.85 ? 142 MET A CA  1 
ATOM   1109 C C   . MET A 1 143 ? -6.041  -10.748 -5.185  1.00 19.57 ? 142 MET A C   1 
ATOM   1110 O O   . MET A 1 143 ? -6.947  -10.926 -4.365  1.00 18.81 ? 142 MET A O   1 
ATOM   1111 C CB  . MET A 1 143 ? -3.766  -10.163 -4.304  1.00 18.54 ? 142 MET A CB  1 
ATOM   1112 C CG  . MET A 1 143 ? -2.414  -10.655 -3.801  1.00 17.01 ? 142 MET A CG  1 
ATOM   1113 S SD  . MET A 1 143 ? -1.208  -9.333  -3.586  1.00 19.88 ? 142 MET A SD  1 
ATOM   1114 C CE  . MET A 1 143 ? -2.054  -8.308  -2.381  1.00 21.52 ? 142 MET A CE  1 
ATOM   1115 N N   . GLU A 1 144 ? -6.240  -10.115 -6.348  1.00 19.99 ? 143 GLU A N   1 
ATOM   1116 C CA  . GLU A 1 144 ? -7.545  -9.554  -6.687  1.00 17.87 ? 143 GLU A CA  1 
ATOM   1117 C C   . GLU A 1 144 ? -8.640  -10.605 -6.668  1.00 21.83 ? 143 GLU A C   1 
ATOM   1118 O O   . GLU A 1 144 ? -9.795  -10.292 -6.358  1.00 23.25 ? 143 GLU A O   1 
ATOM   1119 C CB  . GLU A 1 144 ? -7.512  -8.962  -8.091  1.00 26.22 ? 143 GLU A CB  1 
ATOM   1120 C CG  . GLU A 1 144 ? -7.141  -7.522  -8.160  1.00 23.63 ? 143 GLU A CG  1 
ATOM   1121 C CD  . GLU A 1 144 ? -7.268  -6.981  -9.558  1.00 20.60 ? 143 GLU A CD  1 
ATOM   1122 O OE1 . GLU A 1 144 ? -6.595  -7.520  -10.456 1.00 20.55 ? 143 GLU A OE1 1 
ATOM   1123 O OE2 . GLU A 1 144 ? -8.041  -6.022  -9.762  1.00 21.74 ? 143 GLU A OE2 1 
ATOM   1124 N N   . ARG A 1 145 ? -8.305  -11.847 -7.019  1.00 20.93 ? 144 ARG A N   1 
ATOM   1125 C CA  . ARG A 1 145 ? -9.308  -12.901 -7.085  1.00 22.80 ? 144 ARG A CA  1 
ATOM   1126 C C   . ARG A 1 145 ? -9.932  -13.179 -5.727  1.00 24.28 ? 144 ARG A C   1 
ATOM   1127 O O   . ARG A 1 145 ? -11.006 -13.779 -5.658  1.00 25.40 ? 144 ARG A O   1 
ATOM   1128 C CB  . ARG A 1 145 ? -8.683  -14.172 -7.669  1.00 24.52 ? 144 ARG A CB  1 
ATOM   1129 C CG  . ARG A 1 145 ? -8.057  -13.939 -9.030  1.00 33.02 ? 144 ARG A CG  1 
ATOM   1130 C CD  . ARG A 1 145 ? -7.560  -15.215 -9.705  1.00 34.72 ? 144 ARG A CD  1 
ATOM   1131 N NE  . ARG A 1 145 ? -7.127  -14.920 -11.069 1.00 42.98 ? 144 ARG A NE  1 
ATOM   1132 C CZ  . ARG A 1 145 ? -5.862  -14.775 -11.452 1.00 40.51 ? 144 ARG A CZ  1 
ATOM   1133 N NH1 . ARG A 1 145 ? -5.582  -14.488 -12.717 1.00 43.74 ? 144 ARG A NH1 1 
ATOM   1134 N NH2 . ARG A 1 145 ? -4.873  -14.933 -10.582 1.00 36.63 ? 144 ARG A NH2 1 
ATOM   1135 N N   . PHE A 1 146 ? -9.296  -12.739 -4.648  1.00 17.84 ? 145 PHE A N   1 
ATOM   1136 C CA  . PHE A 1 146 ? -9.818  -12.937 -3.308  1.00 19.90 ? 145 PHE A CA  1 
ATOM   1137 C C   . PHE A 1 146 ? -10.626 -11.750 -2.796  1.00 21.23 ? 145 PHE A C   1 
ATOM   1138 O O   . PHE A 1 146 ? -11.078 -11.771 -1.648  1.00 22.38 ? 145 PHE A O   1 
ATOM   1139 C CB  . PHE A 1 146 ? -8.669  -13.267 -2.354  1.00 21.67 ? 145 PHE A CB  1 
ATOM   1140 C CG  . PHE A 1 146 ? -7.892  -14.493 -2.755  1.00 24.98 ? 145 PHE A CG  1 
ATOM   1141 C CD1 . PHE A 1 146 ? -8.424  -15.759 -2.554  1.00 26.07 ? 145 PHE A CD1 1 
ATOM   1142 C CD2 . PHE A 1 146 ? -6.638  -14.379 -3.336  1.00 24.52 ? 145 PHE A CD2 1 
ATOM   1143 C CE1 . PHE A 1 146 ? -7.712  -16.893 -2.924  1.00 25.83 ? 145 PHE A CE1 1 
ATOM   1144 C CE2 . PHE A 1 146 ? -5.923  -15.508 -3.707  1.00 25.54 ? 145 PHE A CE2 1 
ATOM   1145 C CZ  . PHE A 1 146 ? -6.465  -16.766 -3.500  1.00 24.99 ? 145 PHE A CZ  1 
ATOM   1146 N N   . GLY A 1 147 ? -10.820 -10.719 -3.621  1.00 18.91 ? 146 GLY A N   1 
ATOM   1147 C CA  . GLY A 1 147 ? -11.508 -9.516  -3.197  1.00 19.69 ? 146 GLY A CA  1 
ATOM   1148 C C   . GLY A 1 147 ? -13.019 -9.578  -3.385  1.00 20.69 ? 146 GLY A C   1 
ATOM   1149 O O   . GLY A 1 147 ? -13.586 -10.583 -3.813  1.00 20.54 ? 146 GLY A O   1 
ATOM   1150 N N   . SER A 1 148 ? -13.670 -8.457  -3.070  1.00 16.61 ? 147 SER A N   1 
ATOM   1151 C CA  . SER A 1 148 ? -15.126 -8.365  -3.076  1.00 16.49 ? 147 SER A CA  1 
ATOM   1152 C C   . SER A 1 148 ? -15.537 -6.920  -3.328  1.00 15.90 ? 147 SER A C   1 
ATOM   1153 O O   . SER A 1 148 ? -14.692 -6.041  -3.494  1.00 16.55 ? 147 SER A O   1 
ATOM   1154 C CB  . SER A 1 148 ? -15.716 -8.853  -1.754  1.00 18.53 ? 147 SER A CB  1 
ATOM   1155 O OG  . SER A 1 148 ? -15.343 -7.980  -0.711  1.00 19.07 ? 147 SER A OG  1 
ATOM   1156 N N   . ARG A 1 149 ? -16.850 -6.675  -3.331  1.00 15.77 ? 148 ARG A N   1 
ATOM   1157 C CA  . ARG A 1 149 ? -17.373 -5.379  -3.760  1.00 14.78 ? 148 ARG A CA  1 
ATOM   1158 C C   . ARG A 1 149 ? -16.780 -4.226  -2.952  1.00 14.61 ? 148 ARG A C   1 
ATOM   1159 O O   . ARG A 1 149 ? -16.330 -3.227  -3.518  1.00 16.09 ? 148 ARG A O   1 
ATOM   1160 C CB  . ARG A 1 149 ? -18.899 -5.372  -3.652  1.00 17.38 ? 148 ARG A CB  1 
ATOM   1161 C CG  . ARG A 1 149 ? -19.522 -4.027  -4.037  1.00 16.24 ? 148 ARG A CG  1 
ATOM   1162 C CD  . ARG A 1 149 ? -21.006 -3.990  -3.722  1.00 16.38 ? 148 ARG A CD  1 
ATOM   1163 N NE  . ARG A 1 149 ? -21.732 -2.792  -4.148  1.00 16.91 ? 148 ARG A NE  1 
ATOM   1164 C CZ  . ARG A 1 149 ? -22.093 -1.805  -3.329  1.00 19.38 ? 148 ARG A CZ  1 
ATOM   1165 N NH1 . ARG A 1 149 ? -21.732 -1.841  -2.050  1.00 20.86 ? 148 ARG A NH1 1 
ATOM   1166 N NH2 . ARG A 1 149 ? -22.806 -0.785  -3.788  1.00 18.47 ? 148 ARG A NH2 1 
ATOM   1167 N N   . ASN A 1 150 ? -16.797 -4.343  -1.622  1.00 17.41 ? 149 ASN A N   1 
ATOM   1168 C CA  . ASN A 1 150 ? -16.299 -3.292  -0.743  1.00 17.71 ? 149 ASN A CA  1 
ATOM   1169 C C   . ASN A 1 150 ? -14.958 -3.628  -0.110  1.00 18.02 ? 149 ASN A C   1 
ATOM   1170 O O   . ASN A 1 150 ? -14.405 -2.795  0.619   1.00 20.19 ? 149 ASN A O   1 
ATOM   1171 C CB  . ASN A 1 150 ? -17.329 -2.941  0.333   1.00 21.23 ? 149 ASN A CB  1 
ATOM   1172 C CG  . ASN A 1 150 ? -18.525 -2.236  -0.241  1.00 24.85 ? 149 ASN A CG  1 
ATOM   1173 O OD1 . ASN A 1 150 ? -19.360 -2.859  -0.877  1.00 19.89 ? 149 ASN A OD1 1 
ATOM   1174 N ND2 . ASN A 1 150 ? -18.607 -0.924  -0.034  1.00 29.14 ? 149 ASN A ND2 1 
ATOM   1175 N N   . GLY A 1 151 ? -14.424 -4.815  -0.357  1.00 16.78 ? 150 GLY A N   1 
ATOM   1176 C CA  . GLY A 1 151 ? -13.033 -5.095  -0.068  1.00 17.53 ? 150 GLY A CA  1 
ATOM   1177 C C   . GLY A 1 151 ? -12.772 -6.239  0.885   1.00 16.97 ? 150 GLY A C   1 
ATOM   1178 O O   . GLY A 1 151 ? -11.621 -6.681  0.967   1.00 16.49 ? 150 GLY A O   1 
ATOM   1179 N N   . LYS A 1 152 ? -13.755 -6.739  1.630   1.00 19.95 ? 151 LYS A N   1 
ATOM   1180 C CA  . LYS A 1 152 ? -13.495 -7.876  2.502   1.00 21.99 ? 151 LYS A CA  1 
ATOM   1181 C C   . LYS A 1 152 ? -12.999 -9.055  1.673   1.00 23.92 ? 151 LYS A C   1 
ATOM   1182 O O   . LYS A 1 152 ? -13.432 -9.264  0.535   1.00 22.92 ? 151 LYS A O   1 
ATOM   1183 C CB  . LYS A 1 152 ? -14.761 -8.248  3.275   1.00 27.85 ? 151 LYS A CB  1 
ATOM   1184 C CG  . LYS A 1 152 ? -15.295 -7.112  4.121   1.00 32.58 ? 151 LYS A CG  1 
ATOM   1185 C CD  . LYS A 1 152 ? -14.178 -6.480  4.936   1.00 37.40 ? 151 LYS A CD  1 
ATOM   1186 C CE  . LYS A 1 152 ? -14.713 -5.414  5.873   1.00 44.32 ? 151 LYS A CE  1 
ATOM   1187 N NZ  . LYS A 1 152 ? -15.845 -5.926  6.696   1.00 40.69 ? 151 LYS A NZ  1 
ATOM   1188 N N   . THR A 1 153 ? -12.043 -9.793  2.223   1.00 25.63 ? 152 THR A N   1 
ATOM   1189 C CA  . THR A 1 153 ? -11.346 -10.820 1.466   1.00 25.68 ? 152 THR A CA  1 
ATOM   1190 C C   . THR A 1 153 ? -11.850 -12.207 1.842   1.00 29.89 ? 152 THR A C   1 
ATOM   1191 O O   . THR A 1 153 ? -12.188 -12.476 2.998   1.00 28.03 ? 152 THR A O   1 
ATOM   1192 C CB  . THR A 1 153 ? -9.828  -10.730 1.678   1.00 26.62 ? 152 THR A CB  1 
ATOM   1193 O OG1 . THR A 1 153 ? -9.517  -10.868 3.070   1.00 28.70 ? 152 THR A OG1 1 
ATOM   1194 C CG2 . THR A 1 153 ? -9.298  -9.387  1.197   1.00 22.32 ? 152 THR A CG2 1 
ATOM   1195 N N   . SER A 1 154 ? -11.890 -13.092 0.847   1.00 27.53 ? 153 SER A N   1 
ATOM   1196 C CA  . SER A 1 154 ? -12.379 -14.448 1.074   1.00 29.18 ? 153 SER A CA  1 
ATOM   1197 C C   . SER A 1 154 ? -11.323 -15.367 1.678   1.00 34.37 ? 153 SER A C   1 
ATOM   1198 O O   . SER A 1 154 ? -11.679 -16.401 2.254   1.00 38.25 ? 153 SER A O   1 
ATOM   1199 C CB  . SER A 1 154 ? -12.939 -15.031 -0.227  1.00 30.22 ? 153 SER A CB  1 
ATOM   1200 O OG  . SER A 1 154 ? -12.071 -14.762 -1.313  1.00 32.56 ? 153 SER A OG  1 
ATOM   1201 N N   . LYS A 1 155 ? -10.043 -15.021 1.556   1.00 30.65 ? 154 LYS A N   1 
ATOM   1202 C CA  . LYS A 1 155 ? -8.961  -15.702 2.250   1.00 30.00 ? 154 LYS A CA  1 
ATOM   1203 C C   . LYS A 1 155 ? -8.036  -14.646 2.840   1.00 27.65 ? 154 LYS A C   1 
ATOM   1204 O O   . LYS A 1 155 ? -8.069  -13.479 2.440   1.00 27.24 ? 154 LYS A O   1 
ATOM   1205 C CB  . LYS A 1 155 ? -8.188  -16.645 1.315   1.00 31.30 ? 154 LYS A CB  1 
ATOM   1206 C CG  . LYS A 1 155 ? -8.949  -17.917 0.940   1.00 31.91 ? 154 LYS A CG  1 
ATOM   1207 C CD  . LYS A 1 155 ? -8.153  -18.769 -0.040  1.00 33.98 ? 154 LYS A CD  1 
ATOM   1208 C CE  . LYS A 1 155 ? -8.663  -20.202 -0.090  1.00 35.63 ? 154 LYS A CE  1 
ATOM   1209 N NZ  . LYS A 1 155 ? -10.133 -20.264 -0.296  1.00 43.19 ? 154 LYS A NZ  1 
ATOM   1210 N N   . LYS A 1 156 ? -7.211  -15.056 3.803   1.00 26.30 ? 155 LYS A N   1 
ATOM   1211 C CA  . LYS A 1 156 ? -6.333  -14.133 4.516   1.00 26.43 ? 155 LYS A CA  1 
ATOM   1212 C C   . LYS A 1 156 ? -5.049  -13.905 3.722   1.00 25.57 ? 155 LYS A C   1 
ATOM   1213 O O   . LYS A 1 156 ? -4.248  -14.832 3.536   1.00 22.30 ? 155 LYS A O   1 
ATOM   1214 C CB  . LYS A 1 156 ? -6.003  -14.656 5.909   1.00 29.42 ? 155 LYS A CB  1 
ATOM   1215 C CG  . LYS A 1 156 ? -5.199  -13.667 6.738   1.00 29.96 ? 155 LYS A CG  1 
ATOM   1216 C CD  . LYS A 1 156 ? -4.321  -14.374 7.755   1.00 36.67 ? 155 LYS A CD  1 
ATOM   1217 C CE  . LYS A 1 156 ? -5.097  -14.805 8.980   1.00 41.28 ? 155 LYS A CE  1 
ATOM   1218 N NZ  . LYS A 1 156 ? -4.722  -13.984 10.168  1.00 48.44 ? 155 LYS A NZ  1 
ATOM   1219 N N   . ILE A 1 157 ? -4.838  -12.665 3.290   1.00 20.29 ? 156 ILE A N   1 
ATOM   1220 C CA  . ILE A 1 157 ? -3.755  -12.308 2.383   1.00 19.21 ? 156 ILE A CA  1 
ATOM   1221 C C   . ILE A 1 157 ? -2.735  -11.542 3.208   1.00 18.85 ? 156 ILE A C   1 
ATOM   1222 O O   . ILE A 1 157 ? -3.010  -10.423 3.651   1.00 19.53 ? 156 ILE A O   1 
ATOM   1223 C CB  . ILE A 1 157 ? -4.271  -11.447 1.222   1.00 19.94 ? 156 ILE A CB  1 
ATOM   1224 C CG1 . ILE A 1 157 ? -5.485  -12.096 0.538   1.00 20.52 ? 156 ILE A CG1 1 
ATOM   1225 C CG2 . ILE A 1 157 ? -3.172  -11.184 0.227   1.00 19.60 ? 156 ILE A CG2 1 
ATOM   1226 C CD1 . ILE A 1 157 ? -5.251  -13.530 0.080   1.00 22.75 ? 156 ILE A CD1 1 
ATOM   1227 N N   . THR A 1 158 ? -1.569  -12.139 3.438   1.00 16.89 ? 157 THR A N   1 
ATOM   1228 C CA  . THR A 1 158 ? -0.586  -11.580 4.353   1.00 18.28 ? 157 THR A CA  1 
ATOM   1229 C C   . THR A 1 158 ? 0.703   -11.214 3.633   1.00 18.68 ? 157 THR A C   1 
ATOM   1230 O O   . THR A 1 158 ? 1.046   -11.773 2.586   1.00 18.97 ? 157 THR A O   1 
ATOM   1231 C CB  . THR A 1 158 ? -0.243  -12.568 5.472   1.00 17.08 ? 157 THR A CB  1 
ATOM   1232 O OG1 . THR A 1 158 ? 0.131   -13.819 4.898   1.00 22.43 ? 157 THR A OG1 1 
ATOM   1233 C CG2 . THR A 1 158 ? -1.439  -12.771 6.377   1.00 23.29 ? 157 THR A CG2 1 
ATOM   1234 N N   . ILE A 1 159 ? 1.404   -10.254 4.229   1.00 15.59 ? 158 ILE A N   1 
ATOM   1235 C CA  . ILE A 1 159 ? 2.791   -9.952  3.892   1.00 16.62 ? 158 ILE A CA  1 
ATOM   1236 C C   . ILE A 1 159 ? 3.609   -10.863 4.800   1.00 17.12 ? 158 ILE A C   1 
ATOM   1237 O O   . ILE A 1 159 ? 3.909   -10.528 5.943   1.00 19.47 ? 158 ILE A O   1 
ATOM   1238 C CB  . ILE A 1 159 ? 3.113   -8.475  4.112   1.00 15.38 ? 158 ILE A CB  1 
ATOM   1239 C CG1 . ILE A 1 159 ? 2.226   -7.588  3.234   1.00 16.44 ? 158 ILE A CG1 1 
ATOM   1240 C CG2 . ILE A 1 159 ? 4.584   -8.190  3.850   1.00 16.69 ? 158 ILE A CG2 1 
ATOM   1241 C CD1 . ILE A 1 159 ? 2.417   -6.115  3.495   1.00 17.10 ? 158 ILE A CD1 1 
ATOM   1242 N N   . ALA A 1 160 ? 3.931   -12.056 4.299   1.00 19.90 ? 159 ALA A N   1 
ATOM   1243 C CA  . ALA A 1 160 ? 4.640   -13.024 5.132   1.00 19.22 ? 159 ALA A CA  1 
ATOM   1244 C C   . ALA A 1 160 ? 6.058   -12.561 5.432   1.00 21.47 ? 159 ALA A C   1 
ATOM   1245 O O   . ALA A 1 160 ? 6.614   -12.888 6.485   1.00 20.22 ? 159 ALA A O   1 
ATOM   1246 C CB  . ALA A 1 160 ? 4.651   -14.395 4.457   1.00 22.36 ? 159 ALA A CB  1 
ATOM   1247 N N   . ASP A 1 161 ? 6.664   -11.809 4.522   1.00 18.44 ? 160 ASP A N   1 
ATOM   1248 C CA  . ASP A 1 161 ? 7.953   -11.195 4.779   1.00 19.03 ? 160 ASP A CA  1 
ATOM   1249 C C   . ASP A 1 161 ? 8.078   -10.023 3.824   1.00 15.75 ? 160 ASP A C   1 
ATOM   1250 O O   . ASP A 1 161 ? 7.347   -9.929  2.832   1.00 17.87 ? 160 ASP A O   1 
ATOM   1251 C CB  . ASP A 1 161 ? 9.115   -12.188 4.614   1.00 22.57 ? 160 ASP A CB  1 
ATOM   1252 C CG  . ASP A 1 161 ? 10.430  -11.660 5.182   1.00 18.09 ? 160 ASP A CG  1 
ATOM   1253 O OD1 . ASP A 1 161 ? 10.416  -10.802 6.085   1.00 22.26 ? 160 ASP A OD1 1 
ATOM   1254 O OD2 . ASP A 1 161 ? 11.505  -12.098 4.709   1.00 31.76 ? 160 ASP A OD2 1 
ATOM   1255 N N   . CYS A 1 162 ? 8.964   -9.100  4.174   1.00 18.03 ? 161 CYS A N   1 
ATOM   1256 C CA  . CYS A 1 162 ? 9.196   -7.920  3.359   1.00 15.19 ? 161 CYS A CA  1 
ATOM   1257 C C   . CYS A 1 162 ? 10.558  -7.358  3.728   1.00 18.82 ? 161 CYS A C   1 
ATOM   1258 O O   . CYS A 1 162 ? 11.070  -7.586  4.827   1.00 16.43 ? 161 CYS A O   1 
ATOM   1259 C CB  . CYS A 1 162 ? 8.092   -6.864  3.531   1.00 16.89 ? 161 CYS A CB  1 
ATOM   1260 S SG  . CYS A 1 162 ? 7.611   -6.522  5.222   1.00 16.62 ? 161 CYS A SG  1 
ATOM   1261 N N   . GLY A 1 163 ? 11.145  -6.639  2.785   1.00 16.20 ? 162 GLY A N   1 
ATOM   1262 C CA  . GLY A 1 163 ? 12.437  -6.035  3.024   1.00 17.49 ? 162 GLY A CA  1 
ATOM   1263 C C   . GLY A 1 163 ? 12.874  -5.260  1.810   1.00 15.63 ? 162 GLY A C   1 
ATOM   1264 O O   . GLY A 1 163 ? 12.054  -4.903  0.959   1.00 16.08 ? 162 GLY A O   1 
ATOM   1265 N N   . GLN A 1 164 ? 14.175  -5.010  1.724   1.00 18.03 ? 163 GLN A N   1 
ATOM   1266 C CA  . GLN A 1 164 ? 14.746  -4.176  0.678   1.00 19.05 ? 163 GLN A CA  1 
ATOM   1267 C C   . GLN A 1 164 ? 15.771  -4.969  -0.111  1.00 22.10 ? 163 GLN A C   1 
ATOM   1268 O O   . GLN A 1 164 ? 16.672  -5.581  0.477   1.00 22.51 ? 163 GLN A O   1 
ATOM   1269 C CB  . GLN A 1 164 ? 15.400  -2.931  1.268   1.00 21.21 ? 163 GLN A CB  1 
ATOM   1270 C CG  . GLN A 1 164 ? 16.022  -2.025  0.218   1.00 20.29 ? 163 GLN A CG  1 
ATOM   1271 C CD  . GLN A 1 164 ? 16.521  -0.733  0.803   1.00 19.70 ? 163 GLN A CD  1 
ATOM   1272 O OE1 . GLN A 1 164 ? 16.459  -0.517  2.017   1.00 21.62 ? 163 GLN A OE1 1 
ATOM   1273 N NE2 . GLN A 1 164 ? 17.010  0.148   -0.057  1.00 21.28 ? 163 GLN A NE2 1 
ATOM   1274 N N   . LEU A 1 165 ? 15.635  -4.958  -1.434  1.00 22.17 ? 164 LEU A N   1 
ATOM   1275 C CA  . LEU A 1 165 ? 16.559  -5.693  -2.276  1.00 27.01 ? 164 LEU A CA  1 
ATOM   1276 C C   . LEU A 1 165 ? 17.809  -4.868  -2.542  1.00 33.20 ? 164 LEU A C   1 
ATOM   1277 O O   . LEU A 1 165 ? 17.821  -3.643  -2.400  1.00 31.14 ? 164 LEU A O   1 
ATOM   1278 C CB  . LEU A 1 165 ? 15.886  -6.090  -3.588  1.00 25.20 ? 164 LEU A CB  1 
ATOM   1279 C CG  . LEU A 1 165 ? 14.681  -7.009  -3.379  1.00 27.21 ? 164 LEU A CG  1 
ATOM   1280 C CD1 . LEU A 1 165 ? 13.991  -7.354  -4.681  1.00 27.44 ? 164 LEU A CD1 1 
ATOM   1281 C CD2 . LEU A 1 165 ? 15.119  -8.274  -2.654  1.00 27.37 ? 164 LEU A CD2 1 
ATOM   1282 N N   . GLU A 1 166 ? 18.877  -5.567  -2.907  1.00 30.08 ? 165 GLU A N   1 
ATOM   1283 C CA  . GLU A 1 166 ? 20.120  -4.927  -3.298  1.00 33.84 ? 165 GLU A CA  1 
ATOM   1284 C C   . GLU A 1 166 ? 19.866  -4.044  -4.517  1.00 41.48 ? 165 GLU A C   1 
ATOM   1285 O O   . GLU A 1 166 ? 18.998  -4.345  -5.340  1.00 40.36 ? 165 GLU A O   1 
ATOM   1286 C CB  . GLU A 1 166 ? 21.179  -5.992  -3.610  1.00 30.36 ? 165 GLU A CB  1 
ATOM   1287 C CG  . GLU A 1 166 ? 21.761  -6.693  -2.372  1.00 33.47 ? 165 GLU A CG  1 
ATOM   1288 C CD  . GLU A 1 166 ? 22.339  -8.077  -2.676  1.00 42.43 ? 165 GLU A CD  1 
ATOM   1289 O OE1 . GLU A 1 166 ? 21.556  -9.055  -2.754  1.00 30.16 ? 165 GLU A OE1 1 
ATOM   1290 O OE2 . GLU A 1 166 ? 23.577  -8.185  -2.835  1.00 39.99 ? 165 GLU A OE2 1 
ATOM   1291 O OXT . GLU A 1 166 ? 20.511  -3.011  -4.704  1.00 45.12 ? 165 GLU A OXT 1 
HETATM 1292 C C   . ACE B 2 1   ? -9.742  5.261   7.843   1.00 22.58 ? 0   ACE B C   1 
HETATM 1293 O O   . ACE B 2 1   ? -10.548 6.093   7.420   1.00 22.41 ? 0   ACE B O   1 
HETATM 1294 C CH3 . ACE B 2 1   ? -10.033 4.344   9.001   1.00 22.44 ? 0   ACE B CH3 1 
ATOM   1295 N N   . PRO B 2 2   ? -8.548  5.116   7.294   1.00 20.16 ? 1   PRO B N   1 
ATOM   1296 C CA  . PRO B 2 2   ? -8.138  5.952   6.160   1.00 16.61 ? 1   PRO B CA  1 
ATOM   1297 C C   . PRO B 2 2   ? -8.704  5.404   4.852   1.00 18.31 ? 1   PRO B C   1 
ATOM   1298 O O   . PRO B 2 2   ? -7.973  4.875   4.029   1.00 17.05 ? 1   PRO B O   1 
ATOM   1299 C CB  . PRO B 2 2   ? -6.616  5.848   6.198   1.00 19.74 ? 1   PRO B CB  1 
ATOM   1300 C CG  . PRO B 2 2   ? -6.343  4.489   6.778   1.00 18.77 ? 1   PRO B CG  1 
ATOM   1301 C CD  . PRO B 2 2   ? -7.460  4.241   7.771   1.00 21.75 ? 1   PRO B CD  1 
ATOM   1302 N N   A ASP B 2 3   ? -10.021 5.516   4.667   0.48 17.57 ? 2   ASP B N   1 
ATOM   1303 N N   B ASP B 2 3   ? -10.015 5.556   4.669   0.52 17.56 ? 2   ASP B N   1 
ATOM   1304 C CA  A ASP B 2 3   ? -10.699 4.931   3.514   0.48 17.04 ? 2   ASP B CA  1 
ATOM   1305 C CA  B ASP B 2 3   ? -10.728 4.954   3.550   0.52 17.01 ? 2   ASP B CA  1 
ATOM   1306 C C   A ASP B 2 3   ? -11.257 5.982   2.559   0.48 19.57 ? 2   ASP B C   1 
ATOM   1307 C C   B ASP B 2 3   ? -11.263 5.988   2.570   0.52 19.57 ? 2   ASP B C   1 
ATOM   1308 O O   A ASP B 2 3   ? -12.204 5.710   1.817   0.48 18.55 ? 2   ASP B O   1 
ATOM   1309 O O   B ASP B 2 3   ? -12.194 5.699   1.813   0.52 18.54 ? 2   ASP B O   1 
ATOM   1310 C CB  A ASP B 2 3   ? -11.774 3.928   3.941   0.48 20.89 ? 2   ASP B CB  1 
ATOM   1311 C CB  B ASP B 2 3   ? -11.831 4.031   4.064   0.52 20.79 ? 2   ASP B CB  1 
ATOM   1312 C CG  A ASP B 2 3   ? -12.794 4.530   4.880   0.48 27.35 ? 2   ASP B CG  1 
ATOM   1313 C CG  B ASP B 2 3   ? -11.276 2.876   4.867   0.52 22.87 ? 2   ASP B CG  1 
ATOM   1314 O OD1 A ASP B 2 3   ? -12.671 5.732   5.189   0.48 22.95 ? 2   ASP B OD1 1 
ATOM   1315 O OD1 B ASP B 2 3   ? -10.086 2.541   4.666   0.52 21.96 ? 2   ASP B OD1 1 
ATOM   1316 O OD2 A ASP B 2 3   ? -13.723 3.807   5.305   0.48 30.84 ? 2   ASP B OD2 1 
ATOM   1317 O OD2 B ASP B 2 3   ? -12.014 2.307   5.696   0.52 29.46 ? 2   ASP B OD2 1 
ATOM   1318 N N   . CYS B 2 4   ? -10.673 7.183   2.558   1.00 15.08 ? 3   CYS B N   1 
ATOM   1319 C CA  . CYS B 2 4   ? -11.090 8.216   1.615   1.00 16.59 ? 3   CYS B CA  1 
ATOM   1320 C C   . CYS B 2 4   ? -11.089 7.727   0.171   1.00 18.35 ? 3   CYS B C   1 
ATOM   1321 O O   . CYS B 2 4   ? -11.974 8.094   -0.613  1.00 18.56 ? 3   CYS B O   1 
ATOM   1322 C CB  . CYS B 2 4   ? -10.177 9.436   1.726   1.00 15.28 ? 3   CYS B CB  1 
ATOM   1323 S SG  . CYS B 2 4   ? -10.373 10.386  3.215   1.00 21.06 ? 3   CYS B SG  1 
ATOM   1324 N N   . HIS B 2 5   ? -10.096 6.922   -0.216  1.00 16.11 ? 4   HIS B N   1 
ATOM   1325 C CA  . HIS B 2 5   ? -10.057 6.483   -1.604  1.00 16.17 ? 4   HIS B CA  1 
ATOM   1326 C C   . HIS B 2 5   ? -11.194 5.523   -1.917  1.00 16.43 ? 4   HIS B C   1 
ATOM   1327 O O   . HIS B 2 5   ? -11.684 5.502   -3.050  1.00 20.17 ? 4   HIS B O   1 
ATOM   1328 C CB  . HIS B 2 5   ? -8.684  5.911   -1.964  1.00 14.77 ? 4   HIS B CB  1 
ATOM   1329 C CG  . HIS B 2 5   ? -8.375  4.605   -1.299  1.00 14.22 ? 4   HIS B CG  1 
ATOM   1330 N ND1 . HIS B 2 5   ? -8.107  4.500   0.048   1.00 17.83 ? 4   HIS B ND1 1 
ATOM   1331 C CD2 . HIS B 2 5   ? -8.258  3.352   -1.804  1.00 16.33 ? 4   HIS B CD2 1 
ATOM   1332 C CE1 . HIS B 2 5   ? -7.870  3.236   0.353   1.00 18.90 ? 4   HIS B CE1 1 
ATOM   1333 N NE2 . HIS B 2 5   ? -7.952  2.518   -0.754  1.00 16.45 ? 4   HIS B NE2 1 
ATOM   1334 N N   . ILE B 2 6   ? -11.642 4.755   -0.928  1.00 16.38 ? 5   ILE B N   1 
ATOM   1335 C CA  . ILE B 2 6   ? -12.759 3.842   -1.137  1.00 17.87 ? 5   ILE B CA  1 
ATOM   1336 C C   . ILE B 2 6   ? -14.080 4.597   -1.126  1.00 22.09 ? 5   ILE B C   1 
ATOM   1337 O O   . ILE B 2 6   ? -14.975 4.320   -1.935  1.00 22.33 ? 5   ILE B O   1 
ATOM   1338 C CB  . ILE B 2 6   ? -12.721 2.717   -0.089  1.00 18.33 ? 5   ILE B CB  1 
ATOM   1339 C CG1 . ILE B 2 6   ? -11.427 1.894   -0.215  1.00 22.10 ? 5   ILE B CG1 1 
ATOM   1340 C CG2 . ILE B 2 6   ? -13.924 1.790   -0.236  1.00 20.57 ? 5   ILE B CG2 1 
ATOM   1341 C CD1 . ILE B 2 6   ? -11.331 0.756   0.791   1.00 23.88 ? 5   ILE B CD1 1 
ATOM   1342 N N   . ARG B 2 7   ? -14.229 5.567   -0.256  1.00 19.51 ? 6   ARG B N   1 
ATOM   1343 C CA  . ARG B 2 7   ? -15.455 6.364   -0.211  1.00 23.91 ? 6   ARG B CA  1 
ATOM   1344 C C   . ARG B 2 7   ? -15.630 7.050   -1.510  1.00 23.32 ? 6   ARG B C   1 
ATOM   1345 O O   . ARG B 2 7   ? -16.723 7.090   -2.016  1.00 26.30 ? 6   ARG B O   1 
ATOM   1346 C CB  . ARG B 2 7   ? -15.434 7.345   0.979   1.00 21.51 ? 6   ARG B CB  1 
ATOM   1347 C CG  . ARG B 2 7   ? -15.517 6.647   2.317   1.00 25.25 ? 6   ARG B CG  1 
ATOM   1348 C CD  . ARG B 2 7   ? -15.786 7.609   3.471   1.00 35.52 ? 6   ARG B CD  1 
ATOM   1349 N NE  . ARG B 2 7   ? -15.349 7.169   4.783   1.00 40.40 ? 6   ARG B NE  1 
ATOM   1350 C CZ  . ARG B 2 7   ? -16.147 6.925   5.833   1.00 38.69 ? 6   ARG B CZ  1 
ATOM   1351 N NH1 . ARG B 2 7   ? -17.459 7.062   5.777   1.00 40.65 ? 6   ARG B NH1 1 
ATOM   1352 N NH2 . ARG B 2 7   ? -15.625 6.542   6.992   1.00 36.89 ? 6   ARG B NH2 1 
ATOM   1353 N N   . ALA B 2 8   ? -14.585 7.632   -2.043  1.00 22.45 ? 7   ALA B N   1 
ATOM   1354 C CA  . ALA B 2 8   ? -14.665 8.224   -3.369  1.00 27.85 ? 7   ALA B CA  1 
ATOM   1355 C C   . ALA B 2 8   ? -15.161 7.196   -4.375  1.00 27.23 ? 7   ALA B C   1 
ATOM   1356 O O   . ALA B 2 8   ? -16.091 7.458   -5.143  1.00 32.04 ? 7   ALA B O   1 
ATOM   1357 C CB  . ALA B 2 8   ? -13.297 8.771   -3.773  1.00 23.84 ? 7   ALA B CB  1 
ATOM   1358 N N   . TYR B 2 9   ? -14.579 5.996   -4.340  1.00 24.95 ? 8   TYR B N   1 
ATOM   1359 C CA  . TYR B 2 9   ? -14.957 4.932   -5.266  1.00 23.69 ? 8   TYR B CA  1 
ATOM   1360 C C   . TYR B 2 9   ? -16.431 4.553   -5.130  1.00 18.94 ? 8   TYR B C   1 
ATOM   1361 O O   . TYR B 2 9   ? -17.138 4.423   -6.136  1.00 23.86 ? 8   TYR B O   1 
ATOM   1362 C CB  . TYR B 2 9   ? -14.029 3.736   -5.026  1.00 21.50 ? 8   TYR B CB  1 
ATOM   1363 C CG  . TYR B 2 9   ? -14.352 2.443   -5.748  1.00 16.10 ? 8   TYR B CG  1 
ATOM   1364 C CD1 . TYR B 2 9   ? -14.073 2.279   -7.090  1.00 17.24 ? 8   TYR B CD1 1 
ATOM   1365 C CD2 . TYR B 2 9   ? -14.892 1.377   -5.062  1.00 14.37 ? 8   TYR B CD2 1 
ATOM   1366 C CE1 . TYR B 2 9   ? -14.358 1.087   -7.737  1.00 15.15 ? 8   TYR B CE1 1 
ATOM   1367 C CE2 . TYR B 2 9   ? -15.162 0.183   -5.689  1.00 12.67 ? 8   TYR B CE2 1 
ATOM   1368 C CZ  . TYR B 2 9   ? -14.898 0.045   -7.020  1.00 13.45 ? 8   TYR B CZ  1 
ATOM   1369 O OH  . TYR B 2 9   ? -15.184 -1.149  -7.633  1.00 15.35 ? 8   TYR B OH  1 
ATOM   1370 N N   . VAL B 2 10  ? -16.917 4.375   -3.898  1.00 22.40 ? 9   VAL B N   1 
ATOM   1371 C CA  . VAL B 2 10  ? -18.307 3.968   -3.695  1.00 19.06 ? 9   VAL B CA  1 
ATOM   1372 C C   . VAL B 2 10  ? -19.275 5.033   -4.201  1.00 26.48 ? 9   VAL B C   1 
ATOM   1373 O O   . VAL B 2 10  ? -20.304 4.720   -4.819  1.00 22.03 ? 9   VAL B O   1 
ATOM   1374 C CB  . VAL B 2 10  ? -18.568 3.610   -2.223  1.00 25.76 ? 9   VAL B CB  1 
ATOM   1375 C CG1 . VAL B 2 10  ? -20.056 3.358   -1.986  1.00 26.35 ? 9   VAL B CG1 1 
ATOM   1376 C CG2 . VAL B 2 10  ? -17.750 2.390   -1.832  1.00 21.15 ? 9   VAL B CG2 1 
ATOM   1377 N N   . CYS B 2 11  ? -18.978 6.306   -3.933  1.00 28.77 ? 10  CYS B N   1 
ATOM   1378 C CA  . CYS B 2 11  ? -19.873 7.373   -4.369  1.00 27.80 ? 10  CYS B CA  1 
ATOM   1379 C C   . CYS B 2 11  ? -19.815 7.576   -5.874  1.00 27.14 ? 10  CYS B C   1 
ATOM   1380 O O   . CYS B 2 11  ? -20.787 8.042   -6.479  1.00 31.20 ? 10  CYS B O   1 
ATOM   1381 C CB  . CYS B 2 11  ? -19.507 8.670   -3.656  1.00 31.25 ? 10  CYS B CB  1 
ATOM   1382 S SG  . CYS B 2 11  ? -20.109 10.150  -4.492  1.00 38.48 ? 10  CYS B SG  1 
ATOM   1383 N N   . HIS B 2 12  ? -18.698 7.218   -6.489  1.00 30.14 ? 11  HIS B N   1 
ATOM   1384 C CA  . HIS B 2 12  ? -18.421 7.495   -7.892  1.00 34.27 ? 11  HIS B CA  1 
ATOM   1385 C C   . HIS B 2 12  ? -19.167 6.538   -8.826  1.00 37.20 ? 11  HIS B C   1 
ATOM   1386 O O   . HIS B 2 12  ? -20.300 6.807   -9.253  1.00 35.57 ? 11  HIS B O   1 
ATOM   1387 C CB  . HIS B 2 12  ? -16.906 7.396   -8.089  1.00 35.31 ? 11  HIS B CB  1 
ATOM   1388 C CG  . HIS B 2 12  ? -16.451 7.463   -9.512  1.00 40.68 ? 11  HIS B CG  1 
ATOM   1389 N ND1 . HIS B 2 12  ? -16.540 6.390   -10.374 1.00 49.15 ? 11  HIS B ND1 1 
ATOM   1390 C CD2 . HIS B 2 12  ? -15.847 8.455   -10.208 1.00 41.86 ? 11  HIS B CD2 1 
ATOM   1391 C CE1 . HIS B 2 12  ? -16.038 6.729   -11.548 1.00 43.45 ? 11  HIS B CE1 1 
ATOM   1392 N NE2 . HIS B 2 12  ? -15.607 7.976   -11.473 1.00 44.17 ? 11  HIS B NE2 1 
HETATM 1393 C CA  . WHL C 3 .   ? -14.398 11.246  -1.079  1.00 23.04 ? 101 WHL B CA  1 
HETATM 1394 C CB  . WHL C 3 .   ? -15.631 11.106  -1.689  1.00 23.25 ? 101 WHL B CB  1 
HETATM 1395 N NB  . WHL C 3 .   ? -18.095 10.831  -1.475  1.00 23.73 ? 101 WHL B NB  1 
HETATM 1396 O OB  . WHL C 3 .   ? -13.634 10.807  3.190   1.00 21.37 ? 101 WHL B OB  1 
HETATM 1397 C CG  . WHL C 3 .   ? -12.868 11.257  2.402   1.00 16.78 ? 101 WHL B CG  1 
HETATM 1398 C CD  . WHL C 3 .   ? -16.695 10.936  0.458   1.00 22.85 ? 101 WHL B CD  1 
HETATM 1399 C CE  . WHL C 3 .   ? -15.468 11.063  1.062   1.00 22.65 ? 101 WHL B CE  1 
HETATM 1400 C CH  . WHL C 3 .   ? -11.481 11.654  2.897   1.00 23.57 ? 101 WHL B CH  1 
HETATM 1401 C CC  . WHL C 3 .   ? -16.767 10.949  -0.914  1.00 20.90 ? 101 WHL B CC  1 
HETATM 1402 C CF  . WHL C 3 .   ? -14.327 11.197  0.297   1.00 21.07 ? 101 WHL B CF  1 
HETATM 1403 C CJ  . WHL C 3 .   ? -18.436 11.450  -2.732  1.00 25.57 ? 101 WHL B CJ  1 
HETATM 1404 C CK  . WHL C 3 .   ? -19.875 11.316  -3.206  1.00 28.68 ? 101 WHL B CK  1 
HETATM 1405 N NA  . WHL C 3 .   ? -13.073 11.413  0.979   1.00 22.57 ? 101 WHL B NA  1 
HETATM 1406 O OA  . WHL C 3 .   ? -17.646 12.040  -3.389  1.00 31.86 ? 101 WHL B OA  1 
HETATM 1407 O O   . HOH D 4 .   ? 12.290  -7.147  -8.805  1.00 38.01 ? 201 HOH A O   1 
HETATM 1408 O O   . HOH D 4 .   ? -4.468  -16.838 -9.140  1.00 35.80 ? 202 HOH A O   1 
HETATM 1409 O O   . HOH D 4 .   ? 11.514  15.286  -12.594 1.00 33.43 ? 203 HOH A O   1 
HETATM 1410 O O   . HOH D 4 .   ? 14.847  -9.164  -10.932 1.00 36.53 ? 204 HOH A O   1 
HETATM 1411 O O   . HOH D 4 .   ? -5.064  3.894   20.278  1.00 40.24 ? 205 HOH A O   1 
HETATM 1412 O O   . HOH D 4 .   ? -0.420  -2.261  18.596  1.00 29.04 ? 206 HOH A O   1 
HETATM 1413 O O   . HOH D 4 .   ? -4.849  8.311   7.839   1.00 23.75 ? 207 HOH A O   1 
HETATM 1414 O O   . HOH D 4 .   ? 16.202  3.108   10.477  1.00 37.30 ? 208 HOH A O   1 
HETATM 1415 O O   . HOH D 4 .   ? 6.035   -5.325  -13.441 1.00 33.63 ? 209 HOH A O   1 
HETATM 1416 O O   . HOH D 4 .   ? 2.609   16.657  -11.776 1.00 36.83 ? 210 HOH A O   1 
HETATM 1417 O O   . HOH D 4 .   ? 10.386  -4.526  13.035  1.00 33.23 ? 211 HOH A O   1 
HETATM 1418 O O   . HOH D 4 .   ? 16.958  1.479   12.849  1.00 36.63 ? 212 HOH A O   1 
HETATM 1419 O O   . HOH D 4 .   ? 2.594   0.916   -12.387 1.00 26.60 ? 213 HOH A O   1 
HETATM 1420 O O   . HOH D 4 .   ? 1.195   3.690   -15.175 1.00 25.22 ? 214 HOH A O   1 
HETATM 1421 O O   . HOH D 4 .   ? -1.875  -15.553 4.802   1.00 23.41 ? 215 HOH A O   1 
HETATM 1422 O O   . HOH D 4 .   ? -4.008  -21.107 0.838   1.00 33.78 ? 216 HOH A O   1 
HETATM 1423 O O   . HOH D 4 .   ? 1.151   12.129  -5.835  1.00 15.83 ? 217 HOH A O   1 
HETATM 1424 O O   . HOH D 4 .   ? 10.486  0.211   10.485  1.00 22.86 ? 218 HOH A O   1 
HETATM 1425 O O   . HOH D 4 .   ? 5.850   14.870  3.775   1.00 22.64 ? 219 HOH A O   1 
HETATM 1426 O O   . HOH D 4 .   ? 7.059   -12.484 -8.562  1.00 32.82 ? 220 HOH A O   1 
HETATM 1427 O O   . HOH D 4 .   ? -7.263  -17.784 7.269   1.00 37.15 ? 221 HOH A O   1 
HETATM 1428 O O   . HOH D 4 .   ? -2.434  2.761   16.130  1.00 30.94 ? 222 HOH A O   1 
HETATM 1429 O O   . HOH D 4 .   ? -3.797  -3.947  6.993   1.00 14.26 ? 223 HOH A O   1 
HETATM 1430 O O   . HOH D 4 .   ? 24.615  -9.679  -4.829  1.00 35.72 ? 224 HOH A O   1 
HETATM 1431 O O   . HOH D 4 .   ? 4.007   -1.344  -12.589 1.00 27.18 ? 225 HOH A O   1 
HETATM 1432 O O   . HOH D 4 .   ? -1.471  6.091   5.320   1.00 13.96 ? 226 HOH A O   1 
HETATM 1433 O O   . HOH D 4 .   ? 6.182   -6.505  11.758  1.00 21.98 ? 227 HOH A O   1 
HETATM 1434 O O   . HOH D 4 .   ? 0.926   18.986  2.568   1.00 30.63 ? 228 HOH A O   1 
HETATM 1435 O O   . HOH D 4 .   ? -0.566  -4.951  5.066   1.00 15.32 ? 229 HOH A O   1 
HETATM 1436 O O   . HOH D 4 .   ? 11.294  6.049   -11.926 1.00 33.73 ? 230 HOH A O   1 
HETATM 1437 O O   . HOH D 4 .   ? 8.923   -15.275 -2.679  1.00 35.68 ? 231 HOH A O   1 
HETATM 1438 O O   . HOH D 4 .   ? 11.705  2.787   -13.682 1.00 21.10 ? 232 HOH A O   1 
HETATM 1439 O O   . HOH D 4 .   ? 13.740  8.491   0.142   1.00 23.87 ? 233 HOH A O   1 
HETATM 1440 O O   . HOH D 4 .   ? -6.770  -10.475 3.869   1.00 23.04 ? 234 HOH A O   1 
HETATM 1441 O O   . HOH D 4 .   ? 10.060  16.553  -0.647  1.00 19.28 ? 235 HOH A O   1 
HETATM 1442 O O   . HOH D 4 .   ? -8.206  12.204  0.701   1.00 21.73 ? 236 HOH A O   1 
HETATM 1443 O O   . HOH D 4 .   ? 5.294   -15.844 -0.446  1.00 26.20 ? 237 HOH A O   1 
HETATM 1444 O O   . HOH D 4 .   ? -3.696  -9.564  -16.986 1.00 39.46 ? 238 HOH A O   1 
HETATM 1445 O O   . HOH D 4 .   ? -1.793  10.981  0.782   1.00 13.54 ? 239 HOH A O   1 
HETATM 1446 O O   . HOH D 4 .   ? -11.177 -1.675  -13.365 1.00 22.13 ? 240 HOH A O   1 
HETATM 1447 O O   . HOH D 4 .   ? -4.325  18.639  -4.609  1.00 23.47 ? 241 HOH A O   1 
HETATM 1448 O O   . HOH D 4 .   ? 12.008  -14.501 5.948   1.00 33.99 ? 242 HOH A O   1 
HETATM 1449 O O   . HOH D 4 .   ? 10.538  16.265  -5.123  1.00 21.73 ? 243 HOH A O   1 
HETATM 1450 O O   . HOH D 4 .   ? -8.650  13.918  8.555   1.00 24.58 ? 244 HOH A O   1 
HETATM 1451 O O   . HOH D 4 .   ? 14.341  5.919   0.800   1.00 22.16 ? 245 HOH A O   1 
HETATM 1452 O O   . HOH D 4 .   ? -3.982  9.812   -13.505 1.00 24.22 ? 246 HOH A O   1 
HETATM 1453 O O   . HOH D 4 .   ? 3.030   10.816  16.688  1.00 30.66 ? 247 HOH A O   1 
HETATM 1454 O O   . HOH D 4 .   ? -17.686 -6.718  0.057   1.00 28.98 ? 248 HOH A O   1 
HETATM 1455 O O   . HOH D 4 .   ? 2.567   -5.689  13.902  1.00 30.74 ? 249 HOH A O   1 
HETATM 1456 O O   . HOH D 4 .   ? -11.860 11.266  7.451   1.00 34.93 ? 250 HOH A O   1 
HETATM 1457 O O   . HOH D 4 .   ? 12.820  11.136  5.556   1.00 26.72 ? 251 HOH A O   1 
HETATM 1458 O O   . HOH D 4 .   ? 15.220  1.485   -9.050  1.00 37.14 ? 252 HOH A O   1 
HETATM 1459 O O   . HOH D 4 .   ? -4.753  14.806  0.797   1.00 15.10 ? 253 HOH A O   1 
HETATM 1460 O O   . HOH D 4 .   ? 4.968   5.952   2.830   1.00 15.21 ? 254 HOH A O   1 
HETATM 1461 O O   . HOH D 4 .   ? 0.794   -12.756 9.998   1.00 31.80 ? 255 HOH A O   1 
HETATM 1462 O O   . HOH D 4 .   ? 3.477   6.864   -13.641 1.00 29.04 ? 256 HOH A O   1 
HETATM 1463 O O   . HOH D 4 .   ? 3.227   12.277  1.751   1.00 14.99 ? 257 HOH A O   1 
HETATM 1464 O O   . HOH D 4 .   ? -3.001  12.588  3.865   1.00 12.75 ? 258 HOH A O   1 
HETATM 1465 O O   . HOH D 4 .   ? -8.482  13.943  -9.076  1.00 29.45 ? 259 HOH A O   1 
HETATM 1466 O O   . HOH D 4 .   ? -10.564 -8.311  4.720   1.00 27.69 ? 260 HOH A O   1 
HETATM 1467 O O   . HOH D 4 .   ? -1.403  14.842  -9.132  1.00 34.09 ? 261 HOH A O   1 
HETATM 1468 O O   . HOH D 4 .   ? 17.009  -0.999  -2.864  1.00 23.39 ? 262 HOH A O   1 
HETATM 1469 O O   . HOH D 4 .   ? -16.981 0.608   1.662   1.00 33.44 ? 263 HOH A O   1 
HETATM 1470 O O   . HOH D 4 .   ? 0.511   1.171   -15.189 1.00 32.07 ? 264 HOH A O   1 
HETATM 1471 O O   . HOH D 4 .   ? 16.726  8.096   -6.293  1.00 32.62 ? 265 HOH A O   1 
HETATM 1472 O O   . HOH D 4 .   ? -2.819  -6.457  9.325   1.00 21.77 ? 266 HOH A O   1 
HETATM 1473 O O   . HOH D 4 .   ? -5.024  14.306  -13.092 1.00 32.46 ? 267 HOH A O   1 
HETATM 1474 O O   . HOH D 4 .   ? -15.031 -5.147  -7.710  1.00 18.69 ? 268 HOH A O   1 
HETATM 1475 O O   . HOH D 4 .   ? 12.036  -0.349  -11.481 1.00 26.38 ? 269 HOH A O   1 
HETATM 1476 O O   . HOH D 4 .   ? -10.074 10.265  -1.881  1.00 19.90 ? 270 HOH A O   1 
HETATM 1477 O O   . HOH D 4 .   ? 14.665  3.655   -11.475 1.00 35.75 ? 271 HOH A O   1 
HETATM 1478 O O   . HOH D 4 .   ? -12.293 -2.561  12.374  1.00 27.02 ? 272 HOH A O   1 
HETATM 1479 O O   . HOH D 4 .   ? 15.564  8.282   -10.781 1.00 38.02 ? 273 HOH A O   1 
HETATM 1480 O O   . HOH D 4 .   ? -7.105  2.109   17.573  1.00 45.34 ? 274 HOH A O   1 
HETATM 1481 O O   . HOH D 4 .   ? -3.524  9.788   -19.877 1.00 43.50 ? 275 HOH A O   1 
HETATM 1482 O O   . HOH D 4 .   ? 3.932   12.324  -5.832  1.00 17.38 ? 276 HOH A O   1 
HETATM 1483 O O   . HOH D 4 .   ? -1.923  12.297  -6.686  1.00 16.41 ? 277 HOH A O   1 
HETATM 1484 O O   . HOH D 4 .   ? 5.140   -13.021 8.913   1.00 25.64 ? 278 HOH A O   1 
HETATM 1485 O O   . HOH D 4 .   ? 10.400  -6.807  7.480   1.00 20.18 ? 279 HOH A O   1 
HETATM 1486 O O   . HOH D 4 .   ? -11.922 -1.334  8.997   1.00 35.19 ? 280 HOH A O   1 
HETATM 1487 O O   . HOH D 4 .   ? -2.039  6.811   -17.891 1.00 30.93 ? 281 HOH A O   1 
HETATM 1488 O O   . HOH D 4 .   ? 12.287  8.633   11.694  1.00 35.71 ? 282 HOH A O   1 
HETATM 1489 O O   . HOH D 4 .   ? 2.955   8.367   -11.773 1.00 28.62 ? 283 HOH A O   1 
HETATM 1490 O O   . HOH D 4 .   ? -13.416 -11.888 -6.355  1.00 33.31 ? 284 HOH A O   1 
HETATM 1491 O O   . HOH D 4 .   ? -10.161 -19.179 4.010   1.00 42.28 ? 285 HOH A O   1 
HETATM 1492 O O   . HOH D 4 .   ? -7.917  -4.843  -12.384 1.00 20.03 ? 286 HOH A O   1 
HETATM 1493 O O   . HOH D 4 .   ? 14.539  6.420   8.528   1.00 36.09 ? 287 HOH A O   1 
HETATM 1494 O O   . HOH D 4 .   ? 5.024   -7.435  -13.060 1.00 29.80 ? 288 HOH A O   1 
HETATM 1495 O O   . HOH D 4 .   ? 13.557  -10.742 -5.696  1.00 34.48 ? 289 HOH A O   1 
HETATM 1496 O O   . HOH D 4 .   ? 6.730   17.301  3.316   1.00 27.51 ? 290 HOH A O   1 
HETATM 1497 O O   . HOH D 4 .   ? 2.099   -22.437 -2.033  1.00 35.60 ? 291 HOH A O   1 
HETATM 1498 O O   . HOH D 4 .   ? 6.361   -4.239  15.929  1.00 37.65 ? 292 HOH A O   1 
HETATM 1499 O O   . HOH D 4 .   ? -1.827  20.712  3.225   1.00 23.87 ? 293 HOH A O   1 
HETATM 1500 O O   . HOH D 4 .   ? 1.888   -15.275 6.688   1.00 28.76 ? 294 HOH A O   1 
HETATM 1501 O O   . HOH D 4 .   ? -1.822  4.203   8.586   1.00 16.47 ? 295 HOH A O   1 
HETATM 1502 O O   . HOH D 4 .   ? 6.729   -14.945 -7.136  1.00 29.57 ? 296 HOH A O   1 
HETATM 1503 O O   . HOH D 4 .   ? 8.927   17.412  -3.147  1.00 22.55 ? 297 HOH A O   1 
HETATM 1504 O O   . HOH D 4 .   ? -9.070  7.095   -14.178 1.00 28.88 ? 298 HOH A O   1 
HETATM 1505 O O   . HOH D 4 .   ? -7.412  1.411   -16.045 1.00 29.06 ? 299 HOH A O   1 
HETATM 1506 O O   . HOH D 4 .   ? -3.136  2.900   -17.647 1.00 31.15 ? 300 HOH A O   1 
HETATM 1507 O O   . HOH D 4 .   ? -14.090 -11.722 -0.913  1.00 35.28 ? 301 HOH A O   1 
HETATM 1508 O O   . HOH D 4 .   ? 8.461   -5.052  8.291   1.00 17.53 ? 302 HOH A O   1 
HETATM 1509 O O   . HOH D 4 .   ? 21.489  -11.927 -3.327  1.00 29.85 ? 303 HOH A O   1 
HETATM 1510 O O   . HOH D 4 .   ? -13.100 13.027  -8.081  1.00 35.75 ? 304 HOH A O   1 
HETATM 1511 O O   . HOH D 4 .   ? -5.710  -16.302 -6.926  1.00 28.71 ? 305 HOH A O   1 
HETATM 1512 O O   . HOH D 4 .   ? -3.530  4.244   -10.842 1.00 18.54 ? 306 HOH A O   1 
HETATM 1513 O O   . HOH D 4 .   ? -10.908 1.509   -10.599 1.00 29.33 ? 307 HOH A O   1 
HETATM 1514 O O   . HOH D 4 .   ? 16.314  5.217   -10.227 1.00 29.33 ? 308 HOH A O   1 
HETATM 1515 O O   . HOH D 4 .   ? 8.062   4.691   -13.728 1.00 33.26 ? 309 HOH A O   1 
HETATM 1516 O O   . HOH D 4 .   ? 1.091   -24.086 -0.881  1.00 38.19 ? 310 HOH A O   1 
HETATM 1517 O O   . HOH D 4 .   ? -10.693 2.715   -12.651 1.00 30.07 ? 311 HOH A O   1 
HETATM 1518 O O   . HOH D 4 .   ? 6.706   18.868  1.307   1.00 27.47 ? 312 HOH A O   1 
HETATM 1519 O O   . HOH D 4 .   ? 2.855   10.987  -12.862 1.00 26.64 ? 313 HOH A O   1 
HETATM 1520 O O   . HOH D 4 .   ? 2.219   -7.038  11.707  1.00 31.05 ? 314 HOH A O   1 
HETATM 1521 O O   . HOH D 4 .   ? -18.788 -8.941  -3.263  1.00 23.94 ? 315 HOH A O   1 
HETATM 1522 O O   . HOH D 4 .   ? -7.568  -6.716  9.021   1.00 26.70 ? 316 HOH A O   1 
HETATM 1523 O O   . HOH D 4 .   ? -4.526  -4.867  -13.625 1.00 39.74 ? 317 HOH A O   1 
HETATM 1524 O O   . HOH D 4 .   ? 14.905  12.562  -10.705 1.00 36.58 ? 318 HOH A O   1 
HETATM 1525 O O   . HOH D 4 .   ? 5.058   -4.361  13.385  1.00 24.62 ? 319 HOH A O   1 
HETATM 1526 O O   . HOH D 4 .   ? 19.055  -0.338  -4.366  1.00 37.59 ? 320 HOH A O   1 
HETATM 1527 O O   . HOH D 4 .   ? 10.677  8.388   -10.527 1.00 36.74 ? 321 HOH A O   1 
HETATM 1528 O O   . HOH D 4 .   ? -12.672 12.812  -3.972  1.00 29.96 ? 322 HOH A O   1 
HETATM 1529 O O   . HOH D 4 .   ? 15.048  -5.507  -8.105  1.00 35.98 ? 323 HOH A O   1 
HETATM 1530 O O   . HOH D 4 .   ? 5.111   1.698   -15.561 1.00 28.14 ? 324 HOH A O   1 
HETATM 1531 O O   . HOH D 4 .   ? -6.726  -2.652  -15.426 1.00 35.79 ? 325 HOH A O   1 
HETATM 1532 O O   . HOH D 4 .   ? 2.193   12.842  14.033  1.00 32.98 ? 326 HOH A O   1 
HETATM 1533 O O   . HOH D 4 .   ? 17.661  5.876   3.808   1.00 36.48 ? 327 HOH A O   1 
HETATM 1534 O O   . HOH D 4 .   ? 2.991   19.102  -5.700  1.00 26.16 ? 328 HOH A O   1 
HETATM 1535 O O   . HOH D 4 .   ? -21.375 0.519   0.133   1.00 32.81 ? 329 HOH A O   1 
HETATM 1536 O O   . HOH D 4 .   ? 15.819  14.716  -5.860  1.00 42.02 ? 330 HOH A O   1 
HETATM 1537 O O   . HOH D 4 .   ? 18.074  3.083   0.418   1.00 27.89 ? 331 HOH A O   1 
HETATM 1538 O O   . HOH D 4 .   ? -13.226 4.508   -12.612 1.00 38.57 ? 332 HOH A O   1 
HETATM 1539 O O   . HOH D 4 .   ? -2.010  -5.291  -14.761 1.00 40.29 ? 333 HOH A O   1 
HETATM 1540 O O   . HOH D 4 .   ? 6.802   -1.241  -14.627 1.00 31.62 ? 334 HOH A O   1 
HETATM 1541 O O   . HOH D 4 .   ? -22.740 -4.493  -0.391  1.00 38.66 ? 335 HOH A O   1 
HETATM 1542 O O   . HOH D 4 .   ? -7.787  12.056  10.713  1.00 35.51 ? 336 HOH A O   1 
HETATM 1543 O O   . HOH D 4 .   ? -3.237  16.651  -8.872  1.00 34.06 ? 337 HOH A O   1 
HETATM 1544 O O   . HOH D 4 .   ? 0.070   -15.950 -12.134 1.00 41.70 ? 338 HOH A O   1 
HETATM 1545 O O   . HOH D 4 .   ? -7.587  14.824  1.108   1.00 19.26 ? 339 HOH A O   1 
HETATM 1546 O O   . HOH D 4 .   ? -12.759 12.768  5.921   1.00 36.24 ? 340 HOH A O   1 
HETATM 1547 O O   . HOH D 4 .   ? -3.881  5.905   -19.913 1.00 39.70 ? 341 HOH A O   1 
HETATM 1548 O O   . HOH D 4 .   ? 13.455  11.916  3.113   1.00 30.39 ? 342 HOH A O   1 
HETATM 1549 O O   . HOH D 4 .   ? 6.700   -16.287 -2.546  1.00 34.65 ? 343 HOH A O   1 
HETATM 1550 O O   . HOH D 4 .   ? -5.260  -5.141  9.094   1.00 23.39 ? 344 HOH A O   1 
HETATM 1551 O O   . HOH D 4 .   ? 16.016  4.081   14.097  1.00 38.54 ? 345 HOH A O   1 
HETATM 1552 O O   . HOH D 4 .   ? -2.841  10.488  -15.931 1.00 32.57 ? 346 HOH A O   1 
HETATM 1553 O O   . HOH D 4 .   ? 8.574   -5.512  10.979  1.00 23.94 ? 347 HOH A O   1 
HETATM 1554 O O   . HOH D 4 .   ? 3.445   6.851   16.609  1.00 35.47 ? 348 HOH A O   1 
HETATM 1555 O O   . HOH D 4 .   ? 11.300  -9.733  -7.133  1.00 39.77 ? 349 HOH A O   1 
HETATM 1556 O O   . HOH D 4 .   ? 17.083  10.118  -5.042  1.00 43.90 ? 350 HOH A O   1 
HETATM 1557 O O   . HOH D 4 .   ? 0.572   6.370   16.270  1.00 37.96 ? 351 HOH A O   1 
HETATM 1558 O O   . HOH D 4 .   ? 3.364   -17.218 5.985   1.00 30.19 ? 352 HOH A O   1 
HETATM 1559 O O   . HOH D 4 .   ? 0.993   -7.195  -15.845 1.00 32.42 ? 353 HOH A O   1 
HETATM 1560 O O   . HOH D 4 .   ? 15.142  -9.691  -7.986  1.00 44.26 ? 354 HOH A O   1 
HETATM 1561 O O   . HOH D 4 .   ? -3.415  5.902   7.405   1.00 23.25 ? 355 HOH A O   1 
HETATM 1562 O O   . HOH D 4 .   ? 18.275  -8.948  -4.842  1.00 38.12 ? 356 HOH A O   1 
HETATM 1563 O O   . HOH D 4 .   ? -11.783 14.521  -2.577  1.00 28.00 ? 357 HOH A O   1 
HETATM 1564 O O   . HOH D 4 .   ? 2.220   4.873   -17.384 1.00 37.81 ? 358 HOH A O   1 
HETATM 1565 O O   . HOH D 4 .   ? 17.694  -2.631  11.592  1.00 27.36 ? 359 HOH A O   1 
HETATM 1566 O O   . HOH D 4 .   ? 9.928   -12.188 -8.528  1.00 37.94 ? 360 HOH A O   1 
HETATM 1567 O O   . HOH D 4 .   ? 3.597   3.052   -13.791 1.00 26.47 ? 361 HOH A O   1 
HETATM 1568 O O   . HOH D 4 .   ? 5.465   -12.093 11.143  1.00 35.14 ? 362 HOH A O   1 
HETATM 1569 O O   . HOH D 4 .   ? -19.831 -8.268  -1.119  1.00 34.35 ? 363 HOH A O   1 
HETATM 1570 O O   . HOH D 4 .   ? 11.955  13.792  6.992   1.00 35.70 ? 364 HOH A O   1 
HETATM 1571 O O   . HOH D 4 .   ? -0.011  3.549   16.856  1.00 34.71 ? 365 HOH A O   1 
HETATM 1572 O O   . HOH D 4 .   ? 12.617  16.065  6.093   1.00 41.11 ? 366 HOH A O   1 
HETATM 1573 O O   . HOH D 4 .   ? 3.943   9.194   18.181  1.00 39.73 ? 367 HOH A O   1 
HETATM 1574 O O   . HOH D 4 .   ? 17.411  12.704  -6.656  1.00 38.03 ? 368 HOH A O   1 
HETATM 1575 O O   . HOH D 4 .   ? 16.878  5.166   -0.013  1.00 28.96 ? 369 HOH A O   1 
HETATM 1576 O O   . HOH D 4 .   ? -6.184  9.257   10.093  1.00 31.72 ? 370 HOH A O   1 
HETATM 1577 O O   . HOH D 4 .   ? 0.362   -20.004 8.727   1.00 42.00 ? 371 HOH A O   1 
HETATM 1578 O O   . HOH D 4 .   ? 2.846   -13.812 8.789   1.00 32.70 ? 372 HOH A O   1 
HETATM 1579 O O   . HOH D 4 .   ? 16.072  9.633   -0.389  1.00 32.24 ? 373 HOH A O   1 
HETATM 1580 O O   . HOH D 4 .   ? 10.682  -7.378  11.363  1.00 36.15 ? 374 HOH A O   1 
HETATM 1581 O O   . HOH D 4 .   ? 5.113   5.079   -12.732 1.00 35.02 ? 375 HOH A O   1 
HETATM 1582 O O   . HOH D 4 .   ? -2.824  18.775  -6.754  1.00 32.96 ? 376 HOH A O   1 
HETATM 1583 O O   . HOH D 4 .   ? -17.389 -12.066 -0.723  1.00 38.74 ? 377 HOH A O   1 
HETATM 1584 O O   . HOH D 4 .   ? -0.632  -25.675 8.042   1.00 42.53 ? 378 HOH A O   1 
HETATM 1585 O O   . HOH D 4 .   ? 16.338  14.037  -2.107  1.00 37.18 ? 379 HOH A O   1 
HETATM 1586 O O   . HOH D 4 .   ? 12.266  13.333  9.805   1.00 40.66 ? 380 HOH A O   1 
HETATM 1587 O O   . HOH D 4 .   ? -7.993  -17.768 -6.547  1.00 36.61 ? 381 HOH A O   1 
HETATM 1588 O O   . HOH E 4 .   ? -13.661 5.853   7.733   1.00 34.31 ? 201 HOH B O   1 
HETATM 1589 O O   . HOH E 4 .   ? -9.231  0.691   6.011   1.00 22.81 ? 202 HOH B O   1 
HETATM 1590 O O   . HOH E 4 .   ? -7.707  6.542   1.664   1.00 15.75 ? 203 HOH B O   1 
HETATM 1591 O O   . HOH E 4 .   ? -13.485 -1.864  -9.596  1.00 18.20 ? 204 HOH B O   1 
HETATM 1592 O O   . HOH E 4 .   ? -14.627 4.580   -9.806  1.00 31.80 ? 205 HOH B O   1 
HETATM 1593 O O   . HOH E 4 .   ? -18.135 3.059   -8.239  1.00 19.35 ? 206 HOH B O   1 
HETATM 1594 O O   . HOH E 4 .   ? -16.471 -3.139  -6.283  1.00 15.84 ? 207 HOH B O   1 
HETATM 1595 O O   . HOH E 4 .   ? -15.367 12.703  -4.953  1.00 36.49 ? 208 HOH B O   1 
HETATM 1596 O O   . HOH E 4 .   ? -19.058 6.768   -0.424  1.00 30.38 ? 209 HOH B O   1 
HETATM 1597 O O   . HOH E 4 .   ? -20.499 10.520  0.063   1.00 33.47 ? 210 HOH B O   1 
HETATM 1598 O O   . HOH E 4 .   ? -16.353 10.274  -5.905  1.00 34.88 ? 211 HOH B O   1 
HETATM 1599 O O   . HOH E 4 .   ? -17.997 10.023  4.264   1.00 33.34 ? 212 HOH B O   1 
HETATM 1600 O O   . HOH E 4 .   ? -8.037  7.275   9.994   1.00 35.49 ? 213 HOH B O   1 
HETATM 1601 O O   . HOH E 4 .   ? -19.101 8.464   1.890   1.00 41.77 ? 214 HOH B O   1 
HETATM 1602 O O   . HOH E 4 .   ? -15.824 10.672  8.496   1.00 32.84 ? 215 HOH B O   1 
HETATM 1603 O O   . HOH E 4 .   ? -18.763 4.723   1.360   1.00 32.53 ? 216 HOH B O   1 
# 
